data_2Q9S
# 
_entry.id   2Q9S 
# 
_audit_conform.dict_name       mmcif_pdbx.dic 
_audit_conform.dict_version    5.387 
_audit_conform.dict_location   http://mmcif.pdb.org/dictionaries/ascii/mmcif_pdbx.dic 
# 
loop_
_database_2.database_id 
_database_2.database_code 
_database_2.pdbx_database_accession 
_database_2.pdbx_DOI 
PDB   2Q9S         pdb_00002q9s 10.2210/pdb2q9s/pdb 
RCSB  RCSB043328   ?            ?                   
WWPDB D_1000043328 ?            ?                   
# 
loop_
_pdbx_audit_revision_history.ordinal 
_pdbx_audit_revision_history.data_content_type 
_pdbx_audit_revision_history.major_revision 
_pdbx_audit_revision_history.minor_revision 
_pdbx_audit_revision_history.revision_date 
1 'Structure model' 1 0 2007-11-06 
2 'Structure model' 1 1 2011-07-13 
3 'Structure model' 1 2 2017-10-18 
4 'Structure model' 1 3 2024-02-21 
# 
_pdbx_audit_revision_details.ordinal             1 
_pdbx_audit_revision_details.revision_ordinal    1 
_pdbx_audit_revision_details.data_content_type   'Structure model' 
_pdbx_audit_revision_details.provider            repository 
_pdbx_audit_revision_details.type                'Initial release' 
_pdbx_audit_revision_details.description         ? 
_pdbx_audit_revision_details.details             ? 
# 
loop_
_pdbx_audit_revision_group.ordinal 
_pdbx_audit_revision_group.revision_ordinal 
_pdbx_audit_revision_group.data_content_type 
_pdbx_audit_revision_group.group 
1 2 'Structure model' Advisory                    
2 2 'Structure model' 'Derived calculations'      
3 2 'Structure model' 'Version format compliance' 
4 3 'Structure model' 'Refinement description'    
5 4 'Structure model' 'Data collection'           
6 4 'Structure model' 'Database references'       
7 4 'Structure model' 'Derived calculations'      
# 
loop_
_pdbx_audit_revision_category.ordinal 
_pdbx_audit_revision_category.revision_ordinal 
_pdbx_audit_revision_category.data_content_type 
_pdbx_audit_revision_category.category 
1 3 'Structure model' software           
2 4 'Structure model' chem_comp_atom     
3 4 'Structure model' chem_comp_bond     
4 4 'Structure model' database_2         
5 4 'Structure model' struct_ref_seq_dif 
6 4 'Structure model' struct_site        
# 
loop_
_pdbx_audit_revision_item.ordinal 
_pdbx_audit_revision_item.revision_ordinal 
_pdbx_audit_revision_item.data_content_type 
_pdbx_audit_revision_item.item 
1  3 'Structure model' '_software.classification'            
2  3 'Structure model' '_software.contact_author'            
3  3 'Structure model' '_software.contact_author_email'      
4  3 'Structure model' '_software.date'                      
5  3 'Structure model' '_software.language'                  
6  3 'Structure model' '_software.location'                  
7  3 'Structure model' '_software.name'                      
8  3 'Structure model' '_software.type'                      
9  3 'Structure model' '_software.version'                   
10 4 'Structure model' '_database_2.pdbx_DOI'                
11 4 'Structure model' '_database_2.pdbx_database_accession' 
12 4 'Structure model' '_struct_ref_seq_dif.details'         
13 4 'Structure model' '_struct_site.pdbx_auth_asym_id'      
14 4 'Structure model' '_struct_site.pdbx_auth_comp_id'      
15 4 'Structure model' '_struct_site.pdbx_auth_seq_id'       
# 
_pdbx_database_status.entry_id                        2Q9S 
_pdbx_database_status.deposit_site                    RCSB 
_pdbx_database_status.process_site                    RCSB 
_pdbx_database_status.recvd_initial_deposition_date   2007-06-13 
_pdbx_database_status.status_code                     REL 
_pdbx_database_status.status_code_sf                  REL 
_pdbx_database_status.status_code_mr                  ? 
_pdbx_database_status.SG_entry                        ? 
_pdbx_database_status.pdb_format_compatible           Y 
_pdbx_database_status.status_code_cs                  ? 
_pdbx_database_status.methods_development_category    ? 
_pdbx_database_status.status_code_nmr_data            ? 
# 
loop_
_audit_author.name 
_audit_author.pdbx_ordinal 
'Gillilan, R.E.' 1 
'Ayers, S.D.'    2 
'Noy, N.'        3 
# 
_citation.id                        primary 
_citation.title                     'Structural Basis for Activation of Fatty Acid-binding Protein 4.' 
_citation.journal_abbrev            J.Mol.Biol. 
_citation.journal_volume            372 
_citation.page_first                1246 
_citation.page_last                 1260 
_citation.year                      2007 
_citation.journal_id_ASTM           JMOBAK 
_citation.country                   UK 
_citation.journal_id_ISSN           0022-2836 
_citation.journal_id_CSD            0070 
_citation.book_publisher            ? 
_citation.pdbx_database_id_PubMed   17761196 
_citation.pdbx_database_id_DOI      10.1016/j.jmb.2007.07.040 
# 
loop_
_citation_author.citation_id 
_citation_author.name 
_citation_author.ordinal 
_citation_author.identifier_ORCID 
primary 'Gillilan, R.E.' 1 ? 
primary 'Ayers, S.D.'    2 ? 
primary 'Noy, N.'        3 ? 
# 
loop_
_entity.id 
_entity.type 
_entity.src_method 
_entity.pdbx_description 
_entity.formula_weight 
_entity.pdbx_number_of_molecules 
_entity.pdbx_ec 
_entity.pdbx_mutation 
_entity.pdbx_fragment 
_entity.details 
1 polymer     man 'Fatty acid-binding protein' 17001.518 1  ? ? ? ? 
2 non-polymer syn 'SULFATE ION'                96.063    1  ? ? ? ? 
3 non-polymer syn 'LINOLEIC ACID'              280.445   1  ? ? ? ? 
4 water       nat water                        18.015    48 ? ? ? ? 
# 
_entity_name_com.entity_id   1 
_entity_name_com.name        
;AFABP, Adipocyte lipid-binding protein, ALBP, A-FABP, P2 adipocyte protein, Myelin P2 protein homolog, 3T3-L1 lipid-binding protein, 422 protein, P15, FABP4
;
# 
_entity_poly.entity_id                      1 
_entity_poly.type                           'polypeptide(L)' 
_entity_poly.nstd_linkage                   no 
_entity_poly.nstd_monomer                   no 
_entity_poly.pdbx_seq_one_letter_code       
;GSHMASMTGGNNMGRGSSSKVYKMCDAFVGTWKLVSSENFDDYMKEVGVGFATRKVAGMAKPNMIISVNGDLVTIRSEST
FKNTEISFKLGVEFDEITADDRKVKSIITLDGGALVQVQKWDGKSTTIKRKRDGDKLVVECVMKGVTSTRVYERA
;
_entity_poly.pdbx_seq_one_letter_code_can   
;GSHMASMTGGNNMGRGSSSKVYKMCDAFVGTWKLVSSENFDDYMKEVGVGFATRKVAGMAKPNMIISVNGDLVTIRSEST
FKNTEISFKLGVEFDEITADDRKVKSIITLDGGALVQVQKWDGKSTTIKRKRDGDKLVVECVMKGVTSTRVYERA
;
_entity_poly.pdbx_strand_id                 A 
_entity_poly.pdbx_target_identifier         ? 
# 
loop_
_pdbx_entity_nonpoly.entity_id 
_pdbx_entity_nonpoly.name 
_pdbx_entity_nonpoly.comp_id 
2 'SULFATE ION'   SO4 
3 'LINOLEIC ACID' EIC 
4 water           HOH 
# 
loop_
_entity_poly_seq.entity_id 
_entity_poly_seq.num 
_entity_poly_seq.mon_id 
_entity_poly_seq.hetero 
1 1   GLY n 
1 2   SER n 
1 3   HIS n 
1 4   MET n 
1 5   ALA n 
1 6   SER n 
1 7   MET n 
1 8   THR n 
1 9   GLY n 
1 10  GLY n 
1 11  ASN n 
1 12  ASN n 
1 13  MET n 
1 14  GLY n 
1 15  ARG n 
1 16  GLY n 
1 17  SER n 
1 18  SER n 
1 19  SER n 
1 20  LYS n 
1 21  VAL n 
1 22  TYR n 
1 23  LYS n 
1 24  MET n 
1 25  CYS n 
1 26  ASP n 
1 27  ALA n 
1 28  PHE n 
1 29  VAL n 
1 30  GLY n 
1 31  THR n 
1 32  TRP n 
1 33  LYS n 
1 34  LEU n 
1 35  VAL n 
1 36  SER n 
1 37  SER n 
1 38  GLU n 
1 39  ASN n 
1 40  PHE n 
1 41  ASP n 
1 42  ASP n 
1 43  TYR n 
1 44  MET n 
1 45  LYS n 
1 46  GLU n 
1 47  VAL n 
1 48  GLY n 
1 49  VAL n 
1 50  GLY n 
1 51  PHE n 
1 52  ALA n 
1 53  THR n 
1 54  ARG n 
1 55  LYS n 
1 56  VAL n 
1 57  ALA n 
1 58  GLY n 
1 59  MET n 
1 60  ALA n 
1 61  LYS n 
1 62  PRO n 
1 63  ASN n 
1 64  MET n 
1 65  ILE n 
1 66  ILE n 
1 67  SER n 
1 68  VAL n 
1 69  ASN n 
1 70  GLY n 
1 71  ASP n 
1 72  LEU n 
1 73  VAL n 
1 74  THR n 
1 75  ILE n 
1 76  ARG n 
1 77  SER n 
1 78  GLU n 
1 79  SER n 
1 80  THR n 
1 81  PHE n 
1 82  LYS n 
1 83  ASN n 
1 84  THR n 
1 85  GLU n 
1 86  ILE n 
1 87  SER n 
1 88  PHE n 
1 89  LYS n 
1 90  LEU n 
1 91  GLY n 
1 92  VAL n 
1 93  GLU n 
1 94  PHE n 
1 95  ASP n 
1 96  GLU n 
1 97  ILE n 
1 98  THR n 
1 99  ALA n 
1 100 ASP n 
1 101 ASP n 
1 102 ARG n 
1 103 LYS n 
1 104 VAL n 
1 105 LYS n 
1 106 SER n 
1 107 ILE n 
1 108 ILE n 
1 109 THR n 
1 110 LEU n 
1 111 ASP n 
1 112 GLY n 
1 113 GLY n 
1 114 ALA n 
1 115 LEU n 
1 116 VAL n 
1 117 GLN n 
1 118 VAL n 
1 119 GLN n 
1 120 LYS n 
1 121 TRP n 
1 122 ASP n 
1 123 GLY n 
1 124 LYS n 
1 125 SER n 
1 126 THR n 
1 127 THR n 
1 128 ILE n 
1 129 LYS n 
1 130 ARG n 
1 131 LYS n 
1 132 ARG n 
1 133 ASP n 
1 134 GLY n 
1 135 ASP n 
1 136 LYS n 
1 137 LEU n 
1 138 VAL n 
1 139 VAL n 
1 140 GLU n 
1 141 CYS n 
1 142 VAL n 
1 143 MET n 
1 144 LYS n 
1 145 GLY n 
1 146 VAL n 
1 147 THR n 
1 148 SER n 
1 149 THR n 
1 150 ARG n 
1 151 VAL n 
1 152 TYR n 
1 153 GLU n 
1 154 ARG n 
1 155 ALA n 
# 
_entity_src_gen.entity_id                          1 
_entity_src_gen.pdbx_src_id                        1 
_entity_src_gen.pdbx_alt_source_flag               sample 
_entity_src_gen.pdbx_seq_type                      ? 
_entity_src_gen.pdbx_beg_seq_num                   ? 
_entity_src_gen.pdbx_end_seq_num                   ? 
_entity_src_gen.gene_src_common_name               'house mouse' 
_entity_src_gen.gene_src_genus                     Mus 
_entity_src_gen.pdbx_gene_src_gene                 Fabp4 
_entity_src_gen.gene_src_species                   ? 
_entity_src_gen.gene_src_strain                    ? 
_entity_src_gen.gene_src_tissue                    ? 
_entity_src_gen.gene_src_tissue_fraction           ? 
_entity_src_gen.gene_src_details                   ? 
_entity_src_gen.pdbx_gene_src_fragment             ? 
_entity_src_gen.pdbx_gene_src_scientific_name      'Mus musculus' 
_entity_src_gen.pdbx_gene_src_ncbi_taxonomy_id     10090 
_entity_src_gen.pdbx_gene_src_variant              ? 
_entity_src_gen.pdbx_gene_src_cell_line            ? 
_entity_src_gen.pdbx_gene_src_atcc                 ? 
_entity_src_gen.pdbx_gene_src_organ                ? 
_entity_src_gen.pdbx_gene_src_organelle            ? 
_entity_src_gen.pdbx_gene_src_cell                 ? 
_entity_src_gen.pdbx_gene_src_cellular_location    ? 
_entity_src_gen.host_org_common_name               ? 
_entity_src_gen.pdbx_host_org_scientific_name      'Escherichia coli BL21' 
_entity_src_gen.pdbx_host_org_ncbi_taxonomy_id     511693 
_entity_src_gen.host_org_genus                     Escherichia 
_entity_src_gen.pdbx_host_org_gene                 ? 
_entity_src_gen.pdbx_host_org_organ                ? 
_entity_src_gen.host_org_species                   'Escherichia coli' 
_entity_src_gen.pdbx_host_org_tissue               ? 
_entity_src_gen.pdbx_host_org_tissue_fraction      ? 
_entity_src_gen.pdbx_host_org_strain               BL21 
_entity_src_gen.pdbx_host_org_variant              ? 
_entity_src_gen.pdbx_host_org_cell_line            ? 
_entity_src_gen.pdbx_host_org_atcc                 ? 
_entity_src_gen.pdbx_host_org_culture_collection   ? 
_entity_src_gen.pdbx_host_org_cell                 ? 
_entity_src_gen.pdbx_host_org_organelle            ? 
_entity_src_gen.pdbx_host_org_cellular_location    ? 
_entity_src_gen.pdbx_host_org_vector_type          PLASMID 
_entity_src_gen.pdbx_host_org_vector               ? 
_entity_src_gen.host_org_details                   ? 
_entity_src_gen.expression_system_id               ? 
_entity_src_gen.plasmid_name                       pET28a 
_entity_src_gen.plasmid_details                    ? 
_entity_src_gen.pdbx_description                   ? 
# 
loop_
_chem_comp.id 
_chem_comp.type 
_chem_comp.mon_nstd_flag 
_chem_comp.name 
_chem_comp.pdbx_synonyms 
_chem_comp.formula 
_chem_comp.formula_weight 
ALA 'L-peptide linking' y ALANINE         ?                    'C3 H7 N O2'     89.093  
ARG 'L-peptide linking' y ARGININE        ?                    'C6 H15 N4 O2 1' 175.209 
ASN 'L-peptide linking' y ASPARAGINE      ?                    'C4 H8 N2 O3'    132.118 
ASP 'L-peptide linking' y 'ASPARTIC ACID' ?                    'C4 H7 N O4'     133.103 
CYS 'L-peptide linking' y CYSTEINE        ?                    'C3 H7 N O2 S'   121.158 
EIC non-polymer         . 'LINOLEIC ACID' '9,12-LINOLEIC ACID' 'C18 H32 O2'     280.445 
GLN 'L-peptide linking' y GLUTAMINE       ?                    'C5 H10 N2 O3'   146.144 
GLU 'L-peptide linking' y 'GLUTAMIC ACID' ?                    'C5 H9 N O4'     147.129 
GLY 'peptide linking'   y GLYCINE         ?                    'C2 H5 N O2'     75.067  
HIS 'L-peptide linking' y HISTIDINE       ?                    'C6 H10 N3 O2 1' 156.162 
HOH non-polymer         . WATER           ?                    'H2 O'           18.015  
ILE 'L-peptide linking' y ISOLEUCINE      ?                    'C6 H13 N O2'    131.173 
LEU 'L-peptide linking' y LEUCINE         ?                    'C6 H13 N O2'    131.173 
LYS 'L-peptide linking' y LYSINE          ?                    'C6 H15 N2 O2 1' 147.195 
MET 'L-peptide linking' y METHIONINE      ?                    'C5 H11 N O2 S'  149.211 
PHE 'L-peptide linking' y PHENYLALANINE   ?                    'C9 H11 N O2'    165.189 
PRO 'L-peptide linking' y PROLINE         ?                    'C5 H9 N O2'     115.130 
SER 'L-peptide linking' y SERINE          ?                    'C3 H7 N O3'     105.093 
SO4 non-polymer         . 'SULFATE ION'   ?                    'O4 S -2'        96.063  
THR 'L-peptide linking' y THREONINE       ?                    'C4 H9 N O3'     119.119 
TRP 'L-peptide linking' y TRYPTOPHAN      ?                    'C11 H12 N2 O2'  204.225 
TYR 'L-peptide linking' y TYROSINE        ?                    'C9 H11 N O3'    181.189 
VAL 'L-peptide linking' y VALINE          ?                    'C5 H11 N O2'    117.146 
# 
loop_
_pdbx_poly_seq_scheme.asym_id 
_pdbx_poly_seq_scheme.entity_id 
_pdbx_poly_seq_scheme.seq_id 
_pdbx_poly_seq_scheme.mon_id 
_pdbx_poly_seq_scheme.ndb_seq_num 
_pdbx_poly_seq_scheme.pdb_seq_num 
_pdbx_poly_seq_scheme.auth_seq_num 
_pdbx_poly_seq_scheme.pdb_mon_id 
_pdbx_poly_seq_scheme.auth_mon_id 
_pdbx_poly_seq_scheme.pdb_strand_id 
_pdbx_poly_seq_scheme.pdb_ins_code 
_pdbx_poly_seq_scheme.hetero 
A 1 1   GLY 1   -23 ?   ?   ?   A . n 
A 1 2   SER 2   -22 ?   ?   ?   A . n 
A 1 3   HIS 3   -21 ?   ?   ?   A . n 
A 1 4   MET 4   -20 ?   ?   ?   A . n 
A 1 5   ALA 5   -19 ?   ?   ?   A . n 
A 1 6   SER 6   -18 ?   ?   ?   A . n 
A 1 7   MET 7   -17 ?   ?   ?   A . n 
A 1 8   THR 8   -16 ?   ?   ?   A . n 
A 1 9   GLY 9   -15 ?   ?   ?   A . n 
A 1 10  GLY 10  -14 ?   ?   ?   A . n 
A 1 11  ASN 11  -13 ?   ?   ?   A . n 
A 1 12  ASN 12  -12 ?   ?   ?   A . n 
A 1 13  MET 13  -11 ?   ?   ?   A . n 
A 1 14  GLY 14  -10 ?   ?   ?   A . n 
A 1 15  ARG 15  -9  ?   ?   ?   A . n 
A 1 16  GLY 16  -8  ?   ?   ?   A . n 
A 1 17  SER 17  -7  ?   ?   ?   A . n 
A 1 18  SER 18  -6  ?   ?   ?   A . n 
A 1 19  SER 19  -5  ?   ?   ?   A . n 
A 1 20  LYS 20  -4  ?   ?   ?   A . n 
A 1 21  VAL 21  -3  ?   ?   ?   A . n 
A 1 22  TYR 22  -2  ?   ?   ?   A . n 
A 1 23  LYS 23  -1  ?   ?   ?   A . n 
A 1 24  MET 24  0   ?   ?   ?   A . n 
A 1 25  CYS 25  1   1   CYS CYS A . n 
A 1 26  ASP 26  2   2   ASP ASP A . n 
A 1 27  ALA 27  3   3   ALA ALA A . n 
A 1 28  PHE 28  4   4   PHE PHE A . n 
A 1 29  VAL 29  5   5   VAL VAL A . n 
A 1 30  GLY 30  6   6   GLY GLY A . n 
A 1 31  THR 31  7   7   THR THR A . n 
A 1 32  TRP 32  8   8   TRP TRP A . n 
A 1 33  LYS 33  9   9   LYS LYS A . n 
A 1 34  LEU 34  10  10  LEU LEU A . n 
A 1 35  VAL 35  11  11  VAL VAL A . n 
A 1 36  SER 36  12  12  SER SER A . n 
A 1 37  SER 37  13  13  SER SER A . n 
A 1 38  GLU 38  14  14  GLU GLU A . n 
A 1 39  ASN 39  15  15  ASN ASN A . n 
A 1 40  PHE 40  16  16  PHE PHE A . n 
A 1 41  ASP 41  17  17  ASP ASP A . n 
A 1 42  ASP 42  18  18  ASP ASP A . n 
A 1 43  TYR 43  19  19  TYR TYR A . n 
A 1 44  MET 44  20  20  MET MET A . n 
A 1 45  LYS 45  21  21  LYS LYS A . n 
A 1 46  GLU 46  22  22  GLU GLU A . n 
A 1 47  VAL 47  23  23  VAL VAL A . n 
A 1 48  GLY 48  24  24  GLY GLY A . n 
A 1 49  VAL 49  25  25  VAL VAL A . n 
A 1 50  GLY 50  26  26  GLY GLY A . n 
A 1 51  PHE 51  27  27  PHE PHE A . n 
A 1 52  ALA 52  28  28  ALA ALA A . n 
A 1 53  THR 53  29  29  THR THR A . n 
A 1 54  ARG 54  30  30  ARG ARG A . n 
A 1 55  LYS 55  31  31  LYS LYS A . n 
A 1 56  VAL 56  32  32  VAL VAL A . n 
A 1 57  ALA 57  33  33  ALA ALA A . n 
A 1 58  GLY 58  34  34  GLY GLY A . n 
A 1 59  MET 59  35  35  MET MET A . n 
A 1 60  ALA 60  36  36  ALA ALA A . n 
A 1 61  LYS 61  37  37  LYS LYS A . n 
A 1 62  PRO 62  38  38  PRO PRO A . n 
A 1 63  ASN 63  39  39  ASN ASN A . n 
A 1 64  MET 64  40  40  MET MET A . n 
A 1 65  ILE 65  41  41  ILE ILE A . n 
A 1 66  ILE 66  42  42  ILE ILE A . n 
A 1 67  SER 67  43  43  SER SER A . n 
A 1 68  VAL 68  44  44  VAL VAL A . n 
A 1 69  ASN 69  45  45  ASN ASN A . n 
A 1 70  GLY 70  46  46  GLY GLY A . n 
A 1 71  ASP 71  47  47  ASP ASP A . n 
A 1 72  LEU 72  48  48  LEU LEU A . n 
A 1 73  VAL 73  49  49  VAL VAL A . n 
A 1 74  THR 74  50  50  THR THR A . n 
A 1 75  ILE 75  51  51  ILE ILE A . n 
A 1 76  ARG 76  52  52  ARG ARG A . n 
A 1 77  SER 77  53  53  SER SER A . n 
A 1 78  GLU 78  54  54  GLU GLU A . n 
A 1 79  SER 79  55  55  SER SER A . n 
A 1 80  THR 80  56  56  THR THR A . n 
A 1 81  PHE 81  57  57  PHE PHE A . n 
A 1 82  LYS 82  58  58  LYS LYS A . n 
A 1 83  ASN 83  59  59  ASN ASN A . n 
A 1 84  THR 84  60  60  THR THR A . n 
A 1 85  GLU 85  61  61  GLU GLU A . n 
A 1 86  ILE 86  62  62  ILE ILE A . n 
A 1 87  SER 87  63  63  SER SER A . n 
A 1 88  PHE 88  64  64  PHE PHE A . n 
A 1 89  LYS 89  65  65  LYS LYS A . n 
A 1 90  LEU 90  66  66  LEU LEU A . n 
A 1 91  GLY 91  67  67  GLY GLY A . n 
A 1 92  VAL 92  68  68  VAL VAL A . n 
A 1 93  GLU 93  69  69  GLU GLU A . n 
A 1 94  PHE 94  70  70  PHE PHE A . n 
A 1 95  ASP 95  71  71  ASP ASP A . n 
A 1 96  GLU 96  72  72  GLU GLU A . n 
A 1 97  ILE 97  73  73  ILE ILE A . n 
A 1 98  THR 98  74  74  THR THR A . n 
A 1 99  ALA 99  75  75  ALA ALA A . n 
A 1 100 ASP 100 76  76  ASP ASP A . n 
A 1 101 ASP 101 77  77  ASP ASP A . n 
A 1 102 ARG 102 78  78  ARG ARG A . n 
A 1 103 LYS 103 79  79  LYS LYS A . n 
A 1 104 VAL 104 80  80  VAL VAL A . n 
A 1 105 LYS 105 81  81  LYS LYS A . n 
A 1 106 SER 106 82  82  SER SER A . n 
A 1 107 ILE 107 83  83  ILE ILE A . n 
A 1 108 ILE 108 84  84  ILE ILE A . n 
A 1 109 THR 109 85  85  THR THR A . n 
A 1 110 LEU 110 86  86  LEU LEU A . n 
A 1 111 ASP 111 87  87  ASP ASP A . n 
A 1 112 GLY 112 88  88  GLY GLY A . n 
A 1 113 GLY 113 89  89  GLY GLY A . n 
A 1 114 ALA 114 90  90  ALA ALA A . n 
A 1 115 LEU 115 91  91  LEU LEU A . n 
A 1 116 VAL 116 92  92  VAL VAL A . n 
A 1 117 GLN 117 93  93  GLN GLN A . n 
A 1 118 VAL 118 94  94  VAL VAL A . n 
A 1 119 GLN 119 95  95  GLN GLN A . n 
A 1 120 LYS 120 96  96  LYS LYS A . n 
A 1 121 TRP 121 97  97  TRP TRP A . n 
A 1 122 ASP 122 98  98  ASP ASP A . n 
A 1 123 GLY 123 99  99  GLY GLY A . n 
A 1 124 LYS 124 100 100 LYS LYS A . n 
A 1 125 SER 125 101 101 SER SER A . n 
A 1 126 THR 126 102 102 THR THR A . n 
A 1 127 THR 127 103 103 THR THR A . n 
A 1 128 ILE 128 104 104 ILE ILE A . n 
A 1 129 LYS 129 105 105 LYS LYS A . n 
A 1 130 ARG 130 106 106 ARG ARG A . n 
A 1 131 LYS 131 107 107 LYS LYS A . n 
A 1 132 ARG 132 108 108 ARG ARG A . n 
A 1 133 ASP 133 109 109 ASP ASP A . n 
A 1 134 GLY 134 110 110 GLY GLY A . n 
A 1 135 ASP 135 111 111 ASP ASP A . n 
A 1 136 LYS 136 112 112 LYS LYS A . n 
A 1 137 LEU 137 113 113 LEU LEU A . n 
A 1 138 VAL 138 114 114 VAL VAL A . n 
A 1 139 VAL 139 115 115 VAL VAL A . n 
A 1 140 GLU 140 116 116 GLU GLU A . n 
A 1 141 CYS 141 117 117 CYS CYS A . n 
A 1 142 VAL 142 118 118 VAL VAL A . n 
A 1 143 MET 143 119 119 MET MET A . n 
A 1 144 LYS 144 120 120 LYS LYS A . n 
A 1 145 GLY 145 121 121 GLY GLY A . n 
A 1 146 VAL 146 122 122 VAL VAL A . n 
A 1 147 THR 147 123 123 THR THR A . n 
A 1 148 SER 148 124 124 SER SER A . n 
A 1 149 THR 149 125 125 THR THR A . n 
A 1 150 ARG 150 126 126 ARG ARG A . n 
A 1 151 VAL 151 127 127 VAL VAL A . n 
A 1 152 TYR 152 128 128 TYR TYR A . n 
A 1 153 GLU 153 129 129 GLU GLU A . n 
A 1 154 ARG 154 130 130 ARG ARG A . n 
A 1 155 ALA 155 131 131 ALA ALA A . n 
# 
loop_
_pdbx_nonpoly_scheme.asym_id 
_pdbx_nonpoly_scheme.entity_id 
_pdbx_nonpoly_scheme.mon_id 
_pdbx_nonpoly_scheme.ndb_seq_num 
_pdbx_nonpoly_scheme.pdb_seq_num 
_pdbx_nonpoly_scheme.auth_seq_num 
_pdbx_nonpoly_scheme.pdb_mon_id 
_pdbx_nonpoly_scheme.auth_mon_id 
_pdbx_nonpoly_scheme.pdb_strand_id 
_pdbx_nonpoly_scheme.pdb_ins_code 
B 2 SO4 1  501 501 SO4 SO4 A . 
C 3 EIC 1  601 601 EIC EIC A . 
D 4 HOH 1  602 1   HOH HOH A . 
D 4 HOH 2  603 2   HOH HOH A . 
D 4 HOH 3  604 3   HOH HOH A . 
D 4 HOH 4  605 4   HOH HOH A . 
D 4 HOH 5  606 5   HOH HOH A . 
D 4 HOH 6  607 6   HOH HOH A . 
D 4 HOH 7  608 7   HOH HOH A . 
D 4 HOH 8  609 8   HOH HOH A . 
D 4 HOH 9  610 9   HOH HOH A . 
D 4 HOH 10 611 10  HOH HOH A . 
D 4 HOH 11 612 11  HOH HOH A . 
D 4 HOH 12 613 12  HOH HOH A . 
D 4 HOH 13 614 13  HOH HOH A . 
D 4 HOH 14 615 14  HOH HOH A . 
D 4 HOH 15 616 15  HOH HOH A . 
D 4 HOH 16 617 16  HOH HOH A . 
D 4 HOH 17 618 17  HOH HOH A . 
D 4 HOH 18 619 18  HOH HOH A . 
D 4 HOH 19 620 19  HOH HOH A . 
D 4 HOH 20 621 20  HOH HOH A . 
D 4 HOH 21 622 21  HOH HOH A . 
D 4 HOH 22 623 22  HOH HOH A . 
D 4 HOH 23 624 23  HOH HOH A . 
D 4 HOH 24 625 24  HOH HOH A . 
D 4 HOH 25 626 25  HOH HOH A . 
D 4 HOH 26 627 26  HOH HOH A . 
D 4 HOH 27 628 27  HOH HOH A . 
D 4 HOH 28 629 28  HOH HOH A . 
D 4 HOH 29 630 29  HOH HOH A . 
D 4 HOH 30 631 30  HOH HOH A . 
D 4 HOH 31 632 31  HOH HOH A . 
D 4 HOH 32 633 32  HOH HOH A . 
D 4 HOH 33 634 33  HOH HOH A . 
D 4 HOH 34 635 34  HOH HOH A . 
D 4 HOH 35 636 35  HOH HOH A . 
D 4 HOH 36 637 36  HOH HOH A . 
D 4 HOH 37 638 37  HOH HOH A . 
D 4 HOH 38 639 38  HOH HOH A . 
D 4 HOH 39 640 39  HOH HOH A . 
D 4 HOH 40 641 40  HOH HOH A . 
D 4 HOH 41 642 41  HOH HOH A . 
D 4 HOH 42 643 42  HOH HOH A . 
D 4 HOH 43 644 43  HOH HOH A . 
D 4 HOH 44 645 44  HOH HOH A . 
D 4 HOH 45 646 45  HOH HOH A . 
D 4 HOH 46 647 46  HOH HOH A . 
D 4 HOH 47 648 47  HOH HOH A . 
D 4 HOH 48 649 48  HOH HOH A . 
# 
loop_
_pdbx_unobs_or_zero_occ_atoms.id 
_pdbx_unobs_or_zero_occ_atoms.PDB_model_num 
_pdbx_unobs_or_zero_occ_atoms.polymer_flag 
_pdbx_unobs_or_zero_occ_atoms.occupancy_flag 
_pdbx_unobs_or_zero_occ_atoms.auth_asym_id 
_pdbx_unobs_or_zero_occ_atoms.auth_comp_id 
_pdbx_unobs_or_zero_occ_atoms.auth_seq_id 
_pdbx_unobs_or_zero_occ_atoms.PDB_ins_code 
_pdbx_unobs_or_zero_occ_atoms.auth_atom_id 
_pdbx_unobs_or_zero_occ_atoms.label_alt_id 
_pdbx_unobs_or_zero_occ_atoms.label_asym_id 
_pdbx_unobs_or_zero_occ_atoms.label_comp_id 
_pdbx_unobs_or_zero_occ_atoms.label_seq_id 
_pdbx_unobs_or_zero_occ_atoms.label_atom_id 
1 1 Y 1 A LYS 21 ? CB ? A LYS 45 CB 
2 1 Y 1 A LYS 21 ? CG ? A LYS 45 CG 
3 1 Y 1 A LYS 21 ? CD ? A LYS 45 CD 
4 1 Y 1 A LYS 21 ? CE ? A LYS 45 CE 
5 1 Y 1 A LYS 21 ? NZ ? A LYS 45 NZ 
# 
loop_
_software.name 
_software.version 
_software.date 
_software.type 
_software.contact_author 
_software.contact_author_email 
_software.classification 
_software.location 
_software.language 
_software.citation_id 
_software.pdbx_ordinal 
DENZO       .       ?                package 'Zbyszek Otwinowski' zbyszek@mix.swmed.edu    'data reduction'  
http://www.lnls.br/infra/linhasluz/denzo-hkl.htm ?          ? 1 
SCALEPACK   .       ?                package 'Zbyszek Otwinowski' zbyszek@mix.swmed.edu    'data scaling'    
http://www.lnls.br/infra/linhasluz/denzo-hkl.htm ?          ? 2 
REFMAC      5.1.24  ?                program 'Murshudov, G.N.'    ccp4@dl.ac.uk            refinement        
http://www.ccp4.ac.uk/main.html                  Fortran_77 ? 3 
PDB_EXTRACT 2.000   'April. 3, 2006' package PDB                  sw-help@rcsb.rutgers.edu 'data extraction' 
http://pdb.rutgers.edu/software/                 C++        ? 4 
ADSC        Quantum ?                ?       ?                    ?                        'data collection' ? ?          ? 5 
HKL-2000    .       ?                ?       ?                    ?                        'data reduction'  ? ?          ? 6 
PHASER      .       ?                ?       ?                    ?                        phasing           ? ?          ? 7 
# 
_cell.length_a           77.560 
_cell.length_b           96.267 
_cell.length_c           49.893 
_cell.angle_alpha        90.000 
_cell.angle_beta         90.000 
_cell.angle_gamma        90.000 
_cell.entry_id           2Q9S 
_cell.pdbx_unique_axis   ? 
_cell.Z_PDB              8 
_cell.length_a_esd       ? 
_cell.length_b_esd       ? 
_cell.length_c_esd       ? 
_cell.angle_alpha_esd    ? 
_cell.angle_beta_esd     ? 
_cell.angle_gamma_esd    ? 
# 
_symmetry.space_group_name_H-M             'C 2 2 21' 
_symmetry.entry_id                         2Q9S 
_symmetry.Int_Tables_number                20 
_symmetry.pdbx_full_space_group_name_H-M   ? 
_symmetry.cell_setting                     ? 
_symmetry.space_group_name_Hall            ? 
# 
_exptl.crystals_number   1 
_exptl.entry_id          2Q9S 
_exptl.method            'X-RAY DIFFRACTION' 
# 
_exptl_crystal.id                    1 
_exptl_crystal.density_Matthews      2.74 
_exptl_crystal.density_meas          ? 
_exptl_crystal.density_percent_sol   55.09 
_exptl_crystal.description           ? 
_exptl_crystal.F_000                 ? 
_exptl_crystal.preparation           ? 
# 
_exptl_crystal_grow.crystal_id      1 
_exptl_crystal_grow.method          'VAPOR DIFFUSION, HANGING DROP' 
_exptl_crystal_grow.pH              6.5 
_exptl_crystal_grow.temp            293 
_exptl_crystal_grow.temp_details    ? 
_exptl_crystal_grow.pdbx_details    
'0.1 M Sodium Cacodylate, 0.1 M Ammonium Sulfate, 35% PEG 8000, pH 6.5, VAPOR DIFFUSION, HANGING DROP, temperature 293K' 
_exptl_crystal_grow.pdbx_pH_range   . 
# 
_diffrn.id                     1 
_diffrn.ambient_temp           100 
_diffrn.ambient_temp_details   ? 
_diffrn.crystal_id             1 
# 
_diffrn_detector.diffrn_id              1 
_diffrn_detector.detector               CCD 
_diffrn_detector.type                   'ADSC QUANTUM 4' 
_diffrn_detector.pdbx_collection_date   2006-04-30 
_diffrn_detector.details                mirrors 
# 
_diffrn_radiation.diffrn_id                        1 
_diffrn_radiation.wavelength_id                    1 
_diffrn_radiation.pdbx_diffrn_protocol             'SINGLE WAVELENGTH' 
_diffrn_radiation.monochromator                    ? 
_diffrn_radiation.pdbx_monochromatic_or_laue_m_l   M 
_diffrn_radiation.pdbx_scattering_type             x-ray 
# 
_diffrn_radiation_wavelength.id           1 
_diffrn_radiation_wavelength.wavelength   0.91760 
_diffrn_radiation_wavelength.wt           1.0 
# 
_diffrn_source.diffrn_id                   1 
_diffrn_source.source                      SYNCHROTRON 
_diffrn_source.type                        'CHESS BEAMLINE F1' 
_diffrn_source.pdbx_wavelength             ? 
_diffrn_source.pdbx_wavelength_list        0.91760 
_diffrn_source.pdbx_synchrotron_site       CHESS 
_diffrn_source.pdbx_synchrotron_beamline   F1 
# 
_reflns.entry_id                     2Q9S 
_reflns.d_resolution_high            2.300 
_reflns.d_resolution_low             50.000 
_reflns.number_obs                   8446 
_reflns.pdbx_Rmerge_I_obs            0.082 
_reflns.pdbx_netI_over_sigmaI        24.700 
_reflns.pdbx_chi_squared             1.166 
_reflns.pdbx_redundancy              9.400 
_reflns.percent_possible_obs         98.700 
_reflns.observed_criterion_sigma_F   ? 
_reflns.observed_criterion_sigma_I   ? 
_reflns.number_all                   ? 
_reflns.pdbx_Rsym_value              ? 
_reflns.B_iso_Wilson_estimate        ? 
_reflns.R_free_details               ? 
_reflns.limit_h_max                  ? 
_reflns.limit_h_min                  ? 
_reflns.limit_k_max                  ? 
_reflns.limit_k_min                  ? 
_reflns.limit_l_max                  ? 
_reflns.limit_l_min                  ? 
_reflns.observed_criterion_F_max     ? 
_reflns.observed_criterion_F_min     ? 
_reflns.pdbx_scaling_rejects         ? 
_reflns.pdbx_ordinal                 1 
_reflns.pdbx_diffrn_id               1 
# 
_reflns_shell.d_res_high             2.30 
_reflns_shell.d_res_low              2.38 
_reflns_shell.number_measured_obs    ? 
_reflns_shell.number_measured_all    ? 
_reflns_shell.number_unique_obs      ? 
_reflns_shell.Rmerge_I_obs           0.176 
_reflns_shell.meanI_over_sigI_obs    ? 
_reflns_shell.pdbx_Rsym_value        ? 
_reflns_shell.pdbx_chi_squared       1.158 
_reflns_shell.pdbx_redundancy        9.60 
_reflns_shell.percent_possible_obs   ? 
_reflns_shell.number_unique_all      834 
_reflns_shell.percent_possible_all   99.30 
_reflns_shell.pdbx_ordinal           1 
_reflns_shell.pdbx_diffrn_id         1 
# 
_refine.entry_id                                 2Q9S 
_refine.ls_d_res_high                            2.300 
_refine.ls_d_res_low                             12.000 
_refine.pdbx_ls_sigma_F                          0.00 
_refine.ls_percent_reflns_obs                    98.720 
_refine.ls_number_reflns_obs                     8434 
_refine.pdbx_ls_cross_valid_method               THROUGHOUT 
_refine.pdbx_R_Free_selection_details            RANDOM 
_refine.details                                  'HYDROGENS HAVE BEEN ADDED IN THE RIDING POSITIONS' 
_refine.ls_R_factor_obs                          0.228 
_refine.ls_R_factor_R_work                       0.226 
_refine.ls_R_factor_R_free                       0.264 
_refine.ls_percent_reflns_R_free                 4.800 
_refine.ls_number_reflns_R_free                  402 
_refine.B_iso_mean                               25.784 
_refine.aniso_B[1][1]                            -0.440 
_refine.aniso_B[2][2]                            -0.020 
_refine.aniso_B[3][3]                            0.460 
_refine.aniso_B[1][2]                            0.000 
_refine.aniso_B[1][3]                            0.000 
_refine.aniso_B[2][3]                            0.000 
_refine.correlation_coeff_Fo_to_Fc               0.937 
_refine.correlation_coeff_Fo_to_Fc_free          0.906 
_refine.pdbx_overall_ESU_R                       0.287 
_refine.pdbx_overall_ESU_R_Free                  0.228 
_refine.overall_SU_ML                            0.165 
_refine.overall_SU_B                             6.819 
_refine.solvent_model_details                    'BABINET MODEL WITH MASK' 
_refine.pdbx_solvent_vdw_probe_radii             1.400 
_refine.pdbx_solvent_ion_probe_radii             0.800 
_refine.pdbx_solvent_shrinkage_radii             0.800 
_refine.pdbx_stereochemistry_target_values       'MAXIMUM LIKELIHOOD' 
_refine.pdbx_ls_sigma_I                          ? 
_refine.ls_number_reflns_all                     ? 
_refine.ls_R_factor_all                          ? 
_refine.ls_redundancy_reflns_obs                 ? 
_refine.pdbx_data_cutoff_high_absF               ? 
_refine.pdbx_data_cutoff_low_absF                ? 
_refine.ls_number_parameters                     ? 
_refine.ls_number_restraints                     ? 
_refine.ls_R_factor_R_free_error                 ? 
_refine.ls_R_factor_R_free_error_details         ? 
_refine.pdbx_method_to_determine_struct          'MOLECULAR REPLACEMENT' 
_refine.pdbx_starting_model                      ? 
_refine.pdbx_stereochem_target_val_spec_case     ? 
_refine.solvent_model_param_bsol                 ? 
_refine.solvent_model_param_ksol                 ? 
_refine.occupancy_max                            ? 
_refine.occupancy_min                            ? 
_refine.pdbx_isotropic_thermal_model             ? 
_refine.B_iso_min                                ? 
_refine.B_iso_max                                ? 
_refine.overall_SU_R_Cruickshank_DPI             ? 
_refine.overall_SU_R_free                        ? 
_refine.pdbx_data_cutoff_high_rms_absF           ? 
_refine.ls_wR_factor_R_free                      ? 
_refine.ls_wR_factor_R_work                      ? 
_refine.overall_FOM_free_R_set                   ? 
_refine.overall_FOM_work_R_set                   ? 
_refine.pdbx_refine_id                           'X-RAY DIFFRACTION' 
_refine.pdbx_TLS_residual_ADP_flag               'LIKELY RESIDUAL' 
_refine.pdbx_diffrn_id                           1 
_refine.pdbx_overall_phase_error                 ? 
_refine.pdbx_overall_SU_R_free_Cruickshank_DPI   ? 
_refine.pdbx_overall_SU_R_Blow_DPI               ? 
_refine.pdbx_overall_SU_R_free_Blow_DPI          ? 
# 
_refine_hist.pdbx_refine_id                   'X-RAY DIFFRACTION' 
_refine_hist.cycle_id                         LAST 
_refine_hist.pdbx_number_atoms_protein        1012 
_refine_hist.pdbx_number_atoms_nucleic_acid   0 
_refine_hist.pdbx_number_atoms_ligand         25 
_refine_hist.number_atoms_solvent             48 
_refine_hist.number_atoms_total               1085 
_refine_hist.d_res_high                       2.300 
_refine_hist.d_res_low                        12.000 
# 
loop_
_refine_ls_restr.type 
_refine_ls_restr.number 
_refine_ls_restr.dev_ideal 
_refine_ls_restr.dev_ideal_target 
_refine_ls_restr.weight 
_refine_ls_restr.pdbx_refine_id 
_refine_ls_restr.pdbx_restraint_function 
r_bond_refined_d         1047 0.008 0.022 ? 'X-RAY DIFFRACTION' ? 
r_bond_other_d           982  0.002 0.020 ? 'X-RAY DIFFRACTION' ? 
r_angle_refined_deg      1400 1.014 1.972 ? 'X-RAY DIFFRACTION' ? 
r_angle_other_deg        2287 0.695 3.000 ? 'X-RAY DIFFRACTION' ? 
r_dihedral_angle_1_deg   130  6.262 5.000 ? 'X-RAY DIFFRACTION' ? 
r_chiral_restr           160  0.064 0.200 ? 'X-RAY DIFFRACTION' ? 
r_gen_planes_refined     1140 0.002 0.020 ? 'X-RAY DIFFRACTION' ? 
r_gen_planes_other       209  0.001 0.020 ? 'X-RAY DIFFRACTION' ? 
r_nbd_refined            150  0.160 0.200 ? 'X-RAY DIFFRACTION' ? 
r_nbd_other              1134 0.219 0.200 ? 'X-RAY DIFFRACTION' ? 
r_nbtor_other            713  0.078 0.200 ? 'X-RAY DIFFRACTION' ? 
r_xyhbond_nbd_refined    31   0.195 0.200 ? 'X-RAY DIFFRACTION' ? 
r_symmetry_vdw_refined   4    0.059 0.200 ? 'X-RAY DIFFRACTION' ? 
r_symmetry_vdw_other     32   0.229 0.200 ? 'X-RAY DIFFRACTION' ? 
r_symmetry_hbond_refined 4    0.079 0.200 ? 'X-RAY DIFFRACTION' ? 
r_mcbond_it              644  0.263 1.500 ? 'X-RAY DIFFRACTION' ? 
r_mcangle_it             1041 0.509 2.000 ? 'X-RAY DIFFRACTION' ? 
r_scbond_it              403  0.838 3.000 ? 'X-RAY DIFFRACTION' ? 
r_scangle_it             359  1.382 4.500 ? 'X-RAY DIFFRACTION' ? 
# 
_refine_ls_shell.d_res_high                       2.300 
_refine_ls_shell.d_res_low                        2.420 
_refine_ls_shell.pdbx_total_number_of_bins_used   10 
_refine_ls_shell.percent_reflns_obs               ? 
_refine_ls_shell.number_reflns_R_work             1110 
_refine_ls_shell.R_factor_all                     ? 
_refine_ls_shell.R_factor_R_work                  0.246 
_refine_ls_shell.R_factor_R_free                  0.294 
_refine_ls_shell.percent_reflns_R_free            ? 
_refine_ls_shell.number_reflns_R_free             63 
_refine_ls_shell.R_factor_R_free_error            ? 
_refine_ls_shell.number_reflns_all                ? 
_refine_ls_shell.number_reflns_obs                1173 
_refine_ls_shell.redundancy_reflns_obs            ? 
_refine_ls_shell.pdbx_refine_id                   'X-RAY DIFFRACTION' 
# 
_struct.entry_id                  2Q9S 
_struct.title                     'Linoleic Acid Bound to Fatty Acid Binding Protein 4' 
_struct.pdbx_model_details        ? 
_struct.pdbx_CASP_flag            ? 
_struct.pdbx_model_type_details   ? 
# 
_struct_keywords.entry_id        2Q9S 
_struct_keywords.pdbx_keywords   'LIPID BINDING PROTEIN' 
_struct_keywords.text            'beta clamshell, LIPID BINDING PROTEIN' 
# 
loop_
_struct_asym.id 
_struct_asym.pdbx_blank_PDB_chainid_flag 
_struct_asym.pdbx_modified 
_struct_asym.entity_id 
_struct_asym.details 
A N N 1 ? 
B N N 2 ? 
C N N 3 ? 
D N N 4 ? 
# 
_struct_ref.id                         1 
_struct_ref.db_name                    UNP 
_struct_ref.db_code                    FABPA_MOUSE 
_struct_ref.pdbx_db_accession          P04117 
_struct_ref.entity_id                  1 
_struct_ref.pdbx_seq_one_letter_code   
;MCDAFVGTWKLVSSENFDDYMKEVGVGFATRKVAGMAKPNMIISVNGDLVTIRSESTFKNTEISFKLGVEFDEITADDRK
VKSIITLDGGALVQVQKWDGKSTTIKRKRDGDKLVVECVMKGVTSTRVYERA
;
_struct_ref.pdbx_align_begin           1 
_struct_ref.pdbx_db_isoform            ? 
# 
_struct_ref_seq.align_id                      1 
_struct_ref_seq.ref_id                        1 
_struct_ref_seq.pdbx_PDB_id_code              2Q9S 
_struct_ref_seq.pdbx_strand_id                A 
_struct_ref_seq.seq_align_beg                 24 
_struct_ref_seq.pdbx_seq_align_beg_ins_code   ? 
_struct_ref_seq.seq_align_end                 155 
_struct_ref_seq.pdbx_seq_align_end_ins_code   ? 
_struct_ref_seq.pdbx_db_accession             P04117 
_struct_ref_seq.db_align_beg                  1 
_struct_ref_seq.pdbx_db_align_beg_ins_code    ? 
_struct_ref_seq.db_align_end                  132 
_struct_ref_seq.pdbx_db_align_end_ins_code    ? 
_struct_ref_seq.pdbx_auth_seq_align_beg       0 
_struct_ref_seq.pdbx_auth_seq_align_end       131 
# 
loop_
_struct_ref_seq_dif.align_id 
_struct_ref_seq_dif.pdbx_pdb_id_code 
_struct_ref_seq_dif.mon_id 
_struct_ref_seq_dif.pdbx_pdb_strand_id 
_struct_ref_seq_dif.seq_num 
_struct_ref_seq_dif.pdbx_pdb_ins_code 
_struct_ref_seq_dif.pdbx_seq_db_name 
_struct_ref_seq_dif.pdbx_seq_db_accession_code 
_struct_ref_seq_dif.db_mon_id 
_struct_ref_seq_dif.pdbx_seq_db_seq_num 
_struct_ref_seq_dif.details 
_struct_ref_seq_dif.pdbx_auth_seq_num 
_struct_ref_seq_dif.pdbx_ordinal 
1 2Q9S GLY A 1  ? UNP P04117 ? ? 'expression tag' -23 1  
1 2Q9S SER A 2  ? UNP P04117 ? ? 'expression tag' -22 2  
1 2Q9S HIS A 3  ? UNP P04117 ? ? 'expression tag' -21 3  
1 2Q9S MET A 4  ? UNP P04117 ? ? 'expression tag' -20 4  
1 2Q9S ALA A 5  ? UNP P04117 ? ? 'expression tag' -19 5  
1 2Q9S SER A 6  ? UNP P04117 ? ? 'expression tag' -18 6  
1 2Q9S MET A 7  ? UNP P04117 ? ? 'expression tag' -17 7  
1 2Q9S THR A 8  ? UNP P04117 ? ? 'expression tag' -16 8  
1 2Q9S GLY A 9  ? UNP P04117 ? ? 'expression tag' -15 9  
1 2Q9S GLY A 10 ? UNP P04117 ? ? 'expression tag' -14 10 
1 2Q9S ASN A 11 ? UNP P04117 ? ? 'expression tag' -13 11 
1 2Q9S ASN A 12 ? UNP P04117 ? ? 'expression tag' -12 12 
1 2Q9S MET A 13 ? UNP P04117 ? ? 'expression tag' -11 13 
1 2Q9S GLY A 14 ? UNP P04117 ? ? 'expression tag' -10 14 
1 2Q9S ARG A 15 ? UNP P04117 ? ? 'expression tag' -9  15 
1 2Q9S GLY A 16 ? UNP P04117 ? ? 'expression tag' -8  16 
1 2Q9S SER A 17 ? UNP P04117 ? ? 'expression tag' -7  17 
1 2Q9S SER A 18 ? UNP P04117 ? ? 'expression tag' -6  18 
1 2Q9S SER A 19 ? UNP P04117 ? ? 'expression tag' -5  19 
1 2Q9S LYS A 20 ? UNP P04117 ? ? 'expression tag' -4  20 
1 2Q9S VAL A 21 ? UNP P04117 ? ? 'expression tag' -3  21 
1 2Q9S TYR A 22 ? UNP P04117 ? ? 'expression tag' -2  22 
1 2Q9S LYS A 23 ? UNP P04117 ? ? 'expression tag' -1  23 
# 
loop_
_pdbx_struct_assembly.id 
_pdbx_struct_assembly.details 
_pdbx_struct_assembly.method_details 
_pdbx_struct_assembly.oligomeric_details 
_pdbx_struct_assembly.oligomeric_count 
1 author_and_software_defined_assembly PISA dimeric 2 
2 software_defined_assembly            PQS  dimeric 2 
# 
loop_
_pdbx_struct_assembly_prop.biol_id 
_pdbx_struct_assembly_prop.type 
_pdbx_struct_assembly_prop.value 
_pdbx_struct_assembly_prop.details 
1 'ABSA (A^2)' 2360  ? 
1 MORE         -33   ? 
1 'SSA (A^2)'  13150 ? 
# 
loop_
_pdbx_struct_assembly_gen.assembly_id 
_pdbx_struct_assembly_gen.oper_expression 
_pdbx_struct_assembly_gen.asym_id_list 
1 1,2 A,B,C,D 
2 1,3 A,B,C,D 
# 
loop_
_pdbx_struct_oper_list.id 
_pdbx_struct_oper_list.type 
_pdbx_struct_oper_list.name 
_pdbx_struct_oper_list.symmetry_operation 
_pdbx_struct_oper_list.matrix[1][1] 
_pdbx_struct_oper_list.matrix[1][2] 
_pdbx_struct_oper_list.matrix[1][3] 
_pdbx_struct_oper_list.vector[1] 
_pdbx_struct_oper_list.matrix[2][1] 
_pdbx_struct_oper_list.matrix[2][2] 
_pdbx_struct_oper_list.matrix[2][3] 
_pdbx_struct_oper_list.vector[2] 
_pdbx_struct_oper_list.matrix[3][1] 
_pdbx_struct_oper_list.matrix[3][2] 
_pdbx_struct_oper_list.matrix[3][3] 
_pdbx_struct_oper_list.vector[3] 
1 'identity operation'         1_555 x,y,z       1.0000000000  0.0000000000  0.0000000000 0.0000000000   0.0000000000  1.0000000000  0.0000000000  0.0000000000   0.0000000000 0.0000000000  1.0000000000  0.0000000000  
2 'crystal symmetry operation' 3_555 -x,y,-z+1/2 -0.0581845882 -0.6713399586 0.7388621073 7.3263262620   -0.6713399586 -0.5214589457 -0.5266718407 30.8650152963  0.7388621073 -0.5266718407 -0.4203564661 18.7056163397 
3 'crystal symmetry operation' 3_554 -x,y,-z-1/2 -0.0581845882 -0.6713399586 0.7388621073 -19.2262503777 -0.6713399586 -0.5214589457 -0.5266718407 -11.1529166023 0.7388621073 -0.5266718407 -0.4203564661 14.3736973937 
# 
_struct_biol.id        1 
_struct_biol.details   'The assembly is a dimer. The second half is generated by [-x,y,1/2-z]' 
# 
loop_
_struct_conf.conf_type_id 
_struct_conf.id 
_struct_conf.pdbx_PDB_helix_id 
_struct_conf.beg_label_comp_id 
_struct_conf.beg_label_asym_id 
_struct_conf.beg_label_seq_id 
_struct_conf.pdbx_beg_PDB_ins_code 
_struct_conf.end_label_comp_id 
_struct_conf.end_label_asym_id 
_struct_conf.end_label_seq_id 
_struct_conf.pdbx_end_PDB_ins_code 
_struct_conf.beg_auth_comp_id 
_struct_conf.beg_auth_asym_id 
_struct_conf.beg_auth_seq_id 
_struct_conf.end_auth_comp_id 
_struct_conf.end_auth_asym_id 
_struct_conf.end_auth_seq_id 
_struct_conf.pdbx_PDB_helix_class 
_struct_conf.details 
_struct_conf.pdbx_PDB_helix_length 
HELX_P HELX_P1 1 ASN A 39 ? GLY A 48 ? ASN A 15 GLY A 24 1 ? 10 
HELX_P HELX_P2 2 GLY A 50 ? MET A 59 ? GLY A 26 MET A 35 1 ? 10 
# 
_struct_conf_type.id          HELX_P 
_struct_conf_type.criteria    ? 
_struct_conf_type.reference   ? 
# 
_struct_sheet.id               A 
_struct_sheet.type             ? 
_struct_sheet.number_strands   10 
_struct_sheet.details          ? 
# 
loop_
_struct_sheet_order.sheet_id 
_struct_sheet_order.range_id_1 
_struct_sheet_order.range_id_2 
_struct_sheet_order.offset 
_struct_sheet_order.sense 
A 1 2  ? anti-parallel 
A 2 3  ? anti-parallel 
A 3 4  ? anti-parallel 
A 4 5  ? anti-parallel 
A 5 6  ? anti-parallel 
A 6 7  ? anti-parallel 
A 7 8  ? anti-parallel 
A 8 9  ? anti-parallel 
A 9 10 ? anti-parallel 
# 
loop_
_struct_sheet_range.sheet_id 
_struct_sheet_range.id 
_struct_sheet_range.beg_label_comp_id 
_struct_sheet_range.beg_label_asym_id 
_struct_sheet_range.beg_label_seq_id 
_struct_sheet_range.pdbx_beg_PDB_ins_code 
_struct_sheet_range.end_label_comp_id 
_struct_sheet_range.end_label_asym_id 
_struct_sheet_range.end_label_seq_id 
_struct_sheet_range.pdbx_end_PDB_ins_code 
_struct_sheet_range.beg_auth_comp_id 
_struct_sheet_range.beg_auth_asym_id 
_struct_sheet_range.beg_auth_seq_id 
_struct_sheet_range.end_auth_comp_id 
_struct_sheet_range.end_auth_asym_id 
_struct_sheet_range.end_auth_seq_id 
A 1  THR A 84  ? PHE A 88  ? THR A 60  PHE A 64  
A 2  LEU A 72  ? GLU A 78  ? LEU A 48  GLU A 54  
A 3  ASN A 63  ? ASN A 69  ? ASN A 39  ASN A 45  
A 4  GLY A 30  ? GLU A 38  ? GLY A 6   GLU A 14  
A 5  VAL A 146 ? ARG A 154 ? VAL A 122 ARG A 130 
A 6  LYS A 136 ? MET A 143 ? LYS A 112 MET A 119 
A 7  LYS A 124 ? ASP A 133 ? LYS A 100 ASP A 109 
A 8  ALA A 114 ? TRP A 121 ? ALA A 90  TRP A 97  
A 9  LYS A 103 ? ASP A 111 ? LYS A 79  ASP A 87  
A 10 PHE A 94  ? ILE A 97  ? PHE A 70  ILE A 73  
# 
loop_
_pdbx_struct_sheet_hbond.sheet_id 
_pdbx_struct_sheet_hbond.range_id_1 
_pdbx_struct_sheet_hbond.range_id_2 
_pdbx_struct_sheet_hbond.range_1_label_atom_id 
_pdbx_struct_sheet_hbond.range_1_label_comp_id 
_pdbx_struct_sheet_hbond.range_1_label_asym_id 
_pdbx_struct_sheet_hbond.range_1_label_seq_id 
_pdbx_struct_sheet_hbond.range_1_PDB_ins_code 
_pdbx_struct_sheet_hbond.range_1_auth_atom_id 
_pdbx_struct_sheet_hbond.range_1_auth_comp_id 
_pdbx_struct_sheet_hbond.range_1_auth_asym_id 
_pdbx_struct_sheet_hbond.range_1_auth_seq_id 
_pdbx_struct_sheet_hbond.range_2_label_atom_id 
_pdbx_struct_sheet_hbond.range_2_label_comp_id 
_pdbx_struct_sheet_hbond.range_2_label_asym_id 
_pdbx_struct_sheet_hbond.range_2_label_seq_id 
_pdbx_struct_sheet_hbond.range_2_PDB_ins_code 
_pdbx_struct_sheet_hbond.range_2_auth_atom_id 
_pdbx_struct_sheet_hbond.range_2_auth_comp_id 
_pdbx_struct_sheet_hbond.range_2_auth_asym_id 
_pdbx_struct_sheet_hbond.range_2_auth_seq_id 
A 1 2  O PHE A 88  ? O PHE A 64  N VAL A 73  ? N VAL A 49  
A 2 3  O ARG A 76  ? O ARG A 52  N ILE A 65  ? N ILE A 41  
A 3 4  O ILE A 66  ? O ILE A 42  N GLY A 30  ? N GLY A 6   
A 4 5  N VAL A 35  ? N VAL A 11  O VAL A 151 ? O VAL A 127 
A 5 6  O ARG A 150 ? O ARG A 126 N VAL A 139 ? N VAL A 115 
A 6 7  O VAL A 138 ? O VAL A 114 N LYS A 131 ? N LYS A 107 
A 7 8  O ILE A 128 ? O ILE A 104 N GLN A 117 ? N GLN A 93  
A 8 9  O LYS A 120 ? O LYS A 96  N LYS A 105 ? N LYS A 81  
A 9 10 O SER A 106 ? O SER A 82  N PHE A 94  ? N PHE A 70  
# 
loop_
_struct_site.id 
_struct_site.pdbx_evidence_code 
_struct_site.pdbx_auth_asym_id 
_struct_site.pdbx_auth_comp_id 
_struct_site.pdbx_auth_seq_id 
_struct_site.pdbx_auth_ins_code 
_struct_site.pdbx_num_residues 
_struct_site.details 
AC1 Software A SO4 501 ? 9  'BINDING SITE FOR RESIDUE SO4 A 501' 
AC2 Software A EIC 601 ? 10 'BINDING SITE FOR RESIDUE EIC A 601' 
# 
loop_
_struct_site_gen.id 
_struct_site_gen.site_id 
_struct_site_gen.pdbx_num_res 
_struct_site_gen.label_comp_id 
_struct_site_gen.label_asym_id 
_struct_site_gen.label_seq_id 
_struct_site_gen.pdbx_auth_ins_code 
_struct_site_gen.auth_comp_id 
_struct_site_gen.auth_asym_id 
_struct_site_gen.auth_seq_id 
_struct_site_gen.label_atom_id 
_struct_site_gen.label_alt_id 
_struct_site_gen.symmetry 
_struct_site_gen.details 
1  AC1 9  ARG A 132 ? ARG A 108 . ? 3_555 ? 
2  AC1 9  ARG A 132 ? ARG A 108 . ? 1_555 ? 
3  AC1 9  GLY A 134 ? GLY A 110 . ? 1_555 ? 
4  AC1 9  GLY A 134 ? GLY A 110 . ? 3_555 ? 
5  AC1 9  ASP A 135 ? ASP A 111 . ? 1_555 ? 
6  AC1 9  ASP A 135 ? ASP A 111 . ? 3_555 ? 
7  AC1 9  ARG A 154 ? ARG A 130 . ? 3_555 ? 
8  AC1 9  ARG A 154 ? ARG A 130 . ? 1_555 ? 
9  AC1 9  HOH D .   ? HOH A 630 . ? 1_555 ? 
10 AC2 10 VAL A 49  ? VAL A 25  . ? 1_555 ? 
11 AC2 10 ALA A 57  ? ALA A 33  . ? 1_555 ? 
12 AC2 10 PRO A 62  ? PRO A 38  . ? 1_555 ? 
13 AC2 10 SER A 77  ? SER A 53  . ? 1_555 ? 
14 AC2 10 PHE A 81  ? PHE A 57  . ? 1_555 ? 
15 AC2 10 ASP A 100 ? ASP A 76  . ? 1_555 ? 
16 AC2 10 VAL A 139 ? VAL A 115 . ? 1_555 ? 
17 AC2 10 CYS A 141 ? CYS A 117 . ? 1_555 ? 
18 AC2 10 ARG A 150 ? ARG A 126 . ? 1_555 ? 
19 AC2 10 TYR A 152 ? TYR A 128 . ? 1_555 ? 
# 
loop_
_pdbx_validate_rmsd_angle.id 
_pdbx_validate_rmsd_angle.PDB_model_num 
_pdbx_validate_rmsd_angle.auth_atom_id_1 
_pdbx_validate_rmsd_angle.auth_asym_id_1 
_pdbx_validate_rmsd_angle.auth_comp_id_1 
_pdbx_validate_rmsd_angle.auth_seq_id_1 
_pdbx_validate_rmsd_angle.PDB_ins_code_1 
_pdbx_validate_rmsd_angle.label_alt_id_1 
_pdbx_validate_rmsd_angle.auth_atom_id_2 
_pdbx_validate_rmsd_angle.auth_asym_id_2 
_pdbx_validate_rmsd_angle.auth_comp_id_2 
_pdbx_validate_rmsd_angle.auth_seq_id_2 
_pdbx_validate_rmsd_angle.PDB_ins_code_2 
_pdbx_validate_rmsd_angle.label_alt_id_2 
_pdbx_validate_rmsd_angle.auth_atom_id_3 
_pdbx_validate_rmsd_angle.auth_asym_id_3 
_pdbx_validate_rmsd_angle.auth_comp_id_3 
_pdbx_validate_rmsd_angle.auth_seq_id_3 
_pdbx_validate_rmsd_angle.PDB_ins_code_3 
_pdbx_validate_rmsd_angle.label_alt_id_3 
_pdbx_validate_rmsd_angle.angle_value 
_pdbx_validate_rmsd_angle.angle_target_value 
_pdbx_validate_rmsd_angle.angle_deviation 
_pdbx_validate_rmsd_angle.angle_standard_deviation 
_pdbx_validate_rmsd_angle.linker_flag 
1 1 CB A ASP 2  ? ? CG A ASP 2  ? ? OD2 A ASP 2  ? ? 123.80 118.30 5.50 0.90 N 
2 1 CB A ASP 87 ? ? CG A ASP 87 ? ? OD2 A ASP 87 ? ? 124.75 118.30 6.45 0.90 N 
# 
loop_
_pdbx_validate_torsion.id 
_pdbx_validate_torsion.PDB_model_num 
_pdbx_validate_torsion.auth_comp_id 
_pdbx_validate_torsion.auth_asym_id 
_pdbx_validate_torsion.auth_seq_id 
_pdbx_validate_torsion.PDB_ins_code 
_pdbx_validate_torsion.label_alt_id 
_pdbx_validate_torsion.phi 
_pdbx_validate_torsion.psi 
1 1 PHE A 57  ? ? -56.63 -71.83 
2 1 ASP A 77  ? ? 72.68  30.60  
3 1 LYS A 120 ? ? 34.09  58.17  
# 
_pdbx_struct_special_symmetry.id              1 
_pdbx_struct_special_symmetry.PDB_model_num   1 
_pdbx_struct_special_symmetry.auth_asym_id    A 
_pdbx_struct_special_symmetry.auth_comp_id    SO4 
_pdbx_struct_special_symmetry.auth_seq_id     501 
_pdbx_struct_special_symmetry.PDB_ins_code    ? 
_pdbx_struct_special_symmetry.label_asym_id   B 
_pdbx_struct_special_symmetry.label_comp_id   SO4 
_pdbx_struct_special_symmetry.label_seq_id    . 
# 
loop_
_pdbx_refine_tls.id 
_pdbx_refine_tls.details 
_pdbx_refine_tls.method 
_pdbx_refine_tls.origin_x 
_pdbx_refine_tls.origin_y 
_pdbx_refine_tls.origin_z 
_pdbx_refine_tls.T[1][1] 
_pdbx_refine_tls.T[2][2] 
_pdbx_refine_tls.T[3][3] 
_pdbx_refine_tls.T[1][2] 
_pdbx_refine_tls.T[1][3] 
_pdbx_refine_tls.T[2][3] 
_pdbx_refine_tls.L[1][1] 
_pdbx_refine_tls.L[2][2] 
_pdbx_refine_tls.L[3][3] 
_pdbx_refine_tls.L[1][2] 
_pdbx_refine_tls.L[1][3] 
_pdbx_refine_tls.L[2][3] 
_pdbx_refine_tls.S[1][1] 
_pdbx_refine_tls.S[2][2] 
_pdbx_refine_tls.S[3][3] 
_pdbx_refine_tls.S[1][2] 
_pdbx_refine_tls.S[1][3] 
_pdbx_refine_tls.S[2][3] 
_pdbx_refine_tls.S[2][1] 
_pdbx_refine_tls.S[3][1] 
_pdbx_refine_tls.S[3][2] 
_pdbx_refine_tls.pdbx_refine_id 
1 ? refined -3.2020 2.3349  -6.0991 0.7456 0.3139 0.2417 -0.2041 -0.2524 0.1795 2.8741 10.4262 9.5427 2.0817 -0.2694 5.8908  -0.7082 0.6826 0.0256 0.7028 0.3947 0.8164 -1.6201 -0.0762 -0.1962 'X-RAY DIFFRACTION' 
2 ? refined 1.0880  -1.0464 2.6183  0.2783 0.1789 0.0386 -0.0951 -0.0864 0.0640 2.6435 9.2606  4.7019 1.8974 0.6510  -0.4440 -0.5993 0.5023 0.0969 0.3978 0.2601 0.6103 -1.2704 -0.1708 0.0216  'X-RAY DIFFRACTION' 
# 
loop_
_pdbx_refine_tls_group.id 
_pdbx_refine_tls_group.refine_tls_id 
_pdbx_refine_tls_group.beg_label_asym_id 
_pdbx_refine_tls_group.beg_label_seq_id 
_pdbx_refine_tls_group.end_label_asym_id 
_pdbx_refine_tls_group.end_label_seq_id 
_pdbx_refine_tls_group.selection 
_pdbx_refine_tls_group.beg_auth_asym_id 
_pdbx_refine_tls_group.beg_auth_seq_id 
_pdbx_refine_tls_group.end_auth_asym_id 
_pdbx_refine_tls_group.end_auth_seq_id 
_pdbx_refine_tls_group.pdbx_refine_id 
_pdbx_refine_tls_group.selection_details 
1 1 A 25 A 64  ? A 1  A 40  'X-RAY DIFFRACTION' ? 
2 2 A 65 A 155 ? A 41 A 131 'X-RAY DIFFRACTION' ? 
# 
loop_
_pdbx_unobs_or_zero_occ_residues.id 
_pdbx_unobs_or_zero_occ_residues.PDB_model_num 
_pdbx_unobs_or_zero_occ_residues.polymer_flag 
_pdbx_unobs_or_zero_occ_residues.occupancy_flag 
_pdbx_unobs_or_zero_occ_residues.auth_asym_id 
_pdbx_unobs_or_zero_occ_residues.auth_comp_id 
_pdbx_unobs_or_zero_occ_residues.auth_seq_id 
_pdbx_unobs_or_zero_occ_residues.PDB_ins_code 
_pdbx_unobs_or_zero_occ_residues.label_asym_id 
_pdbx_unobs_or_zero_occ_residues.label_comp_id 
_pdbx_unobs_or_zero_occ_residues.label_seq_id 
1  1 Y 1 A GLY -23 ? A GLY 1  
2  1 Y 1 A SER -22 ? A SER 2  
3  1 Y 1 A HIS -21 ? A HIS 3  
4  1 Y 1 A MET -20 ? A MET 4  
5  1 Y 1 A ALA -19 ? A ALA 5  
6  1 Y 1 A SER -18 ? A SER 6  
7  1 Y 1 A MET -17 ? A MET 7  
8  1 Y 1 A THR -16 ? A THR 8  
9  1 Y 1 A GLY -15 ? A GLY 9  
10 1 Y 1 A GLY -14 ? A GLY 10 
11 1 Y 1 A ASN -13 ? A ASN 11 
12 1 Y 1 A ASN -12 ? A ASN 12 
13 1 Y 1 A MET -11 ? A MET 13 
14 1 Y 1 A GLY -10 ? A GLY 14 
15 1 Y 1 A ARG -9  ? A ARG 15 
16 1 Y 1 A GLY -8  ? A GLY 16 
17 1 Y 1 A SER -7  ? A SER 17 
18 1 Y 1 A SER -6  ? A SER 18 
19 1 Y 1 A SER -5  ? A SER 19 
20 1 Y 1 A LYS -4  ? A LYS 20 
21 1 Y 1 A VAL -3  ? A VAL 21 
22 1 Y 1 A TYR -2  ? A TYR 22 
23 1 Y 1 A LYS -1  ? A LYS 23 
24 1 Y 1 A MET 0   ? A MET 24 
# 
loop_
_chem_comp_atom.comp_id 
_chem_comp_atom.atom_id 
_chem_comp_atom.type_symbol 
_chem_comp_atom.pdbx_aromatic_flag 
_chem_comp_atom.pdbx_stereo_config 
_chem_comp_atom.pdbx_ordinal 
ALA N    N N N 1   
ALA CA   C N S 2   
ALA C    C N N 3   
ALA O    O N N 4   
ALA CB   C N N 5   
ALA OXT  O N N 6   
ALA H    H N N 7   
ALA H2   H N N 8   
ALA HA   H N N 9   
ALA HB1  H N N 10  
ALA HB2  H N N 11  
ALA HB3  H N N 12  
ALA HXT  H N N 13  
ARG N    N N N 14  
ARG CA   C N S 15  
ARG C    C N N 16  
ARG O    O N N 17  
ARG CB   C N N 18  
ARG CG   C N N 19  
ARG CD   C N N 20  
ARG NE   N N N 21  
ARG CZ   C N N 22  
ARG NH1  N N N 23  
ARG NH2  N N N 24  
ARG OXT  O N N 25  
ARG H    H N N 26  
ARG H2   H N N 27  
ARG HA   H N N 28  
ARG HB2  H N N 29  
ARG HB3  H N N 30  
ARG HG2  H N N 31  
ARG HG3  H N N 32  
ARG HD2  H N N 33  
ARG HD3  H N N 34  
ARG HE   H N N 35  
ARG HH11 H N N 36  
ARG HH12 H N N 37  
ARG HH21 H N N 38  
ARG HH22 H N N 39  
ARG HXT  H N N 40  
ASN N    N N N 41  
ASN CA   C N S 42  
ASN C    C N N 43  
ASN O    O N N 44  
ASN CB   C N N 45  
ASN CG   C N N 46  
ASN OD1  O N N 47  
ASN ND2  N N N 48  
ASN OXT  O N N 49  
ASN H    H N N 50  
ASN H2   H N N 51  
ASN HA   H N N 52  
ASN HB2  H N N 53  
ASN HB3  H N N 54  
ASN HD21 H N N 55  
ASN HD22 H N N 56  
ASN HXT  H N N 57  
ASP N    N N N 58  
ASP CA   C N S 59  
ASP C    C N N 60  
ASP O    O N N 61  
ASP CB   C N N 62  
ASP CG   C N N 63  
ASP OD1  O N N 64  
ASP OD2  O N N 65  
ASP OXT  O N N 66  
ASP H    H N N 67  
ASP H2   H N N 68  
ASP HA   H N N 69  
ASP HB2  H N N 70  
ASP HB3  H N N 71  
ASP HD2  H N N 72  
ASP HXT  H N N 73  
CYS N    N N N 74  
CYS CA   C N R 75  
CYS C    C N N 76  
CYS O    O N N 77  
CYS CB   C N N 78  
CYS SG   S N N 79  
CYS OXT  O N N 80  
CYS H    H N N 81  
CYS H2   H N N 82  
CYS HA   H N N 83  
CYS HB2  H N N 84  
CYS HB3  H N N 85  
CYS HG   H N N 86  
CYS HXT  H N N 87  
EIC C1   C N N 88  
EIC C2   C N N 89  
EIC C3   C N N 90  
EIC C4   C N N 91  
EIC C5   C N N 92  
EIC C6   C N N 93  
EIC C7   C N N 94  
EIC C8   C N N 95  
EIC C9   C N N 96  
EIC C10  C N N 97  
EIC C11  C N N 98  
EIC C12  C N N 99  
EIC C13  C N N 100 
EIC C14  C N N 101 
EIC C15  C N N 102 
EIC C16  C N N 103 
EIC C17  C N N 104 
EIC C18  C N N 105 
EIC O1   O N N 106 
EIC O2   O N N 107 
EIC H21  H N N 108 
EIC H22  H N N 109 
EIC H31  H N N 110 
EIC H32  H N N 111 
EIC H41  H N N 112 
EIC H42  H N N 113 
EIC H51  H N N 114 
EIC H52  H N N 115 
EIC H61  H N N 116 
EIC H62  H N N 117 
EIC H71  H N N 118 
EIC H72  H N N 119 
EIC H81  H N N 120 
EIC H82  H N N 121 
EIC H91  H N N 122 
EIC H1O1 H N N 123 
EIC H111 H N N 124 
EIC H112 H N N 125 
EIC H121 H N N 126 
EIC H131 H N N 127 
EIC H141 H N N 128 
EIC H142 H N N 129 
EIC H151 H N N 130 
EIC H152 H N N 131 
EIC H161 H N N 132 
EIC H162 H N N 133 
EIC H171 H N N 134 
EIC H172 H N N 135 
EIC H181 H N N 136 
EIC H182 H N N 137 
EIC H183 H N N 138 
EIC HO2  H N N 139 
GLN N    N N N 140 
GLN CA   C N S 141 
GLN C    C N N 142 
GLN O    O N N 143 
GLN CB   C N N 144 
GLN CG   C N N 145 
GLN CD   C N N 146 
GLN OE1  O N N 147 
GLN NE2  N N N 148 
GLN OXT  O N N 149 
GLN H    H N N 150 
GLN H2   H N N 151 
GLN HA   H N N 152 
GLN HB2  H N N 153 
GLN HB3  H N N 154 
GLN HG2  H N N 155 
GLN HG3  H N N 156 
GLN HE21 H N N 157 
GLN HE22 H N N 158 
GLN HXT  H N N 159 
GLU N    N N N 160 
GLU CA   C N S 161 
GLU C    C N N 162 
GLU O    O N N 163 
GLU CB   C N N 164 
GLU CG   C N N 165 
GLU CD   C N N 166 
GLU OE1  O N N 167 
GLU OE2  O N N 168 
GLU OXT  O N N 169 
GLU H    H N N 170 
GLU H2   H N N 171 
GLU HA   H N N 172 
GLU HB2  H N N 173 
GLU HB3  H N N 174 
GLU HG2  H N N 175 
GLU HG3  H N N 176 
GLU HE2  H N N 177 
GLU HXT  H N N 178 
GLY N    N N N 179 
GLY CA   C N N 180 
GLY C    C N N 181 
GLY O    O N N 182 
GLY OXT  O N N 183 
GLY H    H N N 184 
GLY H2   H N N 185 
GLY HA2  H N N 186 
GLY HA3  H N N 187 
GLY HXT  H N N 188 
HIS N    N N N 189 
HIS CA   C N S 190 
HIS C    C N N 191 
HIS O    O N N 192 
HIS CB   C N N 193 
HIS CG   C Y N 194 
HIS ND1  N Y N 195 
HIS CD2  C Y N 196 
HIS CE1  C Y N 197 
HIS NE2  N Y N 198 
HIS OXT  O N N 199 
HIS H    H N N 200 
HIS H2   H N N 201 
HIS HA   H N N 202 
HIS HB2  H N N 203 
HIS HB3  H N N 204 
HIS HD1  H N N 205 
HIS HD2  H N N 206 
HIS HE1  H N N 207 
HIS HE2  H N N 208 
HIS HXT  H N N 209 
HOH O    O N N 210 
HOH H1   H N N 211 
HOH H2   H N N 212 
ILE N    N N N 213 
ILE CA   C N S 214 
ILE C    C N N 215 
ILE O    O N N 216 
ILE CB   C N S 217 
ILE CG1  C N N 218 
ILE CG2  C N N 219 
ILE CD1  C N N 220 
ILE OXT  O N N 221 
ILE H    H N N 222 
ILE H2   H N N 223 
ILE HA   H N N 224 
ILE HB   H N N 225 
ILE HG12 H N N 226 
ILE HG13 H N N 227 
ILE HG21 H N N 228 
ILE HG22 H N N 229 
ILE HG23 H N N 230 
ILE HD11 H N N 231 
ILE HD12 H N N 232 
ILE HD13 H N N 233 
ILE HXT  H N N 234 
LEU N    N N N 235 
LEU CA   C N S 236 
LEU C    C N N 237 
LEU O    O N N 238 
LEU CB   C N N 239 
LEU CG   C N N 240 
LEU CD1  C N N 241 
LEU CD2  C N N 242 
LEU OXT  O N N 243 
LEU H    H N N 244 
LEU H2   H N N 245 
LEU HA   H N N 246 
LEU HB2  H N N 247 
LEU HB3  H N N 248 
LEU HG   H N N 249 
LEU HD11 H N N 250 
LEU HD12 H N N 251 
LEU HD13 H N N 252 
LEU HD21 H N N 253 
LEU HD22 H N N 254 
LEU HD23 H N N 255 
LEU HXT  H N N 256 
LYS N    N N N 257 
LYS CA   C N S 258 
LYS C    C N N 259 
LYS O    O N N 260 
LYS CB   C N N 261 
LYS CG   C N N 262 
LYS CD   C N N 263 
LYS CE   C N N 264 
LYS NZ   N N N 265 
LYS OXT  O N N 266 
LYS H    H N N 267 
LYS H2   H N N 268 
LYS HA   H N N 269 
LYS HB2  H N N 270 
LYS HB3  H N N 271 
LYS HG2  H N N 272 
LYS HG3  H N N 273 
LYS HD2  H N N 274 
LYS HD3  H N N 275 
LYS HE2  H N N 276 
LYS HE3  H N N 277 
LYS HZ1  H N N 278 
LYS HZ2  H N N 279 
LYS HZ3  H N N 280 
LYS HXT  H N N 281 
MET N    N N N 282 
MET CA   C N S 283 
MET C    C N N 284 
MET O    O N N 285 
MET CB   C N N 286 
MET CG   C N N 287 
MET SD   S N N 288 
MET CE   C N N 289 
MET OXT  O N N 290 
MET H    H N N 291 
MET H2   H N N 292 
MET HA   H N N 293 
MET HB2  H N N 294 
MET HB3  H N N 295 
MET HG2  H N N 296 
MET HG3  H N N 297 
MET HE1  H N N 298 
MET HE2  H N N 299 
MET HE3  H N N 300 
MET HXT  H N N 301 
PHE N    N N N 302 
PHE CA   C N S 303 
PHE C    C N N 304 
PHE O    O N N 305 
PHE CB   C N N 306 
PHE CG   C Y N 307 
PHE CD1  C Y N 308 
PHE CD2  C Y N 309 
PHE CE1  C Y N 310 
PHE CE2  C Y N 311 
PHE CZ   C Y N 312 
PHE OXT  O N N 313 
PHE H    H N N 314 
PHE H2   H N N 315 
PHE HA   H N N 316 
PHE HB2  H N N 317 
PHE HB3  H N N 318 
PHE HD1  H N N 319 
PHE HD2  H N N 320 
PHE HE1  H N N 321 
PHE HE2  H N N 322 
PHE HZ   H N N 323 
PHE HXT  H N N 324 
PRO N    N N N 325 
PRO CA   C N S 326 
PRO C    C N N 327 
PRO O    O N N 328 
PRO CB   C N N 329 
PRO CG   C N N 330 
PRO CD   C N N 331 
PRO OXT  O N N 332 
PRO H    H N N 333 
PRO HA   H N N 334 
PRO HB2  H N N 335 
PRO HB3  H N N 336 
PRO HG2  H N N 337 
PRO HG3  H N N 338 
PRO HD2  H N N 339 
PRO HD3  H N N 340 
PRO HXT  H N N 341 
SER N    N N N 342 
SER CA   C N S 343 
SER C    C N N 344 
SER O    O N N 345 
SER CB   C N N 346 
SER OG   O N N 347 
SER OXT  O N N 348 
SER H    H N N 349 
SER H2   H N N 350 
SER HA   H N N 351 
SER HB2  H N N 352 
SER HB3  H N N 353 
SER HG   H N N 354 
SER HXT  H N N 355 
SO4 S    S N N 356 
SO4 O1   O N N 357 
SO4 O2   O N N 358 
SO4 O3   O N N 359 
SO4 O4   O N N 360 
THR N    N N N 361 
THR CA   C N S 362 
THR C    C N N 363 
THR O    O N N 364 
THR CB   C N R 365 
THR OG1  O N N 366 
THR CG2  C N N 367 
THR OXT  O N N 368 
THR H    H N N 369 
THR H2   H N N 370 
THR HA   H N N 371 
THR HB   H N N 372 
THR HG1  H N N 373 
THR HG21 H N N 374 
THR HG22 H N N 375 
THR HG23 H N N 376 
THR HXT  H N N 377 
TRP N    N N N 378 
TRP CA   C N S 379 
TRP C    C N N 380 
TRP O    O N N 381 
TRP CB   C N N 382 
TRP CG   C Y N 383 
TRP CD1  C Y N 384 
TRP CD2  C Y N 385 
TRP NE1  N Y N 386 
TRP CE2  C Y N 387 
TRP CE3  C Y N 388 
TRP CZ2  C Y N 389 
TRP CZ3  C Y N 390 
TRP CH2  C Y N 391 
TRP OXT  O N N 392 
TRP H    H N N 393 
TRP H2   H N N 394 
TRP HA   H N N 395 
TRP HB2  H N N 396 
TRP HB3  H N N 397 
TRP HD1  H N N 398 
TRP HE1  H N N 399 
TRP HE3  H N N 400 
TRP HZ2  H N N 401 
TRP HZ3  H N N 402 
TRP HH2  H N N 403 
TRP HXT  H N N 404 
TYR N    N N N 405 
TYR CA   C N S 406 
TYR C    C N N 407 
TYR O    O N N 408 
TYR CB   C N N 409 
TYR CG   C Y N 410 
TYR CD1  C Y N 411 
TYR CD2  C Y N 412 
TYR CE1  C Y N 413 
TYR CE2  C Y N 414 
TYR CZ   C Y N 415 
TYR OH   O N N 416 
TYR OXT  O N N 417 
TYR H    H N N 418 
TYR H2   H N N 419 
TYR HA   H N N 420 
TYR HB2  H N N 421 
TYR HB3  H N N 422 
TYR HD1  H N N 423 
TYR HD2  H N N 424 
TYR HE1  H N N 425 
TYR HE2  H N N 426 
TYR HH   H N N 427 
TYR HXT  H N N 428 
VAL N    N N N 429 
VAL CA   C N S 430 
VAL C    C N N 431 
VAL O    O N N 432 
VAL CB   C N N 433 
VAL CG1  C N N 434 
VAL CG2  C N N 435 
VAL OXT  O N N 436 
VAL H    H N N 437 
VAL H2   H N N 438 
VAL HA   H N N 439 
VAL HB   H N N 440 
VAL HG11 H N N 441 
VAL HG12 H N N 442 
VAL HG13 H N N 443 
VAL HG21 H N N 444 
VAL HG22 H N N 445 
VAL HG23 H N N 446 
VAL HXT  H N N 447 
# 
loop_
_chem_comp_bond.comp_id 
_chem_comp_bond.atom_id_1 
_chem_comp_bond.atom_id_2 
_chem_comp_bond.value_order 
_chem_comp_bond.pdbx_aromatic_flag 
_chem_comp_bond.pdbx_stereo_config 
_chem_comp_bond.pdbx_ordinal 
ALA N   CA   sing N N 1   
ALA N   H    sing N N 2   
ALA N   H2   sing N N 3   
ALA CA  C    sing N N 4   
ALA CA  CB   sing N N 5   
ALA CA  HA   sing N N 6   
ALA C   O    doub N N 7   
ALA C   OXT  sing N N 8   
ALA CB  HB1  sing N N 9   
ALA CB  HB2  sing N N 10  
ALA CB  HB3  sing N N 11  
ALA OXT HXT  sing N N 12  
ARG N   CA   sing N N 13  
ARG N   H    sing N N 14  
ARG N   H2   sing N N 15  
ARG CA  C    sing N N 16  
ARG CA  CB   sing N N 17  
ARG CA  HA   sing N N 18  
ARG C   O    doub N N 19  
ARG C   OXT  sing N N 20  
ARG CB  CG   sing N N 21  
ARG CB  HB2  sing N N 22  
ARG CB  HB3  sing N N 23  
ARG CG  CD   sing N N 24  
ARG CG  HG2  sing N N 25  
ARG CG  HG3  sing N N 26  
ARG CD  NE   sing N N 27  
ARG CD  HD2  sing N N 28  
ARG CD  HD3  sing N N 29  
ARG NE  CZ   sing N N 30  
ARG NE  HE   sing N N 31  
ARG CZ  NH1  sing N N 32  
ARG CZ  NH2  doub N N 33  
ARG NH1 HH11 sing N N 34  
ARG NH1 HH12 sing N N 35  
ARG NH2 HH21 sing N N 36  
ARG NH2 HH22 sing N N 37  
ARG OXT HXT  sing N N 38  
ASN N   CA   sing N N 39  
ASN N   H    sing N N 40  
ASN N   H2   sing N N 41  
ASN CA  C    sing N N 42  
ASN CA  CB   sing N N 43  
ASN CA  HA   sing N N 44  
ASN C   O    doub N N 45  
ASN C   OXT  sing N N 46  
ASN CB  CG   sing N N 47  
ASN CB  HB2  sing N N 48  
ASN CB  HB3  sing N N 49  
ASN CG  OD1  doub N N 50  
ASN CG  ND2  sing N N 51  
ASN ND2 HD21 sing N N 52  
ASN ND2 HD22 sing N N 53  
ASN OXT HXT  sing N N 54  
ASP N   CA   sing N N 55  
ASP N   H    sing N N 56  
ASP N   H2   sing N N 57  
ASP CA  C    sing N N 58  
ASP CA  CB   sing N N 59  
ASP CA  HA   sing N N 60  
ASP C   O    doub N N 61  
ASP C   OXT  sing N N 62  
ASP CB  CG   sing N N 63  
ASP CB  HB2  sing N N 64  
ASP CB  HB3  sing N N 65  
ASP CG  OD1  doub N N 66  
ASP CG  OD2  sing N N 67  
ASP OD2 HD2  sing N N 68  
ASP OXT HXT  sing N N 69  
CYS N   CA   sing N N 70  
CYS N   H    sing N N 71  
CYS N   H2   sing N N 72  
CYS CA  C    sing N N 73  
CYS CA  CB   sing N N 74  
CYS CA  HA   sing N N 75  
CYS C   O    doub N N 76  
CYS C   OXT  sing N N 77  
CYS CB  SG   sing N N 78  
CYS CB  HB2  sing N N 79  
CYS CB  HB3  sing N N 80  
CYS SG  HG   sing N N 81  
CYS OXT HXT  sing N N 82  
EIC C1  C2   sing N N 83  
EIC C1  O1   doub N N 84  
EIC C1  O2   sing N N 85  
EIC C2  C3   sing N N 86  
EIC C2  H21  sing N N 87  
EIC C2  H22  sing N N 88  
EIC C3  C4   sing N N 89  
EIC C3  H31  sing N N 90  
EIC C3  H32  sing N N 91  
EIC C4  C5   sing N N 92  
EIC C4  H41  sing N N 93  
EIC C4  H42  sing N N 94  
EIC C5  C6   sing N N 95  
EIC C5  H51  sing N N 96  
EIC C5  H52  sing N N 97  
EIC C6  C7   sing N N 98  
EIC C6  H61  sing N N 99  
EIC C6  H62  sing N N 100 
EIC C7  C8   sing N N 101 
EIC C7  H71  sing N N 102 
EIC C7  H72  sing N N 103 
EIC C8  C9   sing N N 104 
EIC C8  H81  sing N N 105 
EIC C8  H82  sing N N 106 
EIC C9  C10  doub N Z 107 
EIC C9  H91  sing N N 108 
EIC C10 C11  sing N N 109 
EIC C10 H1O1 sing N N 110 
EIC C11 C12  sing N N 111 
EIC C11 H111 sing N N 112 
EIC C11 H112 sing N N 113 
EIC C12 C13  doub N Z 114 
EIC C12 H121 sing N N 115 
EIC C13 C14  sing N N 116 
EIC C13 H131 sing N N 117 
EIC C14 C15  sing N N 118 
EIC C14 H141 sing N N 119 
EIC C14 H142 sing N N 120 
EIC C15 C16  sing N N 121 
EIC C15 H151 sing N N 122 
EIC C15 H152 sing N N 123 
EIC C16 C17  sing N N 124 
EIC C16 H161 sing N N 125 
EIC C16 H162 sing N N 126 
EIC C17 C18  sing N N 127 
EIC C17 H171 sing N N 128 
EIC C17 H172 sing N N 129 
EIC C18 H181 sing N N 130 
EIC C18 H182 sing N N 131 
EIC C18 H183 sing N N 132 
EIC O2  HO2  sing N N 133 
GLN N   CA   sing N N 134 
GLN N   H    sing N N 135 
GLN N   H2   sing N N 136 
GLN CA  C    sing N N 137 
GLN CA  CB   sing N N 138 
GLN CA  HA   sing N N 139 
GLN C   O    doub N N 140 
GLN C   OXT  sing N N 141 
GLN CB  CG   sing N N 142 
GLN CB  HB2  sing N N 143 
GLN CB  HB3  sing N N 144 
GLN CG  CD   sing N N 145 
GLN CG  HG2  sing N N 146 
GLN CG  HG3  sing N N 147 
GLN CD  OE1  doub N N 148 
GLN CD  NE2  sing N N 149 
GLN NE2 HE21 sing N N 150 
GLN NE2 HE22 sing N N 151 
GLN OXT HXT  sing N N 152 
GLU N   CA   sing N N 153 
GLU N   H    sing N N 154 
GLU N   H2   sing N N 155 
GLU CA  C    sing N N 156 
GLU CA  CB   sing N N 157 
GLU CA  HA   sing N N 158 
GLU C   O    doub N N 159 
GLU C   OXT  sing N N 160 
GLU CB  CG   sing N N 161 
GLU CB  HB2  sing N N 162 
GLU CB  HB3  sing N N 163 
GLU CG  CD   sing N N 164 
GLU CG  HG2  sing N N 165 
GLU CG  HG3  sing N N 166 
GLU CD  OE1  doub N N 167 
GLU CD  OE2  sing N N 168 
GLU OE2 HE2  sing N N 169 
GLU OXT HXT  sing N N 170 
GLY N   CA   sing N N 171 
GLY N   H    sing N N 172 
GLY N   H2   sing N N 173 
GLY CA  C    sing N N 174 
GLY CA  HA2  sing N N 175 
GLY CA  HA3  sing N N 176 
GLY C   O    doub N N 177 
GLY C   OXT  sing N N 178 
GLY OXT HXT  sing N N 179 
HIS N   CA   sing N N 180 
HIS N   H    sing N N 181 
HIS N   H2   sing N N 182 
HIS CA  C    sing N N 183 
HIS CA  CB   sing N N 184 
HIS CA  HA   sing N N 185 
HIS C   O    doub N N 186 
HIS C   OXT  sing N N 187 
HIS CB  CG   sing N N 188 
HIS CB  HB2  sing N N 189 
HIS CB  HB3  sing N N 190 
HIS CG  ND1  sing Y N 191 
HIS CG  CD2  doub Y N 192 
HIS ND1 CE1  doub Y N 193 
HIS ND1 HD1  sing N N 194 
HIS CD2 NE2  sing Y N 195 
HIS CD2 HD2  sing N N 196 
HIS CE1 NE2  sing Y N 197 
HIS CE1 HE1  sing N N 198 
HIS NE2 HE2  sing N N 199 
HIS OXT HXT  sing N N 200 
HOH O   H1   sing N N 201 
HOH O   H2   sing N N 202 
ILE N   CA   sing N N 203 
ILE N   H    sing N N 204 
ILE N   H2   sing N N 205 
ILE CA  C    sing N N 206 
ILE CA  CB   sing N N 207 
ILE CA  HA   sing N N 208 
ILE C   O    doub N N 209 
ILE C   OXT  sing N N 210 
ILE CB  CG1  sing N N 211 
ILE CB  CG2  sing N N 212 
ILE CB  HB   sing N N 213 
ILE CG1 CD1  sing N N 214 
ILE CG1 HG12 sing N N 215 
ILE CG1 HG13 sing N N 216 
ILE CG2 HG21 sing N N 217 
ILE CG2 HG22 sing N N 218 
ILE CG2 HG23 sing N N 219 
ILE CD1 HD11 sing N N 220 
ILE CD1 HD12 sing N N 221 
ILE CD1 HD13 sing N N 222 
ILE OXT HXT  sing N N 223 
LEU N   CA   sing N N 224 
LEU N   H    sing N N 225 
LEU N   H2   sing N N 226 
LEU CA  C    sing N N 227 
LEU CA  CB   sing N N 228 
LEU CA  HA   sing N N 229 
LEU C   O    doub N N 230 
LEU C   OXT  sing N N 231 
LEU CB  CG   sing N N 232 
LEU CB  HB2  sing N N 233 
LEU CB  HB3  sing N N 234 
LEU CG  CD1  sing N N 235 
LEU CG  CD2  sing N N 236 
LEU CG  HG   sing N N 237 
LEU CD1 HD11 sing N N 238 
LEU CD1 HD12 sing N N 239 
LEU CD1 HD13 sing N N 240 
LEU CD2 HD21 sing N N 241 
LEU CD2 HD22 sing N N 242 
LEU CD2 HD23 sing N N 243 
LEU OXT HXT  sing N N 244 
LYS N   CA   sing N N 245 
LYS N   H    sing N N 246 
LYS N   H2   sing N N 247 
LYS CA  C    sing N N 248 
LYS CA  CB   sing N N 249 
LYS CA  HA   sing N N 250 
LYS C   O    doub N N 251 
LYS C   OXT  sing N N 252 
LYS CB  CG   sing N N 253 
LYS CB  HB2  sing N N 254 
LYS CB  HB3  sing N N 255 
LYS CG  CD   sing N N 256 
LYS CG  HG2  sing N N 257 
LYS CG  HG3  sing N N 258 
LYS CD  CE   sing N N 259 
LYS CD  HD2  sing N N 260 
LYS CD  HD3  sing N N 261 
LYS CE  NZ   sing N N 262 
LYS CE  HE2  sing N N 263 
LYS CE  HE3  sing N N 264 
LYS NZ  HZ1  sing N N 265 
LYS NZ  HZ2  sing N N 266 
LYS NZ  HZ3  sing N N 267 
LYS OXT HXT  sing N N 268 
MET N   CA   sing N N 269 
MET N   H    sing N N 270 
MET N   H2   sing N N 271 
MET CA  C    sing N N 272 
MET CA  CB   sing N N 273 
MET CA  HA   sing N N 274 
MET C   O    doub N N 275 
MET C   OXT  sing N N 276 
MET CB  CG   sing N N 277 
MET CB  HB2  sing N N 278 
MET CB  HB3  sing N N 279 
MET CG  SD   sing N N 280 
MET CG  HG2  sing N N 281 
MET CG  HG3  sing N N 282 
MET SD  CE   sing N N 283 
MET CE  HE1  sing N N 284 
MET CE  HE2  sing N N 285 
MET CE  HE3  sing N N 286 
MET OXT HXT  sing N N 287 
PHE N   CA   sing N N 288 
PHE N   H    sing N N 289 
PHE N   H2   sing N N 290 
PHE CA  C    sing N N 291 
PHE CA  CB   sing N N 292 
PHE CA  HA   sing N N 293 
PHE C   O    doub N N 294 
PHE C   OXT  sing N N 295 
PHE CB  CG   sing N N 296 
PHE CB  HB2  sing N N 297 
PHE CB  HB3  sing N N 298 
PHE CG  CD1  doub Y N 299 
PHE CG  CD2  sing Y N 300 
PHE CD1 CE1  sing Y N 301 
PHE CD1 HD1  sing N N 302 
PHE CD2 CE2  doub Y N 303 
PHE CD2 HD2  sing N N 304 
PHE CE1 CZ   doub Y N 305 
PHE CE1 HE1  sing N N 306 
PHE CE2 CZ   sing Y N 307 
PHE CE2 HE2  sing N N 308 
PHE CZ  HZ   sing N N 309 
PHE OXT HXT  sing N N 310 
PRO N   CA   sing N N 311 
PRO N   CD   sing N N 312 
PRO N   H    sing N N 313 
PRO CA  C    sing N N 314 
PRO CA  CB   sing N N 315 
PRO CA  HA   sing N N 316 
PRO C   O    doub N N 317 
PRO C   OXT  sing N N 318 
PRO CB  CG   sing N N 319 
PRO CB  HB2  sing N N 320 
PRO CB  HB3  sing N N 321 
PRO CG  CD   sing N N 322 
PRO CG  HG2  sing N N 323 
PRO CG  HG3  sing N N 324 
PRO CD  HD2  sing N N 325 
PRO CD  HD3  sing N N 326 
PRO OXT HXT  sing N N 327 
SER N   CA   sing N N 328 
SER N   H    sing N N 329 
SER N   H2   sing N N 330 
SER CA  C    sing N N 331 
SER CA  CB   sing N N 332 
SER CA  HA   sing N N 333 
SER C   O    doub N N 334 
SER C   OXT  sing N N 335 
SER CB  OG   sing N N 336 
SER CB  HB2  sing N N 337 
SER CB  HB3  sing N N 338 
SER OG  HG   sing N N 339 
SER OXT HXT  sing N N 340 
SO4 S   O1   doub N N 341 
SO4 S   O2   doub N N 342 
SO4 S   O3   sing N N 343 
SO4 S   O4   sing N N 344 
THR N   CA   sing N N 345 
THR N   H    sing N N 346 
THR N   H2   sing N N 347 
THR CA  C    sing N N 348 
THR CA  CB   sing N N 349 
THR CA  HA   sing N N 350 
THR C   O    doub N N 351 
THR C   OXT  sing N N 352 
THR CB  OG1  sing N N 353 
THR CB  CG2  sing N N 354 
THR CB  HB   sing N N 355 
THR OG1 HG1  sing N N 356 
THR CG2 HG21 sing N N 357 
THR CG2 HG22 sing N N 358 
THR CG2 HG23 sing N N 359 
THR OXT HXT  sing N N 360 
TRP N   CA   sing N N 361 
TRP N   H    sing N N 362 
TRP N   H2   sing N N 363 
TRP CA  C    sing N N 364 
TRP CA  CB   sing N N 365 
TRP CA  HA   sing N N 366 
TRP C   O    doub N N 367 
TRP C   OXT  sing N N 368 
TRP CB  CG   sing N N 369 
TRP CB  HB2  sing N N 370 
TRP CB  HB3  sing N N 371 
TRP CG  CD1  doub Y N 372 
TRP CG  CD2  sing Y N 373 
TRP CD1 NE1  sing Y N 374 
TRP CD1 HD1  sing N N 375 
TRP CD2 CE2  doub Y N 376 
TRP CD2 CE3  sing Y N 377 
TRP NE1 CE2  sing Y N 378 
TRP NE1 HE1  sing N N 379 
TRP CE2 CZ2  sing Y N 380 
TRP CE3 CZ3  doub Y N 381 
TRP CE3 HE3  sing N N 382 
TRP CZ2 CH2  doub Y N 383 
TRP CZ2 HZ2  sing N N 384 
TRP CZ3 CH2  sing Y N 385 
TRP CZ3 HZ3  sing N N 386 
TRP CH2 HH2  sing N N 387 
TRP OXT HXT  sing N N 388 
TYR N   CA   sing N N 389 
TYR N   H    sing N N 390 
TYR N   H2   sing N N 391 
TYR CA  C    sing N N 392 
TYR CA  CB   sing N N 393 
TYR CA  HA   sing N N 394 
TYR C   O    doub N N 395 
TYR C   OXT  sing N N 396 
TYR CB  CG   sing N N 397 
TYR CB  HB2  sing N N 398 
TYR CB  HB3  sing N N 399 
TYR CG  CD1  doub Y N 400 
TYR CG  CD2  sing Y N 401 
TYR CD1 CE1  sing Y N 402 
TYR CD1 HD1  sing N N 403 
TYR CD2 CE2  doub Y N 404 
TYR CD2 HD2  sing N N 405 
TYR CE1 CZ   doub Y N 406 
TYR CE1 HE1  sing N N 407 
TYR CE2 CZ   sing Y N 408 
TYR CE2 HE2  sing N N 409 
TYR CZ  OH   sing N N 410 
TYR OH  HH   sing N N 411 
TYR OXT HXT  sing N N 412 
VAL N   CA   sing N N 413 
VAL N   H    sing N N 414 
VAL N   H2   sing N N 415 
VAL CA  C    sing N N 416 
VAL CA  CB   sing N N 417 
VAL CA  HA   sing N N 418 
VAL C   O    doub N N 419 
VAL C   OXT  sing N N 420 
VAL CB  CG1  sing N N 421 
VAL CB  CG2  sing N N 422 
VAL CB  HB   sing N N 423 
VAL CG1 HG11 sing N N 424 
VAL CG1 HG12 sing N N 425 
VAL CG1 HG13 sing N N 426 
VAL CG2 HG21 sing N N 427 
VAL CG2 HG22 sing N N 428 
VAL CG2 HG23 sing N N 429 
VAL OXT HXT  sing N N 430 
# 
_atom_sites.entry_id                    2Q9S 
_atom_sites.fract_transf_matrix[1][1]   0.00639297 
_atom_sites.fract_transf_matrix[1][2]   -0.00292573 
_atom_sites.fract_transf_matrix[1][3]   -0.01080738 
_atom_sites.fract_transf_matrix[2][1]   -0.00712853 
_atom_sites.fract_transf_matrix[2][2]   0.00508132 
_atom_sites.fract_transf_matrix[2][3]   -0.00559239 
_atom_sites.fract_transf_matrix[3][1]   0.01066669 
_atom_sites.fract_transf_matrix[3][2]   0.01687943 
_atom_sites.fract_transf_matrix[3][3]   0.00174022 
_atom_sites.fract_transf_vector[1]      0.122812 
_atom_sites.fract_transf_vector[2]      0.161108 
_atom_sites.fract_transf_vector[3]      -0.065840 
# 
loop_
_atom_type.symbol 
C 
N 
O 
S 
# 
loop_
_atom_site.group_PDB 
_atom_site.id 
_atom_site.type_symbol 
_atom_site.label_atom_id 
_atom_site.label_alt_id 
_atom_site.label_comp_id 
_atom_site.label_asym_id 
_atom_site.label_entity_id 
_atom_site.label_seq_id 
_atom_site.pdbx_PDB_ins_code 
_atom_site.Cartn_x 
_atom_site.Cartn_y 
_atom_site.Cartn_z 
_atom_site.occupancy 
_atom_site.B_iso_or_equiv 
_atom_site.pdbx_formal_charge 
_atom_site.auth_seq_id 
_atom_site.auth_comp_id 
_atom_site.auth_asym_id 
_atom_site.auth_atom_id 
_atom_site.pdbx_PDB_model_num 
ATOM   1    N N   . CYS A 1 25  ? 4.751   7.893   13.971  1.00 27.67 ? 1   CYS A N   1 
ATOM   2    C CA  . CYS A 1 25  ? 3.599   7.234   13.280  1.00 28.15 ? 1   CYS A CA  1 
ATOM   3    C C   . CYS A 1 25  ? 2.379   8.150   13.114  1.00 27.57 ? 1   CYS A C   1 
ATOM   4    O O   . CYS A 1 25  ? 1.590   7.955   12.194  1.00 27.18 ? 1   CYS A O   1 
ATOM   5    C CB  . CYS A 1 25  ? 3.182   5.963   14.023  1.00 28.26 ? 1   CYS A CB  1 
ATOM   6    S SG  . CYS A 1 25  ? 3.763   4.437   13.251  1.00 30.54 ? 1   CYS A SG  1 
ATOM   7    N N   . ASP A 1 26  ? 2.223   9.126   14.011  1.00 27.03 ? 2   ASP A N   1 
ATOM   8    C CA  . ASP A 1 26  ? 1.093   10.061  13.952  1.00 26.99 ? 2   ASP A CA  1 
ATOM   9    C C   . ASP A 1 26  ? 1.095   10.967  12.713  1.00 26.46 ? 2   ASP A C   1 
ATOM   10   O O   . ASP A 1 26  ? 0.063   11.546  12.389  1.00 26.40 ? 2   ASP A O   1 
ATOM   11   C CB  . ASP A 1 26  ? 1.037   10.943  15.209  1.00 27.07 ? 2   ASP A CB  1 
ATOM   12   C CG  . ASP A 1 26  ? 0.457   10.217  16.415  1.00 27.98 ? 2   ASP A CG  1 
ATOM   13   O OD1 . ASP A 1 26  ? 0.439   10.824  17.509  1.00 29.12 ? 2   ASP A OD1 1 
ATOM   14   O OD2 . ASP A 1 26  ? 0.004   9.050   16.374  1.00 29.09 ? 2   ASP A OD2 1 
ATOM   15   N N   . ALA A 1 27  ? 2.244   11.110  12.045  1.00 25.89 ? 3   ALA A N   1 
ATOM   16   C CA  . ALA A 1 27  ? 2.328   11.879  10.797  1.00 25.53 ? 3   ALA A CA  1 
ATOM   17   C C   . ALA A 1 27  ? 1.501   11.232  9.678   1.00 25.01 ? 3   ALA A C   1 
ATOM   18   O O   . ALA A 1 27  ? 0.984   11.920  8.802   1.00 25.63 ? 3   ALA A O   1 
ATOM   19   C CB  . ALA A 1 27  ? 3.777   12.033  10.355  1.00 25.38 ? 3   ALA A CB  1 
ATOM   20   N N   . PHE A 1 28  ? 1.380   9.911   9.731   1.00 24.21 ? 4   PHE A N   1 
ATOM   21   C CA  . PHE A 1 28  ? 0.625   9.142   8.750   1.00 23.99 ? 4   PHE A CA  1 
ATOM   22   C C   . PHE A 1 28  ? -0.866  9.022   9.064   1.00 23.74 ? 4   PHE A C   1 
ATOM   23   O O   . PHE A 1 28  ? -1.639  8.599   8.212   1.00 23.71 ? 4   PHE A O   1 
ATOM   24   C CB  . PHE A 1 28  ? 1.225   7.738   8.630   1.00 23.55 ? 4   PHE A CB  1 
ATOM   25   C CG  . PHE A 1 28  ? 2.629   7.734   8.124   1.00 23.25 ? 4   PHE A CG  1 
ATOM   26   C CD1 . PHE A 1 28  ? 2.886   7.746   6.758   1.00 22.84 ? 4   PHE A CD1 1 
ATOM   27   C CD2 . PHE A 1 28  ? 3.697   7.726   9.008   1.00 23.09 ? 4   PHE A CD2 1 
ATOM   28   C CE1 . PHE A 1 28  ? 4.188   7.751   6.284   1.00 22.60 ? 4   PHE A CE1 1 
ATOM   29   C CE2 . PHE A 1 28  ? 5.004   7.732   8.543   1.00 23.06 ? 4   PHE A CE2 1 
ATOM   30   C CZ  . PHE A 1 28  ? 5.250   7.744   7.180   1.00 23.11 ? 4   PHE A CZ  1 
ATOM   31   N N   . VAL A 1 29  ? -1.267  9.374   10.280  1.00 23.65 ? 5   VAL A N   1 
ATOM   32   C CA  . VAL A 1 29  ? -2.652  9.185   10.708  1.00 23.66 ? 5   VAL A CA  1 
ATOM   33   C C   . VAL A 1 29  ? -3.584  10.157  9.992   1.00 23.43 ? 5   VAL A C   1 
ATOM   34   O O   . VAL A 1 29  ? -3.293  11.342  9.903   1.00 23.49 ? 5   VAL A O   1 
ATOM   35   C CB  . VAL A 1 29  ? -2.807  9.330   12.249  1.00 23.69 ? 5   VAL A CB  1 
ATOM   36   C CG1 . VAL A 1 29  ? -4.288  9.373   12.667  1.00 23.46 ? 5   VAL A CG1 1 
ATOM   37   C CG2 . VAL A 1 29  ? -2.096  8.189   12.953  1.00 23.59 ? 5   VAL A CG2 1 
ATOM   38   N N   . GLY A 1 30  ? -4.693  9.627   9.480   1.00 23.49 ? 6   GLY A N   1 
ATOM   39   C CA  . GLY A 1 30  ? -5.750  10.422  8.873   1.00 23.58 ? 6   GLY A CA  1 
ATOM   40   C C   . GLY A 1 30  ? -6.431  9.721   7.712   1.00 23.86 ? 6   GLY A C   1 
ATOM   41   O O   . GLY A 1 30  ? -6.196  8.538   7.454   1.00 23.79 ? 6   GLY A O   1 
ATOM   42   N N   . THR A 1 31  ? -7.293  10.456  7.017   1.00 24.25 ? 7   THR A N   1 
ATOM   43   C CA  . THR A 1 31  ? -7.919  9.977   5.789   1.00 24.55 ? 7   THR A CA  1 
ATOM   44   C C   . THR A 1 31  ? -7.245  10.641  4.593   1.00 24.89 ? 7   THR A C   1 
ATOM   45   O O   . THR A 1 31  ? -7.012  11.849  4.592   1.00 24.81 ? 7   THR A O   1 
ATOM   46   C CB  . THR A 1 31  ? -9.417  10.278  5.799   1.00 24.50 ? 7   THR A CB  1 
ATOM   47   O OG1 . THR A 1 31  ? -10.019 9.659   6.941   1.00 24.82 ? 7   THR A OG1 1 
ATOM   48   C CG2 . THR A 1 31  ? -10.121 9.622   4.609   1.00 24.62 ? 7   THR A CG2 1 
ATOM   49   N N   . TRP A 1 32  ? -6.937  9.830   3.587   1.00 25.29 ? 8   TRP A N   1 
ATOM   50   C CA  . TRP A 1 32  ? -6.151  10.246  2.431   1.00 25.54 ? 8   TRP A CA  1 
ATOM   51   C C   . TRP A 1 32  ? -6.888  9.829   1.165   1.00 25.84 ? 8   TRP A C   1 
ATOM   52   O O   . TRP A 1 32  ? -7.387  8.712   1.086   1.00 25.77 ? 8   TRP A O   1 
ATOM   53   C CB  . TRP A 1 32  ? -4.762  9.592   2.466   1.00 25.51 ? 8   TRP A CB  1 
ATOM   54   C CG  . TRP A 1 32  ? -3.984  9.895   3.710   1.00 25.53 ? 8   TRP A CG  1 
ATOM   55   C CD1 . TRP A 1 32  ? -3.939  9.146   4.849   1.00 25.19 ? 8   TRP A CD1 1 
ATOM   56   C CD2 . TRP A 1 32  ? -3.144  11.031  3.947   1.00 24.95 ? 8   TRP A CD2 1 
ATOM   57   N NE1 . TRP A 1 32  ? -3.123  9.743   5.778   1.00 24.84 ? 8   TRP A NE1 1 
ATOM   58   C CE2 . TRP A 1 32  ? -2.623  10.905  5.252   1.00 25.07 ? 8   TRP A CE2 1 
ATOM   59   C CE3 . TRP A 1 32  ? -2.772  12.142  3.186   1.00 25.17 ? 8   TRP A CE3 1 
ATOM   60   C CZ2 . TRP A 1 32  ? -1.754  11.849  5.812   1.00 25.20 ? 8   TRP A CZ2 1 
ATOM   61   C CZ3 . TRP A 1 32  ? -1.907  13.085  3.744   1.00 25.43 ? 8   TRP A CZ3 1 
ATOM   62   C CH2 . TRP A 1 32  ? -1.408  12.928  5.042   1.00 25.22 ? 8   TRP A CH2 1 
ATOM   63   N N   . LYS A 1 33  ? -6.959  10.720  0.182   1.00 26.33 ? 9   LYS A N   1 
ATOM   64   C CA  . LYS A 1 33  ? -7.664  10.434  -1.072  1.00 26.68 ? 9   LYS A CA  1 
ATOM   65   C C   . LYS A 1 33  ? -6.670  10.427  -2.223  1.00 26.76 ? 9   LYS A C   1 
ATOM   66   O O   . LYS A 1 33  ? -5.712  11.192  -2.215  1.00 26.94 ? 9   LYS A O   1 
ATOM   67   C CB  . LYS A 1 33  ? -8.784  11.450  -1.325  1.00 26.74 ? 9   LYS A CB  1 
ATOM   68   C CG  . LYS A 1 33  ? -8.418  12.911  -1.074  1.00 27.32 ? 9   LYS A CG  1 
ATOM   69   C CD  . LYS A 1 33  ? -9.601  13.848  -1.383  1.00 27.81 ? 9   LYS A CD  1 
ATOM   70   C CE  . LYS A 1 33  ? -9.370  14.660  -2.647  1.00 27.79 ? 9   LYS A CE  1 
ATOM   71   N NZ  . LYS A 1 33  ? -10.561 15.491  -3.003  1.00 28.56 ? 9   LYS A NZ  1 
ATOM   72   N N   . LEU A 1 34  ? -6.889  9.552   -3.202  1.00 26.93 ? 10  LEU A N   1 
ATOM   73   C CA  . LEU A 1 34  ? -5.972  9.449   -4.332  1.00 26.99 ? 10  LEU A CA  1 
ATOM   74   C C   . LEU A 1 34  ? -6.041  10.716  -5.167  1.00 26.90 ? 10  LEU A C   1 
ATOM   75   O O   . LEU A 1 34  ? -7.120  11.238  -5.443  1.00 27.22 ? 10  LEU A O   1 
ATOM   76   C CB  . LEU A 1 34  ? -6.266  8.230   -5.211  1.00 27.03 ? 10  LEU A CB  1 
ATOM   77   C CG  . LEU A 1 34  ? -5.139  7.919   -6.213  1.00 26.88 ? 10  LEU A CG  1 
ATOM   78   C CD1 . LEU A 1 34  ? -3.941  7.289   -5.510  1.00 26.15 ? 10  LEU A CD1 1 
ATOM   79   C CD2 . LEU A 1 34  ? -5.629  7.030   -7.352  1.00 27.14 ? 10  LEU A CD2 1 
ATOM   80   N N   . VAL A 1 35  ? -4.867  11.190  -5.559  1.00 26.73 ? 11  VAL A N   1 
ATOM   81   C CA  . VAL A 1 35  ? -4.697  12.466  -6.237  1.00 26.61 ? 11  VAL A CA  1 
ATOM   82   C C   . VAL A 1 35  ? -4.005  12.258  -7.588  1.00 26.42 ? 11  VAL A C   1 
ATOM   83   O O   . VAL A 1 35  ? -4.297  12.964  -8.552  1.00 26.48 ? 11  VAL A O   1 
ATOM   84   C CB  . VAL A 1 35  ? -3.913  13.455  -5.316  1.00 26.58 ? 11  VAL A CB  1 
ATOM   85   C CG1 . VAL A 1 35  ? -2.857  14.256  -6.075  1.00 27.05 ? 11  VAL A CG1 1 
ATOM   86   C CG2 . VAL A 1 35  ? -4.880  14.385  -4.595  1.00 26.59 ? 11  VAL A CG2 1 
ATOM   87   N N   . SER A 1 36  ? -3.084  11.297  -7.649  1.00 26.20 ? 12  SER A N   1 
ATOM   88   C CA  . SER A 1 36  ? -2.373  10.978  -8.884  1.00 26.05 ? 12  SER A CA  1 
ATOM   89   C C   . SER A 1 36  ? -1.859  9.543   -8.872  1.00 25.82 ? 12  SER A C   1 
ATOM   90   O O   . SER A 1 36  ? -1.599  8.981   -7.814  1.00 25.56 ? 12  SER A O   1 
ATOM   91   C CB  . SER A 1 36  ? -1.198  11.941  -9.083  1.00 26.10 ? 12  SER A CB  1 
ATOM   92   O OG  . SER A 1 36  ? -0.076  11.540  -8.308  1.00 26.41 ? 12  SER A OG  1 
ATOM   93   N N   . SER A 1 37  ? -1.714  8.962   -10.059 1.00 25.62 ? 13  SER A N   1 
ATOM   94   C CA  . SER A 1 37  ? -1.135  7.628   -10.217 1.00 25.54 ? 13  SER A CA  1 
ATOM   95   C C   . SER A 1 37  ? -0.253  7.574   -11.459 1.00 25.42 ? 13  SER A C   1 
ATOM   96   O O   . SER A 1 37  ? -0.594  8.145   -12.494 1.00 25.52 ? 13  SER A O   1 
ATOM   97   C CB  . SER A 1 37  ? -2.234  6.571   -10.322 1.00 25.65 ? 13  SER A CB  1 
ATOM   98   O OG  . SER A 1 37  ? -1.682  5.263   -10.316 1.00 25.65 ? 13  SER A OG  1 
ATOM   99   N N   . GLU A 1 38  ? 0.872   6.870   -11.354 1.00 25.22 ? 14  GLU A N   1 
ATOM   100  C CA  . GLU A 1 38  ? 1.848   6.791   -12.437 1.00 24.99 ? 14  GLU A CA  1 
ATOM   101  C C   . GLU A 1 38  ? 2.490   5.405   -12.486 1.00 24.79 ? 14  GLU A C   1 
ATOM   102  O O   . GLU A 1 38  ? 3.037   4.938   -11.486 1.00 24.45 ? 14  GLU A O   1 
ATOM   103  C CB  . GLU A 1 38  ? 2.924   7.867   -12.252 1.00 25.14 ? 14  GLU A CB  1 
ATOM   104  C CG  . GLU A 1 38  ? 2.363   9.282   -12.164 1.00 25.62 ? 14  GLU A CG  1 
ATOM   105  C CD  . GLU A 1 38  ? 3.393   10.354  -12.446 1.00 26.29 ? 14  GLU A CD  1 
ATOM   106  O OE1 . GLU A 1 38  ? 4.369   10.454  -11.682 1.00 27.05 ? 14  GLU A OE1 1 
ATOM   107  O OE2 . GLU A 1 38  ? 3.223   11.105  -13.427 1.00 27.32 ? 14  GLU A OE2 1 
ATOM   108  N N   . ASN A 1 39  ? 2.404   4.747   -13.645 1.00 24.37 ? 15  ASN A N   1 
ATOM   109  C CA  . ASN A 1 39  ? 3.049   3.446   -13.867 1.00 24.17 ? 15  ASN A CA  1 
ATOM   110  C C   . ASN A 1 39  ? 2.436   2.302   -13.031 1.00 23.89 ? 15  ASN A C   1 
ATOM   111  O O   . ASN A 1 39  ? 3.066   1.263   -12.838 1.00 23.52 ? 15  ASN A O   1 
ATOM   112  C CB  . ASN A 1 39  ? 4.568   3.571   -13.606 1.00 24.31 ? 15  ASN A CB  1 
ATOM   113  C CG  . ASN A 1 39  ? 5.419   2.681   -14.515 1.00 24.51 ? 15  ASN A CG  1 
ATOM   114  O OD1 . ASN A 1 39  ? 5.050   2.381   -15.647 1.00 25.52 ? 15  ASN A OD1 1 
ATOM   115  N ND2 . ASN A 1 39  ? 6.583   2.277   -14.016 1.00 24.78 ? 15  ASN A ND2 1 
ATOM   116  N N   . PHE A 1 40  ? 1.198   2.492   -12.569 1.00 23.75 ? 16  PHE A N   1 
ATOM   117  C CA  . PHE A 1 40  ? 0.529   1.533   -11.682 1.00 23.86 ? 16  PHE A CA  1 
ATOM   118  C C   . PHE A 1 40  ? 0.094   0.263   -12.412 1.00 23.81 ? 16  PHE A C   1 
ATOM   119  O O   . PHE A 1 40  ? 0.179   -0.836  -11.862 1.00 23.47 ? 16  PHE A O   1 
ATOM   120  C CB  . PHE A 1 40  ? -0.686  2.188   -11.010 1.00 23.98 ? 16  PHE A CB  1 
ATOM   121  C CG  . PHE A 1 40  ? -1.350  1.330   -9.949  1.00 24.73 ? 16  PHE A CG  1 
ATOM   122  C CD1 . PHE A 1 40  ? -0.614  0.786   -8.900  1.00 25.27 ? 16  PHE A CD1 1 
ATOM   123  C CD2 . PHE A 1 40  ? -2.720  1.086   -9.993  1.00 25.69 ? 16  PHE A CD2 1 
ATOM   124  C CE1 . PHE A 1 40  ? -1.234  -0.001  -7.918  1.00 25.71 ? 16  PHE A CE1 1 
ATOM   125  C CE2 . PHE A 1 40  ? -3.341  0.299   -9.016  1.00 25.87 ? 16  PHE A CE2 1 
ATOM   126  C CZ  . PHE A 1 40  ? -2.596  -0.239  -7.979  1.00 25.54 ? 16  PHE A CZ  1 
ATOM   127  N N   . ASP A 1 41  ? -0.386  0.418   -13.645 1.00 23.73 ? 17  ASP A N   1 
ATOM   128  C CA  . ASP A 1 41  ? -0.785  -0.728  -14.466 1.00 23.85 ? 17  ASP A CA  1 
ATOM   129  C C   . ASP A 1 41  ? 0.406   -1.640  -14.806 1.00 23.77 ? 17  ASP A C   1 
ATOM   130  O O   . ASP A 1 41  ? 0.251   -2.916  -14.933 1.00 23.79 ? 17  ASP A O   1 
ATOM   131  C CB  . ASP A 1 41  ? -1.447  -0.261  -15.764 1.00 24.01 ? 17  ASP A CB  1 
ATOM   132  C CG  . ASP A 1 41  ? -2.283  -1.345  -16.405 1.00 24.34 ? 17  ASP A CG  1 
ATOM   133  O OD1 . ASP A 1 41  ? -3.273  -1.803  -15.701 1.00 24.62 ? 17  ASP A OD1 1 
ATOM   134  O OD2 . ASP A 1 41  ? -2.021  -1.810  -17.589 1.00 24.16 ? 17  ASP A OD2 1 
ATOM   135  N N   . ASP A 1 42  ? 1.589   -0.976  -14.951 1.00 23.64 ? 18  ASP A N   1 
ATOM   136  C CA  . ASP A 1 42  ? 2.853   -1.682  -15.158 1.00 23.60 ? 18  ASP A CA  1 
ATOM   137  C C   . ASP A 1 42  ? 3.306   -2.450  -13.915 1.00 23.40 ? 18  ASP A C   1 
ATOM   138  O O   . ASP A 1 42  ? 3.835   -3.556  -14.028 1.00 23.12 ? 18  ASP A O   1 
ATOM   139  C CB  . ASP A 1 42  ? 3.945   -0.694  -15.569 1.00 23.59 ? 18  ASP A CB  1 
ATOM   140  C CG  . ASP A 1 42  ? 3.669   -0.053  -16.917 1.00 24.34 ? 18  ASP A CG  1 
ATOM   141  O OD1 . ASP A 1 42  ? 3.939   -0.700  -17.950 1.00 24.19 ? 18  ASP A OD1 1 
ATOM   142  O OD2 . ASP A 1 42  ? 3.181   1.091   -17.038 1.00 25.04 ? 18  ASP A OD2 1 
ATOM   143  N N   . TYR A 1 43  ? 3.102   -1.857  -12.737 1.00 23.24 ? 19  TYR A N   1 
ATOM   144  C CA  . TYR A 1 43  ? 3.515   -2.472  -11.476 1.00 23.19 ? 19  TYR A CA  1 
ATOM   145  C C   . TYR A 1 43  ? 2.665   -3.707  -11.186 1.00 23.04 ? 19  TYR A C   1 
ATOM   146  O O   . TYR A 1 43  ? 3.195   -4.771  -10.897 1.00 22.83 ? 19  TYR A O   1 
ATOM   147  C CB  . TYR A 1 43  ? 3.418   -1.469  -10.317 1.00 23.20 ? 19  TYR A CB  1 
ATOM   148  C CG  . TYR A 1 43  ? 3.498   -2.112  -8.948  1.00 23.13 ? 19  TYR A CG  1 
ATOM   149  C CD1 . TYR A 1 43  ? 4.714   -2.550  -8.430  1.00 23.03 ? 19  TYR A CD1 1 
ATOM   150  C CD2 . TYR A 1 43  ? 2.355   -2.289  -8.178  1.00 23.67 ? 19  TYR A CD2 1 
ATOM   151  C CE1 . TYR A 1 43  ? 4.789   -3.150  -7.175  1.00 23.66 ? 19  TYR A CE1 1 
ATOM   152  C CE2 . TYR A 1 43  ? 2.417   -2.884  -6.921  1.00 24.39 ? 19  TYR A CE2 1 
ATOM   153  C CZ  . TYR A 1 43  ? 3.635   -3.313  -6.427  1.00 23.85 ? 19  TYR A CZ  1 
ATOM   154  O OH  . TYR A 1 43  ? 3.691   -3.899  -5.189  1.00 24.32 ? 19  TYR A OH  1 
ATOM   155  N N   . MET A 1 44  ? 1.350   -3.548  -11.273 1.00 23.16 ? 20  MET A N   1 
ATOM   156  C CA  . MET A 1 44  ? 0.405   -4.649  -11.111 1.00 23.47 ? 20  MET A CA  1 
ATOM   157  C C   . MET A 1 44  ? 0.695   -5.809  -12.063 1.00 23.80 ? 20  MET A C   1 
ATOM   158  O O   . MET A 1 44  ? 0.467   -6.961  -11.713 1.00 23.97 ? 20  MET A O   1 
ATOM   159  C CB  . MET A 1 44  ? -1.025  -4.160  -11.351 1.00 23.41 ? 20  MET A CB  1 
ATOM   160  C CG  . MET A 1 44  ? -1.616  -3.387  -10.194 1.00 23.85 ? 20  MET A CG  1 
ATOM   161  S SD  . MET A 1 44  ? -3.391  -3.149  -10.359 1.00 24.29 ? 20  MET A SD  1 
ATOM   162  C CE  . MET A 1 44  ? -3.441  -1.932  -11.700 1.00 24.93 ? 20  MET A CE  1 
ATOM   163  N N   . LYS A 1 45  ? 1.193   -5.504  -13.259 1.00 23.94 ? 21  LYS A N   1 
ATOM   164  C CA  . LYS A 1 45  ? 1.520   -6.532  -14.240 1.00 24.31 ? 21  LYS A CA  1 
ATOM   165  C C   . LYS A 1 45  ? 2.709   -7.378  -13.790 1.00 24.45 ? 21  LYS A C   1 
ATOM   166  O O   . LYS A 1 45  ? 2.694   -8.604  -13.921 1.00 24.33 ? 21  LYS A O   1 
ATOM   167  N N   . GLU A 1 46  ? 3.731   -6.713  -13.253 1.00 24.60 ? 22  GLU A N   1 
ATOM   168  C CA  . GLU A 1 46  ? 4.930   -7.395  -12.772 1.00 24.86 ? 22  GLU A CA  1 
ATOM   169  C C   . GLU A 1 46  ? 4.631   -8.234  -11.521 1.00 24.82 ? 22  GLU A C   1 
ATOM   170  O O   . GLU A 1 46  ? 5.284   -9.252  -11.282 1.00 24.83 ? 22  GLU A O   1 
ATOM   171  C CB  . GLU A 1 46  ? 6.056   -6.384  -12.499 1.00 24.92 ? 22  GLU A CB  1 
ATOM   172  C CG  . GLU A 1 46  ? 7.439   -6.842  -12.948 1.00 25.65 ? 22  GLU A CG  1 
ATOM   173  C CD  . GLU A 1 46  ? 7.546   -7.035  -14.455 1.00 26.38 ? 22  GLU A CD  1 
ATOM   174  O OE1 . GLU A 1 46  ? 7.262   -6.077  -15.208 1.00 27.02 ? 22  GLU A OE1 1 
ATOM   175  O OE2 . GLU A 1 46  ? 7.913   -8.149  -14.894 1.00 26.99 ? 22  GLU A OE2 1 
ATOM   176  N N   . VAL A 1 47  ? 3.630   -7.808  -10.748 1.00 24.73 ? 23  VAL A N   1 
ATOM   177  C CA  . VAL A 1 47  ? 3.183   -8.525  -9.552  1.00 24.71 ? 23  VAL A CA  1 
ATOM   178  C C   . VAL A 1 47  ? 2.478   -9.833  -9.929  1.00 24.53 ? 23  VAL A C   1 
ATOM   179  O O   . VAL A 1 47  ? 2.587   -10.823 -9.211  1.00 24.60 ? 23  VAL A O   1 
ATOM   180  C CB  . VAL A 1 47  ? 2.250   -7.625  -8.675  1.00 24.79 ? 23  VAL A CB  1 
ATOM   181  C CG1 . VAL A 1 47  ? 1.497   -8.433  -7.617  1.00 24.97 ? 23  VAL A CG1 1 
ATOM   182  C CG2 . VAL A 1 47  ? 3.058   -6.516  -8.009  1.00 24.73 ? 23  VAL A CG2 1 
ATOM   183  N N   . GLY A 1 48  ? 1.784   -9.831  -11.068 1.00 24.40 ? 24  GLY A N   1 
ATOM   184  C CA  . GLY A 1 48  ? 1.053   -10.994 -11.555 1.00 24.17 ? 24  GLY A CA  1 
ATOM   185  C C   . GLY A 1 48  ? -0.456  -10.799 -11.640 1.00 24.02 ? 24  GLY A C   1 
ATOM   186  O O   . GLY A 1 48  ? -1.199  -11.767 -11.845 1.00 23.97 ? 24  GLY A O   1 
ATOM   187  N N   . VAL A 1 49  ? -0.905  -9.551  -11.502 1.00 23.83 ? 25  VAL A N   1 
ATOM   188  C CA  . VAL A 1 49  ? -2.330  -9.221  -11.477 1.00 23.72 ? 25  VAL A CA  1 
ATOM   189  C C   . VAL A 1 49  ? -2.953  -9.430  -12.860 1.00 23.52 ? 25  VAL A C   1 
ATOM   190  O O   . VAL A 1 49  ? -2.363  -9.057  -13.875 1.00 23.05 ? 25  VAL A O   1 
ATOM   191  C CB  . VAL A 1 49  ? -2.575  -7.758  -11.016 1.00 23.64 ? 25  VAL A CB  1 
ATOM   192  C CG1 . VAL A 1 49  ? -4.071  -7.452  -10.937 1.00 23.54 ? 25  VAL A CG1 1 
ATOM   193  C CG2 . VAL A 1 49  ? -1.918  -7.491  -9.652  1.00 24.12 ? 25  VAL A CG2 1 
ATOM   194  N N   . GLY A 1 50  ? -4.143  -10.033 -12.883 1.00 23.49 ? 26  GLY A N   1 
ATOM   195  C CA  . GLY A 1 50  ? -4.852  -10.317 -14.124 1.00 23.40 ? 26  GLY A CA  1 
ATOM   196  C C   . GLY A 1 50  ? -5.378  -9.061  -14.794 1.00 23.26 ? 26  GLY A C   1 
ATOM   197  O O   . GLY A 1 50  ? -5.422  -7.998  -14.174 1.00 23.19 ? 26  GLY A O   1 
ATOM   198  N N   . PHE A 1 51  ? -5.783  -9.197  -16.057 1.00 23.18 ? 27  PHE A N   1 
ATOM   199  C CA  . PHE A 1 51  ? -6.188  -8.070  -16.900 1.00 23.05 ? 27  PHE A CA  1 
ATOM   200  C C   . PHE A 1 51  ? -7.406  -7.348  -16.338 1.00 23.01 ? 27  PHE A C   1 
ATOM   201  O O   . PHE A 1 51  ? -7.332  -6.163  -16.044 1.00 22.95 ? 27  PHE A O   1 
ATOM   202  C CB  . PHE A 1 51  ? -6.482  -8.565  -18.327 1.00 23.22 ? 27  PHE A CB  1 
ATOM   203  C CG  . PHE A 1 51  ? -6.804  -7.467  -19.313 1.00 23.04 ? 27  PHE A CG  1 
ATOM   204  C CD1 . PHE A 1 51  ? -5.815  -6.945  -20.136 1.00 23.11 ? 27  PHE A CD1 1 
ATOM   205  C CD2 . PHE A 1 51  ? -8.098  -6.974  -19.433 1.00 22.98 ? 27  PHE A CD2 1 
ATOM   206  C CE1 . PHE A 1 51  ? -6.105  -5.941  -21.049 1.00 23.05 ? 27  PHE A CE1 1 
ATOM   207  C CE2 . PHE A 1 51  ? -8.395  -5.967  -20.345 1.00 23.08 ? 27  PHE A CE2 1 
ATOM   208  C CZ  . PHE A 1 51  ? -7.396  -5.450  -21.154 1.00 23.08 ? 27  PHE A CZ  1 
ATOM   209  N N   . ALA A 1 52  ? -8.522  -8.061  -16.195 1.00 23.09 ? 28  ALA A N   1 
ATOM   210  C CA  . ALA A 1 52  ? -9.765  -7.462  -15.690 1.00 23.14 ? 28  ALA A CA  1 
ATOM   211  C C   . ALA A 1 52  ? -9.615  -6.861  -14.282 1.00 23.15 ? 28  ALA A C   1 
ATOM   212  O O   . ALA A 1 52  ? -10.241 -5.844  -13.971 1.00 22.95 ? 28  ALA A O   1 
ATOM   213  C CB  . ALA A 1 52  ? -10.909 -8.474  -15.722 1.00 23.07 ? 28  ALA A CB  1 
ATOM   214  N N   . THR A 1 53  ? -8.789  -7.477  -13.440 1.00 23.21 ? 29  THR A N   1 
ATOM   215  C CA  . THR A 1 53  ? -8.517  -6.936  -12.107 1.00 23.38 ? 29  THR A CA  1 
ATOM   216  C C   . THR A 1 53  ? -7.745  -5.623  -12.207 1.00 23.39 ? 29  THR A C   1 
ATOM   217  O O   . THR A 1 53  ? -8.088  -4.647  -11.545 1.00 23.14 ? 29  THR A O   1 
ATOM   218  C CB  . THR A 1 53  ? -7.728  -7.942  -11.243 1.00 23.34 ? 29  THR A CB  1 
ATOM   219  O OG1 . THR A 1 53  ? -8.443  -9.178  -11.146 1.00 23.42 ? 29  THR A OG1 1 
ATOM   220  C CG2 . THR A 1 53  ? -7.641  -7.460  -9.807  1.00 23.59 ? 29  THR A CG2 1 
ATOM   221  N N   . ARG A 1 54  ? -6.710  -5.612  -13.046 1.00 23.73 ? 30  ARG A N   1 
ATOM   222  C CA  . ARG A 1 54  ? -5.913  -4.409  -13.308 1.00 24.19 ? 30  ARG A CA  1 
ATOM   223  C C   . ARG A 1 54  ? -6.756  -3.222  -13.794 1.00 24.54 ? 30  ARG A C   1 
ATOM   224  O O   . ARG A 1 54  ? -6.414  -2.076  -13.528 1.00 24.66 ? 30  ARG A O   1 
ATOM   225  C CB  . ARG A 1 54  ? -4.828  -4.699  -14.357 1.00 24.17 ? 30  ARG A CB  1 
ATOM   226  C CG  . ARG A 1 54  ? -3.567  -5.367  -13.826 1.00 24.26 ? 30  ARG A CG  1 
ATOM   227  C CD  . ARG A 1 54  ? -2.321  -5.106  -14.667 1.00 24.51 ? 30  ARG A CD  1 
ATOM   228  N NE  . ARG A 1 54  ? -2.603  -5.079  -16.105 1.00 24.89 ? 30  ARG A NE  1 
ATOM   229  C CZ  . ARG A 1 54  ? -2.724  -6.152  -16.896 1.00 24.76 ? 30  ARG A CZ  1 
ATOM   230  N NH1 . ARG A 1 54  ? -2.582  -7.383  -16.417 1.00 24.33 ? 30  ARG A NH1 1 
ATOM   231  N NH2 . ARG A 1 54  ? -2.985  -5.987  -18.190 1.00 24.71 ? 30  ARG A NH2 1 
ATOM   232  N N   . LYS A 1 55  ? -7.847  -3.502  -14.504 1.00 25.07 ? 31  LYS A N   1 
ATOM   233  C CA  . LYS A 1 55  ? -8.646  -2.459  -15.152 1.00 25.53 ? 31  LYS A CA  1 
ATOM   234  C C   . LYS A 1 55  ? -9.501  -1.694  -14.137 1.00 25.66 ? 31  LYS A C   1 
ATOM   235  O O   . LYS A 1 55  ? -9.485  -0.463  -14.120 1.00 25.96 ? 31  LYS A O   1 
ATOM   236  C CB  . LYS A 1 55  ? -9.529  -3.061  -16.267 1.00 25.64 ? 31  LYS A CB  1 
ATOM   237  C CG  . LYS A 1 55  ? -9.262  -2.540  -17.694 1.00 26.35 ? 31  LYS A CG  1 
ATOM   238  C CD  . LYS A 1 55  ? -7.774  -2.482  -18.104 1.00 27.11 ? 31  LYS A CD  1 
ATOM   239  C CE  . LYS A 1 55  ? -6.989  -3.742  -17.735 1.00 27.16 ? 31  LYS A CE  1 
ATOM   240  N NZ  . LYS A 1 55  ? -5.551  -3.674  -18.123 1.00 27.28 ? 31  LYS A NZ  1 
ATOM   241  N N   . VAL A 1 56  ? -10.239 -2.420  -13.300 1.00 25.73 ? 32  VAL A N   1 
ATOM   242  C CA  . VAL A 1 56  ? -11.110 -1.795  -12.299 1.00 25.81 ? 32  VAL A CA  1 
ATOM   243  C C   . VAL A 1 56  ? -10.313 -1.207  -11.125 1.00 25.98 ? 32  VAL A C   1 
ATOM   244  O O   . VAL A 1 56  ? -10.762 -0.260  -10.474 1.00 25.85 ? 32  VAL A O   1 
ATOM   245  C CB  . VAL A 1 56  ? -12.198 -2.775  -11.769 1.00 25.82 ? 32  VAL A CB  1 
ATOM   246  C CG1 . VAL A 1 56  ? -13.204 -3.095  -12.863 1.00 25.96 ? 32  VAL A CG1 1 
ATOM   247  C CG2 . VAL A 1 56  ? -11.586 -4.063  -11.211 1.00 25.94 ? 32  VAL A CG2 1 
ATOM   248  N N   . ALA A 1 57  ? -9.132  -1.768  -10.872 1.00 26.13 ? 33  ALA A N   1 
ATOM   249  C CA  . ALA A 1 57  ? -8.249  -1.297  -9.807  1.00 26.32 ? 33  ALA A CA  1 
ATOM   250  C C   . ALA A 1 57  ? -7.631  0.055   -10.156 1.00 26.43 ? 33  ALA A C   1 
ATOM   251  O O   . ALA A 1 57  ? -7.449  0.902   -9.285  1.00 26.35 ? 33  ALA A O   1 
ATOM   252  C CB  . ALA A 1 57  ? -7.157  -2.326  -9.530  1.00 26.36 ? 33  ALA A CB  1 
ATOM   253  N N   . GLY A 1 58  ? -7.319  0.253   -11.434 1.00 26.71 ? 34  GLY A N   1 
ATOM   254  C CA  . GLY A 1 58  ? -6.796  1.520   -11.916 1.00 26.75 ? 34  GLY A CA  1 
ATOM   255  C C   . GLY A 1 58  ? -7.835  2.630   -11.935 1.00 26.87 ? 34  GLY A C   1 
ATOM   256  O O   . GLY A 1 58  ? -7.479  3.815   -11.854 1.00 26.94 ? 34  GLY A O   1 
ATOM   257  N N   . MET A 1 59  ? -9.113  2.250   -12.039 1.00 27.00 ? 35  MET A N   1 
ATOM   258  C CA  . MET A 1 59  ? -10.216 3.215   -12.112 1.00 27.15 ? 35  MET A CA  1 
ATOM   259  C C   . MET A 1 59  ? -10.727 3.638   -10.731 1.00 27.20 ? 35  MET A C   1 
ATOM   260  O O   . MET A 1 59  ? -11.554 4.546   -10.627 1.00 27.10 ? 35  MET A O   1 
ATOM   261  C CB  . MET A 1 59  ? -11.385 2.618   -12.903 1.00 27.12 ? 35  MET A CB  1 
ATOM   262  C CG  . MET A 1 59  ? -11.089 2.346   -14.365 1.00 27.33 ? 35  MET A CG  1 
ATOM   263  S SD  . MET A 1 59  ? -12.357 1.294   -15.119 1.00 27.91 ? 35  MET A SD  1 
ATOM   264  C CE  . MET A 1 59  ? -11.611 0.952   -16.729 1.00 27.82 ? 35  MET A CE  1 
ATOM   265  N N   . ALA A 1 60  ? -10.227 2.988   -9.682  1.00 27.35 ? 36  ALA A N   1 
ATOM   266  C CA  . ALA A 1 60  ? -10.797 3.111   -8.338  1.00 27.52 ? 36  ALA A CA  1 
ATOM   267  C C   . ALA A 1 60  ? -10.762 4.522   -7.740  1.00 27.62 ? 36  ALA A C   1 
ATOM   268  O O   . ALA A 1 60  ? -11.813 5.074   -7.404  1.00 27.97 ? 36  ALA A O   1 
ATOM   269  C CB  . ALA A 1 60  ? -10.113 2.129   -7.391  1.00 27.49 ? 36  ALA A CB  1 
ATOM   270  N N   . LYS A 1 61  ? -9.568  5.101   -7.627  1.00 27.49 ? 37  LYS A N   1 
ATOM   271  C CA  . LYS A 1 61  ? -9.343  6.310   -6.819  1.00 27.55 ? 37  LYS A CA  1 
ATOM   272  C C   . LYS A 1 61  ? -9.783  6.087   -5.361  1.00 27.57 ? 37  LYS A C   1 
ATOM   273  O O   . LYS A 1 61  ? -10.757 6.678   -4.892  1.00 27.58 ? 37  LYS A O   1 
ATOM   274  C CB  . LYS A 1 61  ? -10.032 7.541   -7.427  1.00 27.47 ? 37  LYS A CB  1 
ATOM   275  C CG  . LYS A 1 61  ? -9.367  8.045   -8.700  1.00 27.54 ? 37  LYS A CG  1 
ATOM   276  C CD  . LYS A 1 61  ? -10.043 9.303   -9.227  1.00 27.54 ? 37  LYS A CD  1 
ATOM   277  C CE  . LYS A 1 61  ? -11.270 8.966   -10.059 1.00 27.68 ? 37  LYS A CE  1 
ATOM   278  N NZ  . LYS A 1 61  ? -11.996 10.186  -10.513 1.00 27.85 ? 37  LYS A NZ  1 
ATOM   279  N N   . PRO A 1 62  ? -9.053  5.230   -4.651  1.00 27.70 ? 38  PRO A N   1 
ATOM   280  C CA  . PRO A 1 62  ? -9.415  4.833   -3.284  1.00 27.91 ? 38  PRO A CA  1 
ATOM   281  C C   . PRO A 1 62  ? -9.003  5.826   -2.199  1.00 28.00 ? 38  PRO A C   1 
ATOM   282  O O   . PRO A 1 62  ? -8.147  6.684   -2.424  1.00 28.13 ? 38  PRO A O   1 
ATOM   283  C CB  . PRO A 1 62  ? -8.641  3.527   -3.091  1.00 27.82 ? 38  PRO A CB  1 
ATOM   284  C CG  . PRO A 1 62  ? -7.449  3.665   -3.969  1.00 27.84 ? 38  PRO A CG  1 
ATOM   285  C CD  . PRO A 1 62  ? -7.812  4.574   -5.099  1.00 27.65 ? 38  PRO A CD  1 
ATOM   286  N N   . ASN A 1 63  ? -9.624  5.684   -1.030  1.00 28.10 ? 39  ASN A N   1 
ATOM   287  C CA  . ASN A 1 63  ? -9.269  6.451   0.155   1.00 28.16 ? 39  ASN A CA  1 
ATOM   288  C C   . ASN A 1 63  ? -8.517  5.565   1.146   1.00 27.96 ? 39  ASN A C   1 
ATOM   289  O O   . ASN A 1 63  ? -9.027  4.521   1.552   1.00 28.08 ? 39  ASN A O   1 
ATOM   290  C CB  . ASN A 1 63  ? -10.525 7.033   0.813   1.00 28.28 ? 39  ASN A CB  1 
ATOM   291  C CG  . ASN A 1 63  ? -10.937 8.369   0.212   1.00 29.23 ? 39  ASN A CG  1 
ATOM   292  O OD1 . ASN A 1 63  ? -11.382 9.273   0.924   1.00 30.61 ? 39  ASN A OD1 1 
ATOM   293  N ND2 . ASN A 1 63  ? -10.788 8.502   -1.104  1.00 30.34 ? 39  ASN A ND2 1 
ATOM   294  N N   . MET A 1 64  ? -7.303  5.975   1.511   1.00 27.68 ? 40  MET A N   1 
ATOM   295  C CA  . MET A 1 64  ? -6.482  5.261   2.488   1.00 27.46 ? 40  MET A CA  1 
ATOM   296  C C   . MET A 1 64  ? -6.672  5.857   3.880   1.00 27.14 ? 40  MET A C   1 
ATOM   297  O O   . MET A 1 64  ? -6.370  7.024   4.093   1.00 27.21 ? 40  MET A O   1 
ATOM   298  C CB  . MET A 1 64  ? -5.006  5.342   2.081   1.00 27.50 ? 40  MET A CB  1 
ATOM   299  C CG  . MET A 1 64  ? -4.109  4.326   2.756   1.00 28.03 ? 40  MET A CG  1 
ATOM   300  S SD  . MET A 1 64  ? -2.361  4.567   2.377   1.00 29.54 ? 40  MET A SD  1 
ATOM   301  C CE  . MET A 1 64  ? -2.247  3.809   0.764   1.00 29.94 ? 40  MET A CE  1 
ATOM   302  N N   . ILE A 1 65  ? -7.174  5.060   4.821   1.00 26.80 ? 41  ILE A N   1 
ATOM   303  C CA  . ILE A 1 65  ? -7.393  5.515   6.194   1.00 26.48 ? 41  ILE A CA  1 
ATOM   304  C C   . ILE A 1 65  ? -6.421  4.834   7.147   1.00 26.00 ? 41  ILE A C   1 
ATOM   305  O O   . ILE A 1 65  ? -6.449  3.616   7.308   1.00 26.24 ? 41  ILE A O   1 
ATOM   306  C CB  . ILE A 1 65  ? -8.840  5.236   6.638   1.00 26.59 ? 41  ILE A CB  1 
ATOM   307  C CG1 . ILE A 1 65  ? -9.829  5.887   5.667   1.00 26.84 ? 41  ILE A CG1 1 
ATOM   308  C CG2 . ILE A 1 65  ? -9.075  5.750   8.068   1.00 26.67 ? 41  ILE A CG2 1 
ATOM   309  C CD1 . ILE A 1 65  ? -11.187 5.218   5.629   1.00 27.38 ? 41  ILE A CD1 1 
ATOM   310  N N   . ILE A 1 66  ? -5.567  5.626   7.781   1.00 25.37 ? 42  ILE A N   1 
ATOM   311  C CA  . ILE A 1 66  ? -4.537  5.113   8.669   1.00 24.97 ? 42  ILE A CA  1 
ATOM   312  C C   . ILE A 1 66  ? -4.862  5.531   10.094  1.00 24.84 ? 42  ILE A C   1 
ATOM   313  O O   . ILE A 1 66  ? -5.079  6.701   10.365  1.00 24.85 ? 42  ILE A O   1 
ATOM   314  C CB  . ILE A 1 66  ? -3.157  5.662   8.238   1.00 24.90 ? 42  ILE A CB  1 
ATOM   315  C CG1 . ILE A 1 66  ? -2.858  5.247   6.791   1.00 24.51 ? 42  ILE A CG1 1 
ATOM   316  C CG2 . ILE A 1 66  ? -2.052  5.196   9.200   1.00 24.57 ? 42  ILE A CG2 1 
ATOM   317  C CD1 . ILE A 1 66  ? -1.469  5.622   6.298   1.00 24.22 ? 42  ILE A CD1 1 
ATOM   318  N N   . SER A 1 67  ? -4.916  4.571   11.006  1.00 24.94 ? 43  SER A N   1 
ATOM   319  C CA  . SER A 1 67  ? -5.125  4.880   12.418  1.00 25.00 ? 43  SER A CA  1 
ATOM   320  C C   . SER A 1 67  ? -4.184  4.073   13.292  1.00 24.76 ? 43  SER A C   1 
ATOM   321  O O   . SER A 1 67  ? -3.578  3.107   12.841  1.00 24.67 ? 43  SER A O   1 
ATOM   322  C CB  . SER A 1 67  ? -6.590  4.647   12.821  1.00 24.90 ? 43  SER A CB  1 
ATOM   323  O OG  . SER A 1 67  ? -7.026  3.346   12.480  1.00 25.57 ? 43  SER A OG  1 
ATOM   324  N N   . VAL A 1 68  ? -4.047  4.503   14.539  1.00 24.88 ? 44  VAL A N   1 
ATOM   325  C CA  . VAL A 1 68  ? -3.202  3.826   15.515  1.00 25.18 ? 44  VAL A CA  1 
ATOM   326  C C   . VAL A 1 68  ? -3.970  3.695   16.825  1.00 25.13 ? 44  VAL A C   1 
ATOM   327  O O   . VAL A 1 68  ? -4.612  4.636   17.268  1.00 24.88 ? 44  VAL A O   1 
ATOM   328  C CB  . VAL A 1 68  ? -1.877  4.597   15.766  1.00 25.25 ? 44  VAL A CB  1 
ATOM   329  C CG1 . VAL A 1 68  ? -1.028  3.898   16.820  1.00 26.09 ? 44  VAL A CG1 1 
ATOM   330  C CG2 . VAL A 1 68  ? -1.093  4.751   14.476  1.00 25.68 ? 44  VAL A CG2 1 
ATOM   331  N N   . ASN A 1 69  ? -3.909  2.510   17.421  1.00 25.41 ? 45  ASN A N   1 
ATOM   332  C CA  . ASN A 1 69  ? -4.509  2.234   18.717  1.00 25.73 ? 45  ASN A CA  1 
ATOM   333  C C   . ASN A 1 69  ? -3.445  1.527   19.551  1.00 25.64 ? 45  ASN A C   1 
ATOM   334  O O   . ASN A 1 69  ? -3.153  0.352   19.330  1.00 25.51 ? 45  ASN A O   1 
ATOM   335  C CB  . ASN A 1 69  ? -5.775  1.381   18.555  1.00 25.77 ? 45  ASN A CB  1 
ATOM   336  C CG  . ASN A 1 69  ? -6.784  1.605   19.670  1.00 26.82 ? 45  ASN A CG  1 
ATOM   337  O OD1 . ASN A 1 69  ? -7.954  1.898   19.413  1.00 28.02 ? 45  ASN A OD1 1 
ATOM   338  N ND2 . ASN A 1 69  ? -6.338  1.466   20.917  1.00 27.67 ? 45  ASN A ND2 1 
ATOM   339  N N   . GLY A 1 70  ? -2.845  2.265   20.480  1.00 25.89 ? 46  GLY A N   1 
ATOM   340  C CA  . GLY A 1 70  ? -1.666  1.802   21.188  1.00 26.32 ? 46  GLY A CA  1 
ATOM   341  C C   . GLY A 1 70  ? -0.524  1.489   20.225  1.00 26.60 ? 46  GLY A C   1 
ATOM   342  O O   . GLY A 1 70  ? -0.102  2.342   19.443  1.00 26.99 ? 46  GLY A O   1 
ATOM   343  N N   . ASP A 1 71  ? -0.051  0.250   20.264  1.00 26.89 ? 47  ASP A N   1 
ATOM   344  C CA  . ASP A 1 71  ? 1.033   -0.211  19.382  1.00 27.29 ? 47  ASP A CA  1 
ATOM   345  C C   . ASP A 1 71  ? 0.543   -0.866  18.081  1.00 26.76 ? 47  ASP A C   1 
ATOM   346  O O   . ASP A 1 71  ? 1.343   -1.382  17.297  1.00 26.63 ? 47  ASP A O   1 
ATOM   347  C CB  . ASP A 1 71  ? 1.950   -1.178  20.144  1.00 27.78 ? 47  ASP A CB  1 
ATOM   348  C CG  . ASP A 1 71  ? 1.244   -2.460  20.572  1.00 30.03 ? 47  ASP A CG  1 
ATOM   349  O OD1 . ASP A 1 71  ? -0.001  -2.557  20.467  1.00 33.91 ? 47  ASP A OD1 1 
ATOM   350  O OD2 . ASP A 1 71  ? 1.861   -3.438  21.044  1.00 34.47 ? 47  ASP A OD2 1 
ATOM   351  N N   . LEU A 1 72  ? -0.769  -0.833  17.858  1.00 26.15 ? 48  LEU A N   1 
ATOM   352  C CA  . LEU A 1 72  ? -1.391  -1.449  16.692  1.00 25.55 ? 48  LEU A CA  1 
ATOM   353  C C   . LEU A 1 72  ? -1.754  -0.406  15.637  1.00 25.22 ? 48  LEU A C   1 
ATOM   354  O O   . LEU A 1 72  ? -2.542  0.502   15.884  1.00 24.88 ? 48  LEU A O   1 
ATOM   355  C CB  . LEU A 1 72  ? -2.646  -2.222  17.113  1.00 25.50 ? 48  LEU A CB  1 
ATOM   356  C CG  . LEU A 1 72  ? -3.238  -3.188  16.089  1.00 25.39 ? 48  LEU A CG  1 
ATOM   357  C CD1 . LEU A 1 72  ? -2.311  -4.390  15.897  1.00 25.20 ? 48  LEU A CD1 1 
ATOM   358  C CD2 . LEU A 1 72  ? -4.626  -3.643  16.527  1.00 25.42 ? 48  LEU A CD2 1 
ATOM   359  N N   . VAL A 1 73  ? -1.167  -0.555  14.459  1.00 25.20 ? 49  VAL A N   1 
ATOM   360  C CA  . VAL A 1 73  ? -1.429  0.302   13.321  1.00 25.25 ? 49  VAL A CA  1 
ATOM   361  C C   . VAL A 1 73  ? -2.431  -0.393  12.395  1.00 25.21 ? 49  VAL A C   1 
ATOM   362  O O   . VAL A 1 73  ? -2.361  -1.605  12.185  1.00 24.86 ? 49  VAL A O   1 
ATOM   363  C CB  . VAL A 1 73  ? -0.124  0.593   12.565  1.00 25.33 ? 49  VAL A CB  1 
ATOM   364  C CG1 . VAL A 1 73  ? -0.346  1.608   11.447  1.00 25.58 ? 49  VAL A CG1 1 
ATOM   365  C CG2 . VAL A 1 73  ? 0.946   1.090   13.537  1.00 26.19 ? 49  VAL A CG2 1 
ATOM   366  N N   . THR A 1 74  ? -3.378  0.379   11.871  1.00 25.26 ? 50  THR A N   1 
ATOM   367  C CA  . THR A 1 74  ? -4.365  -0.116  10.912  1.00 25.39 ? 50  THR A CA  1 
ATOM   368  C C   . THR A 1 74  ? -4.302  0.736   9.654   1.00 25.50 ? 50  THR A C   1 
ATOM   369  O O   . THR A 1 74  ? -4.341  1.954   9.744   1.00 25.54 ? 50  THR A O   1 
ATOM   370  C CB  . THR A 1 74  ? -5.784  -0.072  11.530  1.00 25.33 ? 50  THR A CB  1 
ATOM   371  O OG1 . THR A 1 74  ? -5.881  -1.041  12.581  1.00 25.72 ? 50  THR A OG1 1 
ATOM   372  C CG2 . THR A 1 74  ? -6.866  -0.517  10.525  1.00 25.28 ? 50  THR A CG2 1 
ATOM   373  N N   . ILE A 1 75  ? -4.172  0.092   8.495   1.00 26.06 ? 51  ILE A N   1 
ATOM   374  C CA  . ILE A 1 75  ? -4.208  0.767   7.200   1.00 26.32 ? 51  ILE A CA  1 
ATOM   375  C C   . ILE A 1 75  ? -5.339  0.185   6.377   1.00 26.85 ? 51  ILE A C   1 
ATOM   376  O O   . ILE A 1 75  ? -5.277  -0.960  5.931   1.00 27.33 ? 51  ILE A O   1 
ATOM   377  C CB  . ILE A 1 75  ? -2.873  0.625   6.432   1.00 26.23 ? 51  ILE A CB  1 
ATOM   378  C CG1 . ILE A 1 75  ? -1.751  1.349   7.173   1.00 26.41 ? 51  ILE A CG1 1 
ATOM   379  C CG2 . ILE A 1 75  ? -3.012  1.196   5.000   1.00 26.18 ? 51  ILE A CG2 1 
ATOM   380  C CD1 . ILE A 1 75  ? -0.360  1.121   6.575   1.00 27.09 ? 51  ILE A CD1 1 
ATOM   381  N N   . ARG A 1 76  ? -6.364  0.993   6.170   1.00 27.20 ? 52  ARG A N   1 
ATOM   382  C CA  . ARG A 1 76  ? -7.548  0.590   5.449   1.00 27.60 ? 52  ARG A CA  1 
ATOM   383  C C   . ARG A 1 76  ? -7.544  1.249   4.071   1.00 27.52 ? 52  ARG A C   1 
ATOM   384  O O   . ARG A 1 76  ? -7.042  2.353   3.904   1.00 27.56 ? 52  ARG A O   1 
ATOM   385  C CB  . ARG A 1 76  ? -8.777  1.025   6.242   1.00 27.90 ? 52  ARG A CB  1 
ATOM   386  C CG  . ARG A 1 76  ? -10.038 0.264   5.919   1.00 29.20 ? 52  ARG A CG  1 
ATOM   387  C CD  . ARG A 1 76  ? -11.117 0.365   6.997   1.00 31.17 ? 52  ARG A CD  1 
ATOM   388  N NE  . ARG A 1 76  ? -11.345 1.745   7.439   1.00 32.13 ? 52  ARG A NE  1 
ATOM   389  C CZ  . ARG A 1 76  ? -12.539 2.315   7.612   1.00 33.99 ? 52  ARG A CZ  1 
ATOM   390  N NH1 . ARG A 1 76  ? -13.671 1.645   7.385   1.00 34.78 ? 52  ARG A NH1 1 
ATOM   391  N NH2 . ARG A 1 76  ? -12.607 3.582   8.015   1.00 34.59 ? 52  ARG A NH2 1 
ATOM   392  N N   . SER A 1 77  ? -8.077  0.546   3.085   1.00 27.56 ? 53  SER A N   1 
ATOM   393  C CA  . SER A 1 77  ? -8.216  1.064   1.732   1.00 27.59 ? 53  SER A CA  1 
ATOM   394  C C   . SER A 1 77  ? -9.643  0.798   1.285   1.00 27.76 ? 53  SER A C   1 
ATOM   395  O O   . SER A 1 77  ? -10.088 -0.343  1.313   1.00 27.75 ? 53  SER A O   1 
ATOM   396  C CB  . SER A 1 77  ? -7.230  0.374   0.798   0.50 27.49 ? 53  SER A CB  1 
ATOM   397  O OG  . SER A 1 77  ? -7.702  0.394   -0.532  0.50 27.34 ? 53  SER A OG  1 
ATOM   398  N N   . GLU A 1 78  ? -10.353 1.852   0.887   1.00 28.02 ? 54  GLU A N   1 
ATOM   399  C CA  . GLU A 1 78  ? -11.763 1.758   0.503   1.00 28.32 ? 54  GLU A CA  1 
ATOM   400  C C   . GLU A 1 78  ? -11.999 2.240   -0.928  1.00 28.37 ? 54  GLU A C   1 
ATOM   401  O O   . GLU A 1 78  ? -11.547 3.317   -1.307  1.00 28.05 ? 54  GLU A O   1 
ATOM   402  C CB  . GLU A 1 78  ? -12.628 2.590   1.452   1.00 28.47 ? 54  GLU A CB  1 
ATOM   403  C CG  . GLU A 1 78  ? -12.513 2.200   2.921   1.00 29.14 ? 54  GLU A CG  1 
ATOM   404  C CD  . GLU A 1 78  ? -13.834 2.322   3.667   1.00 30.26 ? 54  GLU A CD  1 
ATOM   405  O OE1 . GLU A 1 78  ? -14.541 3.343   3.486   1.00 31.01 ? 54  GLU A OE1 1 
ATOM   406  O OE2 . GLU A 1 78  ? -14.170 1.393   4.433   1.00 30.56 ? 54  GLU A OE2 1 
ATOM   407  N N   . SER A 1 79  ? -12.709 1.430   -1.710  1.00 28.77 ? 55  SER A N   1 
ATOM   408  C CA  . SER A 1 79  ? -13.132 1.798   -3.066  1.00 29.05 ? 55  SER A CA  1 
ATOM   409  C C   . SER A 1 79  ? -14.218 0.856   -3.571  1.00 29.34 ? 55  SER A C   1 
ATOM   410  O O   . SER A 1 79  ? -14.595 -0.093  -2.884  1.00 29.46 ? 55  SER A O   1 
ATOM   411  C CB  . SER A 1 79  ? -11.947 1.771   -4.035  1.00 29.09 ? 55  SER A CB  1 
ATOM   412  O OG  . SER A 1 79  ? -11.312 0.504   -4.039  1.00 29.17 ? 55  SER A OG  1 
ATOM   413  N N   . THR A 1 80  ? -14.716 1.127   -4.777  1.00 29.79 ? 56  THR A N   1 
ATOM   414  C CA  . THR A 1 80  ? -15.699 0.261   -5.435  1.00 29.98 ? 56  THR A CA  1 
ATOM   415  C C   . THR A 1 80  ? -15.051 -1.051  -5.887  1.00 30.17 ? 56  THR A C   1 
ATOM   416  O O   . THR A 1 80  ? -15.702 -2.096  -5.904  1.00 30.23 ? 56  THR A O   1 
ATOM   417  C CB  . THR A 1 80  ? -16.353 0.975   -6.647  1.00 29.98 ? 56  THR A CB  1 
ATOM   418  O OG1 . THR A 1 80  ? -16.262 2.398   -6.499  1.00 30.20 ? 56  THR A OG1 1 
ATOM   419  C CG2 . THR A 1 80  ? -17.854 0.712   -6.692  1.00 29.96 ? 56  THR A CG2 1 
ATOM   420  N N   . PHE A 1 81  ? -13.773 -0.981  -6.262  1.00 30.47 ? 57  PHE A N   1 
ATOM   421  C CA  . PHE A 1 81  ? -12.976 -2.173  -6.559  1.00 30.70 ? 57  PHE A CA  1 
ATOM   422  C C   . PHE A 1 81  ? -12.973 -3.121  -5.350  1.00 30.72 ? 57  PHE A C   1 
ATOM   423  O O   . PHE A 1 81  ? -13.611 -4.172  -5.387  1.00 30.99 ? 57  PHE A O   1 
ATOM   424  C CB  . PHE A 1 81  ? -11.540 -1.783  -6.961  1.00 30.77 ? 57  PHE A CB  1 
ATOM   425  C CG  . PHE A 1 81  ? -10.537 -2.905  -6.818  1.00 31.25 ? 57  PHE A CG  1 
ATOM   426  C CD1 . PHE A 1 81  ? -10.626 -4.042  -7.615  1.00 31.92 ? 57  PHE A CD1 1 
ATOM   427  C CD2 . PHE A 1 81  ? -9.516  -2.829  -5.877  1.00 31.90 ? 57  PHE A CD2 1 
ATOM   428  C CE1 . PHE A 1 81  ? -9.709  -5.081  -7.480  1.00 31.62 ? 57  PHE A CE1 1 
ATOM   429  C CE2 . PHE A 1 81  ? -8.599  -3.866  -5.737  1.00 31.97 ? 57  PHE A CE2 1 
ATOM   430  C CZ  . PHE A 1 81  ? -8.696  -4.992  -6.545  1.00 31.96 ? 57  PHE A CZ  1 
ATOM   431  N N   . LYS A 1 82  ? -12.267 -2.744  -4.286  1.00 30.63 ? 58  LYS A N   1 
ATOM   432  C CA  . LYS A 1 82  ? -12.219 -3.560  -3.071  1.00 30.66 ? 58  LYS A CA  1 
ATOM   433  C C   . LYS A 1 82  ? -11.996 -2.738  -1.806  1.00 30.43 ? 58  LYS A C   1 
ATOM   434  O O   . LYS A 1 82  ? -11.511 -1.607  -1.851  1.00 30.63 ? 58  LYS A O   1 
ATOM   435  C CB  . LYS A 1 82  ? -11.129 -4.641  -3.182  1.00 30.74 ? 58  LYS A CB  1 
ATOM   436  C CG  . LYS A 1 82  ? -11.543 -6.003  -2.603  1.00 31.08 ? 58  LYS A CG  1 
ATOM   437  C CD  . LYS A 1 82  ? -10.792 -7.182  -3.246  1.00 31.52 ? 58  LYS A CD  1 
ATOM   438  C CE  . LYS A 1 82  ? -11.736 -8.175  -3.926  1.00 32.11 ? 58  LYS A CE  1 
ATOM   439  N NZ  . LYS A 1 82  ? -11.164 -9.554  -3.998  1.00 32.39 ? 58  LYS A NZ  1 
ATOM   440  N N   . ASN A 1 83  ? -12.377 -3.330  -0.679  1.00 30.17 ? 59  ASN A N   1 
ATOM   441  C CA  . ASN A 1 83  ? -12.094 -2.781  0.635   1.00 29.89 ? 59  ASN A CA  1 
ATOM   442  C C   . ASN A 1 83  ? -11.181 -3.757  1.365   1.00 29.83 ? 59  ASN A C   1 
ATOM   443  O O   . ASN A 1 83  ? -11.603 -4.869  1.694   1.00 30.24 ? 59  ASN A O   1 
ATOM   444  C CB  . ASN A 1 83  ? -13.383 -2.573  1.433   1.00 29.74 ? 59  ASN A CB  1 
ATOM   445  C CG  . ASN A 1 83  ? -14.399 -1.717  0.697   1.00 29.84 ? 59  ASN A CG  1 
ATOM   446  O OD1 . ASN A 1 83  ? -14.349 -0.489  0.752   1.00 29.89 ? 59  ASN A OD1 1 
ATOM   447  N ND2 . ASN A 1 83  ? -15.335 -2.364  0.011   0.50 29.19 ? 59  ASN A ND2 1 
ATOM   448  N N   . THR A 1 84  ? -9.928  -3.361  1.577   1.00 29.55 ? 60  THR A N   1 
ATOM   449  C CA  . THR A 1 84  ? -8.972  -4.157  2.348   1.00 29.47 ? 60  THR A CA  1 
ATOM   450  C C   . THR A 1 84  ? -8.597  -3.465  3.649   1.00 29.20 ? 60  THR A C   1 
ATOM   451  O O   . THR A 1 84  ? -8.823  -2.270  3.835   1.00 28.72 ? 60  THR A O   1 
ATOM   452  C CB  . THR A 1 84  ? -7.681  -4.418  1.546   1.00 29.45 ? 60  THR A CB  1 
ATOM   453  O OG1 . THR A 1 84  ? -6.928  -3.197  1.419   1.00 30.27 ? 60  THR A OG1 1 
ATOM   454  C CG2 . THR A 1 84  ? -7.991  -4.837  0.114   1.00 29.35 ? 60  THR A CG2 1 
ATOM   455  N N   . GLU A 1 85  ? -7.998  -4.240  4.539   1.00 29.11 ? 61  GLU A N   1 
ATOM   456  C CA  . GLU A 1 85  ? -7.566  -3.740  5.832   1.00 29.18 ? 61  GLU A CA  1 
ATOM   457  C C   . GLU A 1 85  ? -6.457  -4.632  6.361   1.00 28.86 ? 61  GLU A C   1 
ATOM   458  O O   . GLU A 1 85  ? -6.608  -5.848  6.411   1.00 28.95 ? 61  GLU A O   1 
ATOM   459  C CB  . GLU A 1 85  ? -8.745  -3.730  6.811   1.00 29.34 ? 61  GLU A CB  1 
ATOM   460  C CG  . GLU A 1 85  ? -8.474  -3.052  8.147   1.00 30.29 ? 61  GLU A CG  1 
ATOM   461  C CD  . GLU A 1 85  ? -9.589  -3.271  9.158   1.00 31.38 ? 61  GLU A CD  1 
ATOM   462  O OE1 . GLU A 1 85  ? -10.776 -3.218  8.775   1.00 33.89 ? 61  GLU A OE1 1 
ATOM   463  O OE2 . GLU A 1 85  ? -9.286  -3.497  10.343  1.00 32.96 ? 61  GLU A OE2 1 
ATOM   464  N N   . ILE A 1 86  ? -5.338  -4.020  6.733   1.00 28.55 ? 62  ILE A N   1 
ATOM   465  C CA  . ILE A 1 86  ? -4.316  -4.703  7.507   1.00 28.28 ? 62  ILE A CA  1 
ATOM   466  C C   . ILE A 1 86  ? -4.155  -4.042  8.867   1.00 27.80 ? 62  ILE A C   1 
ATOM   467  O O   . ILE A 1 86  ? -4.250  -2.826  8.997   1.00 27.84 ? 62  ILE A O   1 
ATOM   468  C CB  . ILE A 1 86  ? -2.963  -4.758  6.765   1.00 28.39 ? 62  ILE A CB  1 
ATOM   469  C CG1 . ILE A 1 86  ? -2.562  -3.384  6.224   1.00 28.27 ? 62  ILE A CG1 1 
ATOM   470  C CG2 . ILE A 1 86  ? -3.032  -5.805  5.656   1.00 28.82 ? 62  ILE A CG2 1 
ATOM   471  C CD1 . ILE A 1 86  ? -1.074  -3.242  5.989   1.00 28.41 ? 62  ILE A CD1 1 
ATOM   472  N N   . SER A 1 87  ? -3.946  -4.875  9.875   1.00 27.29 ? 63  SER A N   1 
ATOM   473  C CA  . SER A 1 87  ? -3.630  -4.441  11.223  1.00 27.16 ? 63  SER A CA  1 
ATOM   474  C C   . SER A 1 87  ? -2.331  -5.128  11.625  1.00 26.61 ? 63  SER A C   1 
ATOM   475  O O   . SER A 1 87  ? -2.192  -6.334  11.454  1.00 26.25 ? 63  SER A O   1 
ATOM   476  C CB  . SER A 1 87  ? -4.755  -4.823  12.185  1.00 27.19 ? 63  SER A CB  1 
ATOM   477  O OG  . SER A 1 87  ? -5.612  -3.716  12.400  1.00 28.49 ? 63  SER A OG  1 
ATOM   478  N N   . PHE A 1 88  ? -1.394  -4.360  12.168  1.00 26.21 ? 64  PHE A N   1 
ATOM   479  C CA  . PHE A 1 88  ? -0.039  -4.845  12.391  1.00 25.85 ? 64  PHE A CA  1 
ATOM   480  C C   . PHE A 1 88  ? 0.683   -4.069  13.495  1.00 25.66 ? 64  PHE A C   1 
ATOM   481  O O   . PHE A 1 88  ? 0.310   -2.934  13.831  1.00 25.20 ? 64  PHE A O   1 
ATOM   482  C CB  . PHE A 1 88  ? 0.759   -4.751  11.082  1.00 25.70 ? 64  PHE A CB  1 
ATOM   483  C CG  . PHE A 1 88  ? 0.866   -3.347  10.533  1.00 26.19 ? 64  PHE A CG  1 
ATOM   484  C CD1 . PHE A 1 88  ? -0.084  -2.857  9.652   1.00 25.18 ? 64  PHE A CD1 1 
ATOM   485  C CD2 . PHE A 1 88  ? 1.912   -2.514  10.910  1.00 26.02 ? 64  PHE A CD2 1 
ATOM   486  C CE1 . PHE A 1 88  ? 0.002   -1.581  9.167   1.00 24.94 ? 64  PHE A CE1 1 
ATOM   487  C CE2 . PHE A 1 88  ? 2.000   -1.233  10.418  1.00 25.36 ? 64  PHE A CE2 1 
ATOM   488  C CZ  . PHE A 1 88  ? 1.044   -0.764  9.548   1.00 25.03 ? 64  PHE A CZ  1 
ATOM   489  N N   . LYS A 1 89  ? 1.711   -4.697  14.057  1.00 24.79 ? 65  LYS A N   1 
ATOM   490  C CA  . LYS A 1 89  ? 2.683   -4.003  14.883  1.00 24.67 ? 65  LYS A CA  1 
ATOM   491  C C   . LYS A 1 89  ? 3.970   -3.825  14.088  1.00 24.23 ? 65  LYS A C   1 
ATOM   492  O O   . LYS A 1 89  ? 4.363   -4.694  13.309  1.00 23.63 ? 65  LYS A O   1 
ATOM   493  C CB  . LYS A 1 89  ? 2.972   -4.794  16.153  1.00 24.95 ? 65  LYS A CB  1 
ATOM   494  C CG  . LYS A 1 89  ? 1.737   -5.133  16.970  1.00 26.40 ? 65  LYS A CG  1 
ATOM   495  C CD  . LYS A 1 89  ? 2.124   -5.828  18.265  1.00 29.31 ? 65  LYS A CD  1 
ATOM   496  C CE  . LYS A 1 89  ? 0.923   -6.039  19.185  1.00 30.31 ? 65  LYS A CE  1 
ATOM   497  N NZ  . LYS A 1 89  ? 1.289   -5.912  20.638  1.00 31.94 ? 65  LYS A NZ  1 
ATOM   498  N N   . LEU A 1 90  ? 4.623   -2.686  14.286  1.00 23.81 ? 66  LEU A N   1 
ATOM   499  C CA  . LEU A 1 90  ? 5.910   -2.425  13.662  1.00 23.53 ? 66  LEU A CA  1 
ATOM   500  C C   . LEU A 1 90  ? 6.922   -3.519  13.966  1.00 22.90 ? 66  LEU A C   1 
ATOM   501  O O   . LEU A 1 90  ? 7.117   -3.914  15.117  1.00 22.05 ? 66  LEU A O   1 
ATOM   502  C CB  . LEU A 1 90  ? 6.476   -1.086  14.126  1.00 23.79 ? 66  LEU A CB  1 
ATOM   503  C CG  . LEU A 1 90  ? 5.730   0.145   13.638  1.00 24.70 ? 66  LEU A CG  1 
ATOM   504  C CD1 . LEU A 1 90  ? 6.368   1.405   14.233  1.00 25.53 ? 66  LEU A CD1 1 
ATOM   505  C CD2 . LEU A 1 90  ? 5.714   0.192   12.133  1.00 25.55 ? 66  LEU A CD2 1 
ATOM   506  N N   . GLY A 1 91  ? 7.557   -4.010  12.910  1.00 22.82 ? 67  GLY A N   1 
ATOM   507  C CA  . GLY A 1 91  ? 8.640   -4.960  13.030  1.00 22.91 ? 67  GLY A CA  1 
ATOM   508  C C   . GLY A 1 91  ? 8.204   -6.369  13.367  1.00 23.00 ? 67  GLY A C   1 
ATOM   509  O O   . GLY A 1 91  ? 9.050   -7.194  13.682  1.00 23.00 ? 67  GLY A O   1 
ATOM   510  N N   . VAL A 1 92  ? 6.904   -6.650  13.301  1.00 23.05 ? 68  VAL A N   1 
ATOM   511  C CA  . VAL A 1 92  ? 6.377   -7.985  13.588  1.00 23.12 ? 68  VAL A CA  1 
ATOM   512  C C   . VAL A 1 92  ? 5.705   -8.505  12.318  1.00 23.33 ? 68  VAL A C   1 
ATOM   513  O O   . VAL A 1 92  ? 4.780   -7.895  11.779  1.00 22.85 ? 68  VAL A O   1 
ATOM   514  C CB  . VAL A 1 92  ? 5.384   -7.994  14.779  1.00 23.28 ? 68  VAL A CB  1 
ATOM   515  C CG1 . VAL A 1 92  ? 4.822   -9.399  15.011  1.00 22.46 ? 68  VAL A CG1 1 
ATOM   516  C CG2 . VAL A 1 92  ? 6.053   -7.454  16.068  1.00 23.34 ? 68  VAL A CG2 1 
ATOM   517  N N   . GLU A 1 93  ? 6.221   -9.626  11.836  1.00 23.56 ? 69  GLU A N   1 
ATOM   518  C CA  . GLU A 1 93  ? 5.768   -10.241 10.606  1.00 23.84 ? 69  GLU A CA  1 
ATOM   519  C C   . GLU A 1 93  ? 4.326   -10.729 10.773  1.00 23.72 ? 69  GLU A C   1 
ATOM   520  O O   . GLU A 1 93  ? 3.975   -11.286 11.809  1.00 23.92 ? 69  GLU A O   1 
ATOM   521  C CB  . GLU A 1 93  ? 6.697   -11.410 10.278  1.00 23.88 ? 69  GLU A CB  1 
ATOM   522  C CG  . GLU A 1 93  ? 6.479   -12.049 8.915   1.00 25.16 ? 69  GLU A CG  1 
ATOM   523  C CD  . GLU A 1 93  ? 7.122   -13.421 8.800   1.00 26.27 ? 69  GLU A CD  1 
ATOM   524  O OE1 . GLU A 1 93  ? 7.117   -14.180 9.791   1.00 26.90 ? 69  GLU A OE1 1 
ATOM   525  O OE2 . GLU A 1 93  ? 7.634   -13.743 7.711   1.00 28.80 ? 69  GLU A OE2 1 
ATOM   526  N N   . PHE A 1 94  ? 3.498   -10.512 9.755   1.00 23.63 ? 70  PHE A N   1 
ATOM   527  C CA  . PHE A 1 94  ? 2.098   -10.925 9.795   1.00 24.00 ? 70  PHE A CA  1 
ATOM   528  C C   . PHE A 1 94  ? 1.617   -11.475 8.443   1.00 24.23 ? 70  PHE A C   1 
ATOM   529  O O   . PHE A 1 94  ? 2.187   -11.181 7.407   1.00 24.03 ? 70  PHE A O   1 
ATOM   530  C CB  . PHE A 1 94  ? 1.210   -9.765  10.291  1.00 23.61 ? 70  PHE A CB  1 
ATOM   531  C CG  . PHE A 1 94  ? 1.140   -8.584  9.347   1.00 23.80 ? 70  PHE A CG  1 
ATOM   532  C CD1 . PHE A 1 94  ? 2.134   -7.617  9.345   1.00 23.26 ? 70  PHE A CD1 1 
ATOM   533  C CD2 . PHE A 1 94  ? 0.052   -8.433  8.475   1.00 24.09 ? 70  PHE A CD2 1 
ATOM   534  C CE1 . PHE A 1 94  ? 2.065   -6.523  8.469   1.00 24.67 ? 70  PHE A CE1 1 
ATOM   535  C CE2 . PHE A 1 94  ? -0.034  -7.348  7.596   1.00 22.67 ? 70  PHE A CE2 1 
ATOM   536  C CZ  . PHE A 1 94  ? 0.970   -6.388  7.597   1.00 24.18 ? 70  PHE A CZ  1 
ATOM   537  N N   . ASP A 1 95  ? 0.567   -12.288 8.475   1.00 24.98 ? 71  ASP A N   1 
ATOM   538  C CA  . ASP A 1 95  ? -0.038  -12.841 7.259   1.00 25.42 ? 71  ASP A CA  1 
ATOM   539  C C   . ASP A 1 95  ? -1.019  -11.828 6.677   1.00 25.71 ? 71  ASP A C   1 
ATOM   540  O O   . ASP A 1 95  ? -1.746  -11.176 7.418   1.00 26.13 ? 71  ASP A O   1 
ATOM   541  C CB  . ASP A 1 95  ? -0.785  -14.135 7.577   1.00 25.44 ? 71  ASP A CB  1 
ATOM   542  C CG  . ASP A 1 95  ? 0.127   -15.222 8.093   1.00 26.56 ? 71  ASP A CG  1 
ATOM   543  O OD1 . ASP A 1 95  ? 1.135   -15.517 7.424   1.00 28.32 ? 71  ASP A OD1 1 
ATOM   544  O OD2 . ASP A 1 95  ? -0.081  -15.837 9.160   1.00 28.33 ? 71  ASP A OD2 1 
ATOM   545  N N   . GLU A 1 96  ? -1.054  -11.710 5.356   1.00 25.78 ? 72  GLU A N   1 
ATOM   546  C CA  . GLU A 1 96  ? -1.917  -10.738 4.695   1.00 25.85 ? 72  GLU A CA  1 
ATOM   547  C C   . GLU A 1 96  ? -2.476  -11.320 3.394   1.00 25.76 ? 72  GLU A C   1 
ATOM   548  O O   . GLU A 1 96  ? -1.740  -11.900 2.599   1.00 25.37 ? 72  GLU A O   1 
ATOM   549  C CB  . GLU A 1 96  ? -1.134  -9.439  4.420   1.00 25.98 ? 72  GLU A CB  1 
ATOM   550  C CG  . GLU A 1 96  ? -1.866  -8.425  3.539   1.00 26.89 ? 72  GLU A CG  1 
ATOM   551  C CD  . GLU A 1 96  ? -0.990  -7.281  3.038   1.00 28.59 ? 72  GLU A CD  1 
ATOM   552  O OE1 . GLU A 1 96  ? 0.238   -7.276  3.290   1.00 28.54 ? 72  GLU A OE1 1 
ATOM   553  O OE2 . GLU A 1 96  ? -1.542  -6.373  2.367   1.00 30.42 ? 72  GLU A OE2 1 
ATOM   554  N N   . ILE A 1 97  ? -3.784  -11.174 3.197   1.00 25.74 ? 73  ILE A N   1 
ATOM   555  C CA  . ILE A 1 97  ? -4.399  -11.396 1.890   1.00 25.66 ? 73  ILE A CA  1 
ATOM   556  C C   . ILE A 1 97  ? -4.529  -10.045 1.180   1.00 25.46 ? 73  ILE A C   1 
ATOM   557  O O   . ILE A 1 97  ? -5.307  -9.190  1.593   1.00 25.32 ? 73  ILE A O   1 
ATOM   558  C CB  . ILE A 1 97  ? -5.780  -12.072 2.021   1.00 25.74 ? 73  ILE A CB  1 
ATOM   559  C CG1 . ILE A 1 97  ? -5.687  -13.370 2.832   1.00 25.94 ? 73  ILE A CG1 1 
ATOM   560  C CG2 . ILE A 1 97  ? -6.371  -12.353 0.639   1.00 25.92 ? 73  ILE A CG2 1 
ATOM   561  C CD1 . ILE A 1 97  ? -4.806  -14.446 2.210   1.00 25.96 ? 73  ILE A CD1 1 
ATOM   562  N N   . THR A 1 98  ? -3.762  -9.859  0.111   1.00 25.45 ? 74  THR A N   1 
ATOM   563  C CA  . THR A 1 98  ? -3.776  -8.599  -0.631  1.00 25.58 ? 74  THR A CA  1 
ATOM   564  C C   . THR A 1 98  ? -5.092  -8.408  -1.388  1.00 25.94 ? 74  THR A C   1 
ATOM   565  O O   . THR A 1 98  ? -5.951  -9.300  -1.409  1.00 25.90 ? 74  THR A O   1 
ATOM   566  C CB  . THR A 1 98  ? -2.560  -8.497  -1.595  1.00 25.44 ? 74  THR A CB  1 
ATOM   567  O OG1 . THR A 1 98  ? -2.626  -9.516  -2.598  1.00 24.69 ? 74  THR A OG1 1 
ATOM   568  C CG2 . THR A 1 98  ? -1.239  -8.763  -0.855  1.00 25.23 ? 74  THR A CG2 1 
ATOM   569  N N   . ALA A 1 99  ? -5.243  -7.236  -2.000  1.00 26.23 ? 75  ALA A N   1 
ATOM   570  C CA  . ALA A 1 99  ? -6.471  -6.875  -2.715  1.00 26.48 ? 75  ALA A CA  1 
ATOM   571  C C   . ALA A 1 99  ? -6.694  -7.748  -3.949  1.00 26.57 ? 75  ALA A C   1 
ATOM   572  O O   . ALA A 1 99  ? -7.835  -7.989  -4.348  1.00 26.82 ? 75  ALA A O   1 
ATOM   573  C CB  . ALA A 1 99  ? -6.440  -5.398  -3.105  1.00 26.47 ? 75  ALA A CB  1 
ATOM   574  N N   . ASP A 1 100 ? -5.600  -8.227  -4.536  1.00 26.69 ? 76  ASP A N   1 
ATOM   575  C CA  . ASP A 1 100 ? -5.654  -9.112  -5.704  1.00 26.77 ? 76  ASP A CA  1 
ATOM   576  C C   . ASP A 1 100 ? -5.558  -10.596 -5.331  1.00 26.94 ? 76  ASP A C   1 
ATOM   577  O O   . ASP A 1 100 ? -5.350  -11.446 -6.198  1.00 26.90 ? 76  ASP A O   1 
ATOM   578  C CB  . ASP A 1 100 ? -4.560  -8.734  -6.714  1.00 26.84 ? 76  ASP A CB  1 
ATOM   579  C CG  . ASP A 1 100 ? -3.167  -8.827  -6.133  1.00 26.89 ? 76  ASP A CG  1 
ATOM   580  O OD1 . ASP A 1 100 ? -2.896  -8.146  -5.122  1.00 26.88 ? 76  ASP A OD1 1 
ATOM   581  O OD2 . ASP A 1 100 ? -2.274  -9.549  -6.621  1.00 26.93 ? 76  ASP A OD2 1 
ATOM   582  N N   . ASP A 1 101 ? -5.704  -10.889 -4.037  1.00 27.13 ? 77  ASP A N   1 
ATOM   583  C CA  . ASP A 1 101 ? -5.828  -12.251 -3.503  1.00 27.13 ? 77  ASP A CA  1 
ATOM   584  C C   . ASP A 1 101 ? -4.537  -13.095 -3.508  1.00 26.70 ? 77  ASP A C   1 
ATOM   585  O O   . ASP A 1 101 ? -4.593  -14.323 -3.622  1.00 26.88 ? 77  ASP A O   1 
ATOM   586  C CB  . ASP A 1 101 ? -6.992  -13.005 -4.180  1.00 27.56 ? 77  ASP A CB  1 
ATOM   587  C CG  . ASP A 1 101 ? -8.356  -12.465 -3.765  1.00 28.80 ? 77  ASP A CG  1 
ATOM   588  O OD1 . ASP A 1 101 ? -8.700  -12.572 -2.559  1.00 30.20 ? 77  ASP A OD1 1 
ATOM   589  O OD2 . ASP A 1 101 ? -9.149  -11.922 -4.571  1.00 29.88 ? 77  ASP A OD2 1 
ATOM   590  N N   . ARG A 1 102 ? -3.387  -12.441 -3.372  1.00 26.25 ? 78  ARG A N   1 
ATOM   591  C CA  . ARG A 1 102 ? -2.140  -13.129 -3.029  1.00 25.98 ? 78  ARG A CA  1 
ATOM   592  C C   . ARG A 1 102 ? -2.084  -13.329 -1.512  1.00 25.67 ? 78  ARG A C   1 
ATOM   593  O O   . ARG A 1 102 ? -2.440  -12.431 -0.755  1.00 25.03 ? 78  ARG A O   1 
ATOM   594  C CB  . ARG A 1 102 ? -0.908  -12.317 -3.436  1.00 25.99 ? 78  ARG A CB  1 
ATOM   595  C CG  . ARG A 1 102 ? -0.631  -12.196 -4.928  1.00 26.49 ? 78  ARG A CG  1 
ATOM   596  C CD  . ARG A 1 102 ? 0.457   -11.174 -5.233  1.00 26.45 ? 78  ARG A CD  1 
ATOM   597  N NE  . ARG A 1 102 ? 0.028   -9.828  -4.849  1.00 27.01 ? 78  ARG A NE  1 
ATOM   598  C CZ  . ARG A 1 102 ? 0.759   -8.925  -4.190  1.00 27.30 ? 78  ARG A CZ  1 
ATOM   599  N NH1 . ARG A 1 102 ? 2.003   -9.175  -3.778  1.00 27.55 ? 78  ARG A NH1 1 
ATOM   600  N NH2 . ARG A 1 102 ? 0.217   -7.748  -3.920  1.00 27.47 ? 78  ARG A NH2 1 
ATOM   601  N N   . LYS A 1 103 ? -1.630  -14.501 -1.078  1.00 25.45 ? 79  LYS A N   1 
ATOM   602  C CA  . LYS A 1 103 ? -1.319  -14.734 0.325   1.00 25.48 ? 79  LYS A CA  1 
ATOM   603  C C   . LYS A 1 103 ? 0.162   -14.460 0.543   1.00 25.37 ? 79  LYS A C   1 
ATOM   604  O O   . LYS A 1 103 ? 1.013   -15.161 -0.002  1.00 25.19 ? 79  LYS A O   1 
ATOM   605  C CB  . LYS A 1 103 ? -1.650  -16.168 0.718   1.00 25.71 ? 79  LYS A CB  1 
ATOM   606  C CG  . LYS A 1 103 ? -1.488  -16.442 2.210   1.00 25.88 ? 79  LYS A CG  1 
ATOM   607  C CD  . LYS A 1 103 ? -1.960  -17.841 2.551   1.00 26.45 ? 79  LYS A CD  1 
ATOM   608  C CE  . LYS A 1 103 ? -1.565  -18.223 3.965   1.00 26.66 ? 79  LYS A CE  1 
ATOM   609  N NZ  . LYS A 1 103 ? -2.099  -19.562 4.291   1.00 27.99 ? 79  LYS A NZ  1 
ATOM   610  N N   . VAL A 1 104 ? 0.469   -13.436 1.335   1.00 25.24 ? 80  VAL A N   1 
ATOM   611  C CA  . VAL A 1 104 ? 1.847   -12.998 1.537   1.00 25.36 ? 80  VAL A CA  1 
ATOM   612  C C   . VAL A 1 104 ? 2.216   -12.933 3.017   1.00 25.55 ? 80  VAL A C   1 
ATOM   613  O O   . VAL A 1 104 ? 1.344   -12.959 3.885   1.00 25.64 ? 80  VAL A O   1 
ATOM   614  C CB  . VAL A 1 104 ? 2.091   -11.614 0.885   1.00 25.23 ? 80  VAL A CB  1 
ATOM   615  C CG1 . VAL A 1 104 ? 1.618   -11.614 -0.563  1.00 25.66 ? 80  VAL A CG1 1 
ATOM   616  C CG2 . VAL A 1 104 ? 1.401   -10.489 1.669   1.00 24.99 ? 80  VAL A CG2 1 
ATOM   617  N N   . LYS A 1 105 ? 3.516   -12.869 3.286   1.00 25.83 ? 81  LYS A N   1 
ATOM   618  C CA  . LYS A 1 105 ? 4.046   -12.560 4.614   1.00 25.98 ? 81  LYS A CA  1 
ATOM   619  C C   . LYS A 1 105 ? 4.548   -11.121 4.544   1.00 25.84 ? 81  LYS A C   1 
ATOM   620  O O   . LYS A 1 105 ? 5.331   -10.785 3.669   1.00 25.51 ? 81  LYS A O   1 
ATOM   621  C CB  . LYS A 1 105 ? 5.198   -13.495 4.980   1.00 26.13 ? 81  LYS A CB  1 
ATOM   622  C CG  . LYS A 1 105 ? 4.819   -14.955 5.134   1.00 26.73 ? 81  LYS A CG  1 
ATOM   623  C CD  . LYS A 1 105 ? 4.129   -15.211 6.466   1.00 28.73 ? 81  LYS A CD  1 
ATOM   624  C CE  . LYS A 1 105 ? 4.340   -16.645 6.970   1.00 29.86 ? 81  LYS A CE  1 
ATOM   625  N NZ  . LYS A 1 105 ? 4.214   -16.719 8.465   1.00 30.73 ? 81  LYS A NZ  1 
ATOM   626  N N   . SER A 1 106 ? 4.106   -10.290 5.478   1.00 25.92 ? 82  SER A N   1 
ATOM   627  C CA  . SER A 1 106 ? 4.373   -8.856  5.456   1.00 26.17 ? 82  SER A CA  1 
ATOM   628  C C   . SER A 1 106 ? 5.081   -8.382  6.719   1.00 25.92 ? 82  SER A C   1 
ATOM   629  O O   . SER A 1 106 ? 4.772   -8.822  7.818   1.00 25.44 ? 82  SER A O   1 
ATOM   630  C CB  . SER A 1 106 ? 3.064   -8.088  5.321   1.00 26.26 ? 82  SER A CB  1 
ATOM   631  O OG  . SER A 1 106 ? 2.815   -7.790  3.968   1.00 28.08 ? 82  SER A OG  1 
ATOM   632  N N   . ILE A 1 107 ? 6.016   -7.464  6.541   1.00 25.90 ? 83  ILE A N   1 
ATOM   633  C CA  . ILE A 1 107 ? 6.695   -6.811  7.654   1.00 26.15 ? 83  ILE A CA  1 
ATOM   634  C C   . ILE A 1 107 ? 6.759   -5.314  7.347   1.00 25.84 ? 83  ILE A C   1 
ATOM   635  O O   . ILE A 1 107 ? 7.194   -4.908  6.263   1.00 25.98 ? 83  ILE A O   1 
ATOM   636  C CB  . ILE A 1 107 ? 8.107   -7.426  7.887   1.00 26.26 ? 83  ILE A CB  1 
ATOM   637  C CG1 . ILE A 1 107 ? 8.850   -6.690  9.000   1.00 27.15 ? 83  ILE A CG1 1 
ATOM   638  C CG2 . ILE A 1 107 ? 8.956   -7.386  6.639   1.00 27.53 ? 83  ILE A CG2 1 
ATOM   639  C CD1 . ILE A 1 107 ? 8.687   -7.336  10.327  1.00 28.57 ? 83  ILE A CD1 1 
ATOM   640  N N   . ILE A 1 108 ? 6.308   -4.504  8.300   1.00 25.24 ? 84  ILE A N   1 
ATOM   641  C CA  . ILE A 1 108 ? 6.289   -3.056  8.142   1.00 25.21 ? 84  ILE A CA  1 
ATOM   642  C C   . ILE A 1 108 ? 7.169   -2.403  9.201   1.00 24.85 ? 84  ILE A C   1 
ATOM   643  O O   . ILE A 1 108 ? 7.055   -2.699  10.384  1.00 24.54 ? 84  ILE A O   1 
ATOM   644  C CB  . ILE A 1 108 ? 4.844   -2.524  8.194   1.00 25.11 ? 84  ILE A CB  1 
ATOM   645  C CG1 . ILE A 1 108 ? 4.023   -3.213  7.104   1.00 25.38 ? 84  ILE A CG1 1 
ATOM   646  C CG2 . ILE A 1 108 ? 4.824   -1.010  8.003   1.00 25.29 ? 84  ILE A CG2 1 
ATOM   647  C CD1 . ILE A 1 108 ? 2.634   -2.669  6.918   1.00 25.90 ? 84  ILE A CD1 1 
ATOM   648  N N   . THR A 1 109 ? 8.061   -1.527  8.760   1.00 24.83 ? 85  THR A N   1 
ATOM   649  C CA  . THR A 1 109 ? 8.987   -0.855  9.665   1.00 24.91 ? 85  THR A CA  1 
ATOM   650  C C   . THR A 1 109 ? 8.945   0.642   9.465   1.00 24.92 ? 85  THR A C   1 
ATOM   651  O O   . THR A 1 109 ? 8.345   1.133   8.506   1.00 24.47 ? 85  THR A O   1 
ATOM   652  C CB  . THR A 1 109 ? 10.418  -1.375  9.457   1.00 24.88 ? 85  THR A CB  1 
ATOM   653  O OG1 . THR A 1 109 ? 10.810  -1.222  8.088   1.00 25.04 ? 85  THR A OG1 1 
ATOM   654  C CG2 . THR A 1 109 ? 10.490  -2.885  9.707   1.00 25.02 ? 85  THR A CG2 1 
ATOM   655  N N   . LEU A 1 110 ? 9.566   1.355   10.395  1.00 25.22 ? 86  LEU A N   1 
ATOM   656  C CA  . LEU A 1 110 ? 9.790   2.781   10.276  1.00 26.16 ? 86  LEU A CA  1 
ATOM   657  C C   . LEU A 1 110 ? 11.271  3.012   10.010  1.00 26.54 ? 86  LEU A C   1 
ATOM   658  O O   . LEU A 1 110 ? 12.116  2.725   10.842  1.00 26.41 ? 86  LEU A O   1 
ATOM   659  C CB  . LEU A 1 110 ? 9.334   3.505   11.535  1.00 26.31 ? 86  LEU A CB  1 
ATOM   660  C CG  . LEU A 1 110 ? 9.215   5.017   11.363  1.00 27.33 ? 86  LEU A CG  1 
ATOM   661  C CD1 . LEU A 1 110 ? 8.007   5.374   10.490  1.00 27.94 ? 86  LEU A CD1 1 
ATOM   662  C CD2 . LEU A 1 110 ? 9.133   5.675   12.729  1.00 28.83 ? 86  LEU A CD2 1 
ATOM   663  N N   . ASP A 1 111 ? 11.565  3.567   8.843   1.00 27.52 ? 87  ASP A N   1 
ATOM   664  C CA  . ASP A 1 111 ? 12.879  3.448   8.219   1.00 28.15 ? 87  ASP A CA  1 
ATOM   665  C C   . ASP A 1 111 ? 13.076  4.676   7.341   1.00 28.32 ? 87  ASP A C   1 
ATOM   666  O O   . ASP A 1 111 ? 12.493  4.776   6.262   1.00 28.67 ? 87  ASP A O   1 
ATOM   667  C CB  . ASP A 1 111 ? 12.888  2.157   7.384   1.00 28.36 ? 87  ASP A CB  1 
ATOM   668  C CG  . ASP A 1 111 ? 14.174  1.946   6.589   1.00 29.69 ? 87  ASP A CG  1 
ATOM   669  O OD1 . ASP A 1 111 ? 14.246  0.900   5.892   1.00 29.71 ? 87  ASP A OD1 1 
ATOM   670  O OD2 . ASP A 1 111 ? 15.155  2.736   6.588   1.00 31.15 ? 87  ASP A OD2 1 
ATOM   671  N N   . GLY A 1 112 ? 13.883  5.614   7.818   1.00 28.70 ? 88  GLY A N   1 
ATOM   672  C CA  . GLY A 1 112 ? 14.090  6.882   7.141   1.00 28.81 ? 88  GLY A CA  1 
ATOM   673  C C   . GLY A 1 112 ? 12.859  7.769   7.175   1.00 28.83 ? 88  GLY A C   1 
ATOM   674  O O   . GLY A 1 112 ? 12.633  8.543   6.248   1.00 28.97 ? 88  GLY A O   1 
ATOM   675  N N   . GLY A 1 113 ? 12.060  7.651   8.237   1.00 28.87 ? 89  GLY A N   1 
ATOM   676  C CA  . GLY A 1 113 ? 10.822  8.408   8.366   1.00 28.94 ? 89  GLY A CA  1 
ATOM   677  C C   . GLY A 1 113 ? 9.633   7.897   7.554   1.00 28.84 ? 89  GLY A C   1 
ATOM   678  O O   . GLY A 1 113 ? 8.542   8.469   7.636   1.00 29.29 ? 89  GLY A O   1 
ATOM   679  N N   . ALA A 1 114 ? 9.828   6.826   6.785   1.00 28.24 ? 90  ALA A N   1 
ATOM   680  C CA  . ALA A 1 114 ? 8.760   6.249   5.974   1.00 27.87 ? 90  ALA A CA  1 
ATOM   681  C C   . ALA A 1 114 ? 8.311   4.915   6.557   1.00 27.43 ? 90  ALA A C   1 
ATOM   682  O O   . ALA A 1 114 ? 9.094   4.224   7.187   1.00 27.89 ? 90  ALA A O   1 
ATOM   683  C CB  . ALA A 1 114 ? 9.246   6.060   4.533   1.00 27.70 ? 90  ALA A CB  1 
ATOM   684  N N   . LEU A 1 115 ? 7.044   4.568   6.370   1.00 27.00 ? 91  LEU A N   1 
ATOM   685  C CA  . LEU A 1 115 ? 6.581   3.210   6.609   1.00 26.73 ? 91  LEU A CA  1 
ATOM   686  C C   . LEU A 1 115 ? 6.931   2.333   5.409   1.00 26.33 ? 91  LEU A C   1 
ATOM   687  O O   . LEU A 1 115 ? 6.418   2.536   4.310   1.00 26.17 ? 91  LEU A O   1 
ATOM   688  C CB  . LEU A 1 115 ? 5.067   3.170   6.839   1.00 26.93 ? 91  LEU A CB  1 
ATOM   689  C CG  . LEU A 1 115 ? 4.547   3.688   8.177   1.00 27.00 ? 91  LEU A CG  1 
ATOM   690  C CD1 . LEU A 1 115 ? 3.033   3.850   8.101   1.00 27.03 ? 91  LEU A CD1 1 
ATOM   691  C CD2 . LEU A 1 115 ? 4.939   2.768   9.315   1.00 26.18 ? 91  LEU A CD2 1 
ATOM   692  N N   . VAL A 1 116 ? 7.793   1.352   5.633   1.00 26.01 ? 92  VAL A N   1 
ATOM   693  C CA  . VAL A 1 116 ? 8.276   0.469   4.582   1.00 25.87 ? 92  VAL A CA  1 
ATOM   694  C C   . VAL A 1 116 ? 7.676   -0.907  4.803   1.00 25.84 ? 92  VAL A C   1 
ATOM   695  O O   . VAL A 1 116 ? 7.892   -1.526  5.842   1.00 25.95 ? 92  VAL A O   1 
ATOM   696  C CB  . VAL A 1 116 ? 9.809   0.388   4.605   1.00 25.80 ? 92  VAL A CB  1 
ATOM   697  C CG1 . VAL A 1 116 ? 10.331  -0.527  3.508   1.00 25.82 ? 92  VAL A CG1 1 
ATOM   698  C CG2 . VAL A 1 116 ? 10.401  1.786   4.474   1.00 25.55 ? 92  VAL A CG2 1 
ATOM   699  N N   . GLN A 1 117 ? 6.902   -1.368  3.827   1.00 25.71 ? 93  GLN A N   1 
ATOM   700  C CA  . GLN A 1 117 ? 6.288   -2.687  3.857   1.00 25.53 ? 93  GLN A CA  1 
ATOM   701  C C   . GLN A 1 117 ? 6.957   -3.580  2.815   1.00 25.46 ? 93  GLN A C   1 
ATOM   702  O O   . GLN A 1 117 ? 7.046   -3.221  1.643   1.00 25.05 ? 93  GLN A O   1 
ATOM   703  C CB  . GLN A 1 117 ? 4.800   -2.571  3.553   1.00 25.62 ? 93  GLN A CB  1 
ATOM   704  C CG  . GLN A 1 117 ? 4.081   -3.900  3.417   1.00 26.09 ? 93  GLN A CG  1 
ATOM   705  C CD  . GLN A 1 117 ? 2.585   -3.744  3.249   1.00 26.43 ? 93  GLN A CD  1 
ATOM   706  O OE1 . GLN A 1 117 ? 2.100   -2.648  2.968   1.00 28.02 ? 93  GLN A OE1 1 
ATOM   707  N NE2 . GLN A 1 117 ? 1.852   -4.835  3.413   1.00 25.71 ? 93  GLN A NE2 1 
ATOM   708  N N   . VAL A 1 118 ? 7.427   -4.744  3.252   1.00 25.43 ? 94  VAL A N   1 
ATOM   709  C CA  . VAL A 1 118 ? 7.930   -5.775  2.356   1.00 25.03 ? 94  VAL A CA  1 
ATOM   710  C C   . VAL A 1 118 ? 6.944   -6.935  2.377   1.00 24.92 ? 94  VAL A C   1 
ATOM   711  O O   . VAL A 1 118 ? 6.616   -7.445  3.434   1.00 25.04 ? 94  VAL A O   1 
ATOM   712  C CB  . VAL A 1 118 ? 9.315   -6.273  2.789   1.00 25.10 ? 94  VAL A CB  1 
ATOM   713  C CG1 . VAL A 1 118 ? 9.819   -7.381  1.847   1.00 25.15 ? 94  VAL A CG1 1 
ATOM   714  C CG2 . VAL A 1 118 ? 10.308  -5.108  2.838   1.00 25.30 ? 94  VAL A CG2 1 
ATOM   715  N N   . GLN A 1 119 ? 6.463   -7.331  1.202   1.00 25.02 ? 95  GLN A N   1 
ATOM   716  C CA  . GLN A 1 119 ? 5.554   -8.459  1.049   1.00 24.84 ? 95  GLN A CA  1 
ATOM   717  C C   . GLN A 1 119 ? 6.287   -9.596  0.358   1.00 24.88 ? 95  GLN A C   1 
ATOM   718  O O   . GLN A 1 119 ? 6.856   -9.385  -0.705  1.00 24.55 ? 95  GLN A O   1 
ATOM   719  C CB  . GLN A 1 119 ? 4.358   -8.049  0.193   1.00 24.74 ? 95  GLN A CB  1 
ATOM   720  C CG  . GLN A 1 119 ? 3.321   -7.224  0.920   1.00 24.32 ? 95  GLN A CG  1 
ATOM   721  C CD  . GLN A 1 119 ? 2.178   -6.828  0.026   1.00 23.51 ? 95  GLN A CD  1 
ATOM   722  O OE1 . GLN A 1 119 ? 2.284   -6.930  -1.190  1.00 24.07 ? 95  GLN A OE1 1 
ATOM   723  N NE2 . GLN A 1 119 ? 1.080   -6.374  0.621   1.00 23.69 ? 95  GLN A NE2 1 
ATOM   724  N N   . LYS A 1 120 ? 6.263   -10.789 0.956   1.00 24.96 ? 96  LYS A N   1 
ATOM   725  C CA  . LYS A 1 120 ? 6.942   -11.968 0.406   1.00 25.39 ? 96  LYS A CA  1 
ATOM   726  C C   . LYS A 1 120 ? 5.958   -13.099 0.143   1.00 25.25 ? 96  LYS A C   1 
ATOM   727  O O   . LYS A 1 120 ? 5.097   -13.382 0.965   1.00 25.35 ? 96  LYS A O   1 
ATOM   728  C CB  . LYS A 1 120 ? 8.036   -12.460 1.350   1.00 25.59 ? 96  LYS A CB  1 
ATOM   729  C CG  . LYS A 1 120 ? 9.247   -11.533 1.432   1.00 27.05 ? 96  LYS A CG  1 
ATOM   730  C CD  . LYS A 1 120 ? 10.143  -11.880 2.625   1.00 28.95 ? 96  LYS A CD  1 
ATOM   731  C CE  . LYS A 1 120 ? 11.479  -12.459 2.173   1.00 30.73 ? 96  LYS A CE  1 
ATOM   732  N NZ  . LYS A 1 120 ? 12.220  -13.091 3.304   1.00 32.08 ? 96  LYS A NZ  1 
ATOM   733  N N   . TRP A 1 121 ? 6.096   -13.735 -1.013  1.00 25.43 ? 97  TRP A N   1 
ATOM   734  C CA  . TRP A 1 121 ? 5.235   -14.845 -1.415  1.00 25.70 ? 97  TRP A CA  1 
ATOM   735  C C   . TRP A 1 121 ? 5.848   -15.575 -2.604  1.00 26.19 ? 97  TRP A C   1 
ATOM   736  O O   . TRP A 1 121 ? 6.249   -14.942 -3.583  1.00 26.08 ? 97  TRP A O   1 
ATOM   737  C CB  . TRP A 1 121 ? 3.821   -14.348 -1.768  1.00 25.65 ? 97  TRP A CB  1 
ATOM   738  C CG  . TRP A 1 121 ? 3.671   -13.756 -3.154  1.00 25.18 ? 97  TRP A CG  1 
ATOM   739  C CD1 . TRP A 1 121 ? 3.000   -14.308 -4.208  1.00 25.61 ? 97  TRP A CD1 1 
ATOM   740  C CD2 . TRP A 1 121 ? 4.191   -12.503 -3.627  1.00 25.66 ? 97  TRP A CD2 1 
ATOM   741  N NE1 . TRP A 1 121 ? 3.072   -13.482 -5.305  1.00 25.49 ? 97  TRP A NE1 1 
ATOM   742  C CE2 . TRP A 1 121 ? 3.798   -12.367 -4.978  1.00 25.37 ? 97  TRP A CE2 1 
ATOM   743  C CE3 . TRP A 1 121 ? 4.950   -11.474 -3.044  1.00 25.66 ? 97  TRP A CE3 1 
ATOM   744  C CZ2 . TRP A 1 121 ? 4.139   -11.253 -5.754  1.00 25.36 ? 97  TRP A CZ2 1 
ATOM   745  C CZ3 . TRP A 1 121 ? 5.289   -10.366 -3.819  1.00 25.72 ? 97  TRP A CZ3 1 
ATOM   746  C CH2 . TRP A 1 121 ? 4.885   -10.270 -5.162  1.00 25.84 ? 97  TRP A CH2 1 
ATOM   747  N N   . ASP A 1 122 ? 5.930   -16.902 -2.498  1.00 26.78 ? 98  ASP A N   1 
ATOM   748  C CA  . ASP A 1 122 ? 6.417   -17.775 -3.570  1.00 27.13 ? 98  ASP A CA  1 
ATOM   749  C C   . ASP A 1 122 ? 7.844   -17.450 -4.031  1.00 27.08 ? 98  ASP A C   1 
ATOM   750  O O   . ASP A 1 122 ? 8.143   -17.502 -5.225  1.00 27.04 ? 98  ASP A O   1 
ATOM   751  C CB  . ASP A 1 122 ? 5.463   -17.734 -4.773  1.00 27.61 ? 98  ASP A CB  1 
ATOM   752  C CG  . ASP A 1 122 ? 4.045   -18.157 -4.423  1.00 28.98 ? 98  ASP A CG  1 
ATOM   753  O OD1 . ASP A 1 122 ? 3.824   -18.755 -3.346  1.00 30.52 ? 98  ASP A OD1 1 
ATOM   754  O OD2 . ASP A 1 122 ? 3.082   -17.945 -5.191  1.00 31.85 ? 98  ASP A OD2 1 
ATOM   755  N N   . GLY A 1 123 ? 8.717   -17.115 -3.085  1.00 27.07 ? 99  GLY A N   1 
ATOM   756  C CA  . GLY A 1 123 ? 10.092  -16.751 -3.399  1.00 27.13 ? 99  GLY A CA  1 
ATOM   757  C C   . GLY A 1 123 ? 10.285  -15.361 -3.998  1.00 27.12 ? 99  GLY A C   1 
ATOM   758  O O   . GLY A 1 123 ? 11.408  -14.987 -4.338  1.00 27.05 ? 99  GLY A O   1 
ATOM   759  N N   . LYS A 1 124 ? 9.201   -14.596 -4.118  1.00 27.10 ? 100 LYS A N   1 
ATOM   760  C CA  . LYS A 1 124 ? 9.245   -13.245 -4.668  1.00 27.11 ? 100 LYS A CA  1 
ATOM   761  C C   . LYS A 1 124 ? 9.119   -12.228 -3.551  1.00 26.83 ? 100 LYS A C   1 
ATOM   762  O O   . LYS A 1 124 ? 8.888   -12.583 -2.391  1.00 26.71 ? 100 LYS A O   1 
ATOM   763  C CB  . LYS A 1 124 ? 8.099   -13.007 -5.655  1.00 27.34 ? 100 LYS A CB  1 
ATOM   764  C CG  . LYS A 1 124 ? 7.774   -14.163 -6.583  1.00 27.91 ? 100 LYS A CG  1 
ATOM   765  C CD  . LYS A 1 124 ? 7.019   -13.663 -7.822  1.00 29.47 ? 100 LYS A CD  1 
ATOM   766  C CE  . LYS A 1 124 ? 5.944   -14.645 -8.279  1.00 30.58 ? 100 LYS A CE  1 
ATOM   767  N NZ  . LYS A 1 124 ? 4.806   -14.687 -7.315  1.00 31.23 ? 100 LYS A NZ  1 
ATOM   768  N N   . SER A 1 125 ? 9.263   -10.957 -3.911  1.00 26.52 ? 101 SER A N   1 
ATOM   769  C CA  . SER A 1 125 ? 8.955   -9.863  -2.996  1.00 26.46 ? 101 SER A CA  1 
ATOM   770  C C   . SER A 1 125 ? 8.638   -8.564  -3.722  1.00 26.06 ? 101 SER A C   1 
ATOM   771  O O   . SER A 1 125 ? 8.992   -8.375  -4.878  1.00 26.05 ? 101 SER A O   1 
ATOM   772  C CB  . SER A 1 125 ? 10.102  -9.637  -2.008  1.00 26.30 ? 101 SER A CB  1 
ATOM   773  O OG  . SER A 1 125 ? 11.310  -9.411  -2.708  1.00 27.15 ? 101 SER A OG  1 
ATOM   774  N N   . THR A 1 126 ? 7.937   -7.685  -3.020  1.00 25.81 ? 102 THR A N   1 
ATOM   775  C CA  . THR A 1 126 ? 7.723   -6.314  -3.453  1.00 25.61 ? 102 THR A CA  1 
ATOM   776  C C   . THR A 1 126 ? 7.792   -5.416  -2.219  1.00 25.36 ? 102 THR A C   1 
ATOM   777  O O   . THR A 1 126 ? 7.572   -5.876  -1.102  1.00 24.94 ? 102 THR A O   1 
ATOM   778  C CB  . THR A 1 126 ? 6.365   -6.176  -4.190  1.00 25.61 ? 102 THR A CB  1 
ATOM   779  O OG1 . THR A 1 126 ? 6.209   -4.844  -4.690  1.00 25.90 ? 102 THR A OG1 1 
ATOM   780  C CG2 . THR A 1 126 ? 5.179   -6.357  -3.240  1.00 25.73 ? 102 THR A CG2 1 
ATOM   781  N N   . THR A 1 127 ? 8.121   -4.147  -2.432  1.00 25.28 ? 103 THR A N   1 
ATOM   782  C CA  . THR A 1 127 ? 8.276   -3.173  -1.361  1.00 25.55 ? 103 THR A CA  1 
ATOM   783  C C   . THR A 1 127 ? 7.328   -1.998  -1.583  1.00 25.41 ? 103 THR A C   1 
ATOM   784  O O   . THR A 1 127 ? 7.264   -1.436  -2.678  1.00 25.60 ? 103 THR A O   1 
ATOM   785  C CB  . THR A 1 127 ? 9.740   -2.676  -1.294  1.00 25.74 ? 103 THR A CB  1 
ATOM   786  O OG1 . THR A 1 127 ? 10.592  -3.732  -0.840  1.00 26.24 ? 103 THR A OG1 1 
ATOM   787  C CG2 . THR A 1 127 ? 9.914   -1.592  -0.224  1.00 26.55 ? 103 THR A CG2 1 
ATOM   788  N N   . ILE A 1 128 ? 6.603   -1.632  -0.532  1.00 25.33 ? 104 ILE A N   1 
ATOM   789  C CA  . ILE A 1 128 ? 5.646   -0.538  -0.563  1.00 25.39 ? 104 ILE A CA  1 
ATOM   790  C C   . ILE A 1 128 ? 6.055   0.507   0.471   1.00 25.80 ? 104 ILE A C   1 
ATOM   791  O O   . ILE A 1 128 ? 5.813   0.332   1.666   1.00 26.17 ? 104 ILE A O   1 
ATOM   792  C CB  . ILE A 1 128 ? 4.239   -1.063  -0.258  1.00 25.17 ? 104 ILE A CB  1 
ATOM   793  C CG1 . ILE A 1 128 ? 3.844   -2.131  -1.282  1.00 25.29 ? 104 ILE A CG1 1 
ATOM   794  C CG2 . ILE A 1 128 ? 3.237   0.086   -0.224  1.00 25.31 ? 104 ILE A CG2 1 
ATOM   795  C CD1 . ILE A 1 128 ? 2.650   -2.918  -0.912  1.00 24.91 ? 104 ILE A CD1 1 
ATOM   796  N N   . LYS A 1 129 ? 6.682   1.578   -0.001  1.00 25.84 ? 105 LYS A N   1 
ATOM   797  C CA  . LYS A 1 129 ? 7.156   2.673   0.834   1.00 26.27 ? 105 LYS A CA  1 
ATOM   798  C C   . LYS A 1 129 ? 6.097   3.782   0.931   1.00 26.29 ? 105 LYS A C   1 
ATOM   799  O O   . LYS A 1 129 ? 5.650   4.312   -0.080  1.00 26.58 ? 105 LYS A O   1 
ATOM   800  C CB  . LYS A 1 129 ? 8.453   3.223   0.232   1.00 26.28 ? 105 LYS A CB  1 
ATOM   801  C CG  . LYS A 1 129 ? 9.283   4.084   1.154   1.00 27.72 ? 105 LYS A CG  1 
ATOM   802  C CD  . LYS A 1 129 ? 10.538  4.616   0.442   1.00 28.94 ? 105 LYS A CD  1 
ATOM   803  C CE  . LYS A 1 129 ? 10.836  6.068   0.818   1.00 29.67 ? 105 LYS A CE  1 
ATOM   804  N NZ  . LYS A 1 129 ? 11.999  6.640   0.070   1.00 30.77 ? 105 LYS A NZ  1 
ATOM   805  N N   . ARG A 1 130 ? 5.707   4.128   2.153   1.00 26.35 ? 106 ARG A N   1 
ATOM   806  C CA  . ARG A 1 130 ? 4.774   5.222   2.411   1.00 26.34 ? 106 ARG A CA  1 
ATOM   807  C C   . ARG A 1 130 ? 5.526   6.324   3.143   1.00 26.19 ? 106 ARG A C   1 
ATOM   808  O O   . ARG A 1 130 ? 6.053   6.098   4.229   1.00 25.62 ? 106 ARG A O   1 
ATOM   809  C CB  . ARG A 1 130 ? 3.593   4.745   3.265   1.00 26.44 ? 106 ARG A CB  1 
ATOM   810  C CG  . ARG A 1 130 ? 2.698   3.710   2.594   1.00 26.70 ? 106 ARG A CG  1 
ATOM   811  C CD  . ARG A 1 130 ? 1.552   3.205   3.476   1.00 27.91 ? 106 ARG A CD  1 
ATOM   812  N NE  . ARG A 1 130 ? 0.655   2.300   2.754   1.00 29.37 ? 106 ARG A NE  1 
ATOM   813  C CZ  . ARG A 1 130 ? 0.753   0.968   2.725   1.00 30.72 ? 106 ARG A CZ  1 
ATOM   814  N NH1 . ARG A 1 130 ? 1.704   0.331   3.399   1.00 31.45 ? 106 ARG A NH1 1 
ATOM   815  N NH2 . ARG A 1 130 ? -0.121  0.260   2.021   1.00 31.10 ? 106 ARG A NH2 1 
ATOM   816  N N   . LYS A 1 131 ? 5.583   7.514   2.545   1.00 26.35 ? 107 LYS A N   1 
ATOM   817  C CA  . LYS A 1 131 ? 6.324   8.634   3.125   1.00 26.45 ? 107 LYS A CA  1 
ATOM   818  C C   . LYS A 1 131 ? 5.561   9.953   3.058   1.00 26.47 ? 107 LYS A C   1 
ATOM   819  O O   . LYS A 1 131 ? 4.660   10.119  2.247   1.00 26.07 ? 107 LYS A O   1 
ATOM   820  C CB  . LYS A 1 131 ? 7.701   8.767   2.457   1.00 26.52 ? 107 LYS A CB  1 
ATOM   821  C CG  . LYS A 1 131 ? 7.705   9.077   0.961   1.00 27.11 ? 107 LYS A CG  1 
ATOM   822  C CD  . LYS A 1 131 ? 9.103   9.517   0.516   1.00 27.48 ? 107 LYS A CD  1 
ATOM   823  C CE  . LYS A 1 131 ? 9.223   9.666   -1.003  1.00 27.53 ? 107 LYS A CE  1 
ATOM   824  N NZ  . LYS A 1 131 ? 10.416  10.491  -1.396  1.00 26.91 ? 107 LYS A NZ  1 
ATOM   825  N N   . ARG A 1 132 ? 5.923   10.875  3.941   1.00 26.94 ? 108 ARG A N   1 
ATOM   826  C CA  . ARG A 1 132 ? 5.372   12.229  3.944   1.00 27.40 ? 108 ARG A CA  1 
ATOM   827  C C   . ARG A 1 132 ? 6.288   13.144  3.149   1.00 27.59 ? 108 ARG A C   1 
ATOM   828  O O   . ARG A 1 132 ? 7.511   13.015  3.215   1.00 27.89 ? 108 ARG A O   1 
ATOM   829  C CB  . ARG A 1 132 ? 5.240   12.766  5.371   1.00 27.39 ? 108 ARG A CB  1 
ATOM   830  C CG  . ARG A 1 132 ? 4.430   11.875  6.319   1.00 27.91 ? 108 ARG A CG  1 
ATOM   831  C CD  . ARG A 1 132 ? 2.973   11.637  5.914   1.00 28.50 ? 108 ARG A CD  1 
ATOM   832  N NE  . ARG A 1 132 ? 2.450   12.707  5.066   1.00 29.19 ? 108 ARG A NE  1 
ATOM   833  C CZ  . ARG A 1 132 ? 2.008   13.889  5.494   1.00 28.34 ? 108 ARG A CZ  1 
ATOM   834  N NH1 . ARG A 1 132 ? 1.977   14.194  6.783   1.00 28.56 ? 108 ARG A NH1 1 
ATOM   835  N NH2 . ARG A 1 132 ? 1.573   14.767  4.612   1.00 28.42 ? 108 ARG A NH2 1 
ATOM   836  N N   . ASP A 1 133 ? 5.688   14.079  2.418   1.00 27.79 ? 109 ASP A N   1 
ATOM   837  C CA  . ASP A 1 133 ? 6.418   14.993  1.551   1.00 27.87 ? 109 ASP A CA  1 
ATOM   838  C C   . ASP A 1 133 ? 5.560   16.244  1.377   1.00 27.71 ? 109 ASP A C   1 
ATOM   839  O O   . ASP A 1 133 ? 4.729   16.313  0.472   1.00 27.66 ? 109 ASP A O   1 
ATOM   840  C CB  . ASP A 1 133 ? 6.702   14.322  0.202   1.00 28.11 ? 109 ASP A CB  1 
ATOM   841  C CG  . ASP A 1 133 ? 7.547   15.184  -0.720  1.00 29.00 ? 109 ASP A CG  1 
ATOM   842  O OD1 . ASP A 1 133 ? 6.971   15.936  -1.537  1.00 30.83 ? 109 ASP A OD1 1 
ATOM   843  O OD2 . ASP A 1 133 ? 8.797   15.175  -0.705  1.00 30.51 ? 109 ASP A OD2 1 
ATOM   844  N N   . GLY A 1 134 ? 5.762   17.224  2.260   1.00 27.49 ? 110 GLY A N   1 
ATOM   845  C CA  . GLY A 1 134 ? 4.863   18.360  2.370   1.00 27.03 ? 110 GLY A CA  1 
ATOM   846  C C   . GLY A 1 134 ? 3.505   17.867  2.837   1.00 26.87 ? 110 GLY A C   1 
ATOM   847  O O   . GLY A 1 134 ? 3.425   17.026  3.736   1.00 26.64 ? 110 GLY A O   1 
ATOM   848  N N   . ASP A 1 135 ? 2.441   18.342  2.198   1.00 26.61 ? 111 ASP A N   1 
ATOM   849  C CA  . ASP A 1 135 ? 1.081   17.905  2.543   1.00 26.54 ? 111 ASP A CA  1 
ATOM   850  C C   . ASP A 1 135 ? 0.636   16.584  1.879   1.00 26.10 ? 111 ASP A C   1 
ATOM   851  O O   . ASP A 1 135 ? -0.559  16.280  1.867   1.00 26.14 ? 111 ASP A O   1 
ATOM   852  C CB  . ASP A 1 135 ? 0.055   19.022  2.262   1.00 26.56 ? 111 ASP A CB  1 
ATOM   853  C CG  . ASP A 1 135 ? 0.148   19.589  0.846   1.00 27.24 ? 111 ASP A CG  1 
ATOM   854  O OD1 . ASP A 1 135 ? 0.529   18.854  -0.092  1.00 28.01 ? 111 ASP A OD1 1 
ATOM   855  O OD2 . ASP A 1 135 ? -0.153  20.773  0.577   1.00 27.96 ? 111 ASP A OD2 1 
ATOM   856  N N   . LYS A 1 136 ? 1.579   15.798  1.358   1.00 25.63 ? 112 LYS A N   1 
ATOM   857  C CA  . LYS A 1 136 ? 1.251   14.590  0.597   1.00 25.51 ? 112 LYS A CA  1 
ATOM   858  C C   . LYS A 1 136 ? 1.757   13.298  1.255   1.00 25.54 ? 112 LYS A C   1 
ATOM   859  O O   . LYS A 1 136 ? 2.844   13.258  1.825   1.00 25.54 ? 112 LYS A O   1 
ATOM   860  C CB  . LYS A 1 136 ? 1.836   14.679  -0.820  1.00 25.49 ? 112 LYS A CB  1 
ATOM   861  C CG  . LYS A 1 136 ? 1.393   15.899  -1.641  1.00 25.30 ? 112 LYS A CG  1 
ATOM   862  C CD  . LYS A 1 136 ? -0.108  15.912  -1.893  1.00 25.21 ? 112 LYS A CD  1 
ATOM   863  C CE  . LYS A 1 136 ? -0.492  16.862  -3.039  1.00 25.62 ? 112 LYS A CE  1 
ATOM   864  N NZ  . LYS A 1 136 ? 0.028   18.246  -2.831  1.00 25.64 ? 112 LYS A NZ  1 
ATOM   865  N N   . LEU A 1 137 ? 0.942   12.252  1.186   1.00 25.48 ? 113 LEU A N   1 
ATOM   866  C CA  . LEU A 1 137 ? 1.400   10.895  1.431   1.00 25.53 ? 113 LEU A CA  1 
ATOM   867  C C   . LEU A 1 137 ? 1.789   10.276  0.087   1.00 25.28 ? 113 LEU A C   1 
ATOM   868  O O   . LEU A 1 137 ? 0.953   10.111  -0.790  1.00 24.83 ? 113 LEU A O   1 
ATOM   869  C CB  . LEU A 1 137 ? 0.308   10.073  2.113   1.00 25.72 ? 113 LEU A CB  1 
ATOM   870  C CG  . LEU A 1 137 ? 0.829   8.844   2.864   1.00 26.84 ? 113 LEU A CG  1 
ATOM   871  C CD1 . LEU A 1 137 ? -0.114  8.451   3.998   1.00 27.71 ? 113 LEU A CD1 1 
ATOM   872  C CD2 . LEU A 1 137 ? 1.061   7.669   1.918   1.00 27.19 ? 113 LEU A CD2 1 
ATOM   873  N N   . VAL A 1 138 ? 3.068   9.953   -0.065  1.00 25.24 ? 114 VAL A N   1 
ATOM   874  C CA  . VAL A 1 138 ? 3.618   9.422   -1.302  1.00 25.07 ? 114 VAL A CA  1 
ATOM   875  C C   . VAL A 1 138 ? 3.912   7.927   -1.141  1.00 25.36 ? 114 VAL A C   1 
ATOM   876  O O   . VAL A 1 138 ? 4.820   7.531   -0.403  1.00 25.56 ? 114 VAL A O   1 
ATOM   877  C CB  . VAL A 1 138 ? 4.903   10.182  -1.690  1.00 24.92 ? 114 VAL A CB  1 
ATOM   878  C CG1 . VAL A 1 138 ? 5.574   9.551   -2.902  1.00 25.38 ? 114 VAL A CG1 1 
ATOM   879  C CG2 . VAL A 1 138 ? 4.595   11.661  -1.951  1.00 24.62 ? 114 VAL A CG2 1 
ATOM   880  N N   . VAL A 1 139 ? 3.127   7.105   -1.825  1.00 25.50 ? 115 VAL A N   1 
ATOM   881  C CA  . VAL A 1 139 ? 3.307   5.658   -1.828  1.00 25.82 ? 115 VAL A CA  1 
ATOM   882  C C   . VAL A 1 139 ? 4.055   5.245   -3.096  1.00 26.18 ? 115 VAL A C   1 
ATOM   883  O O   . VAL A 1 139 ? 3.569   5.468   -4.200  1.00 25.77 ? 115 VAL A O   1 
ATOM   884  C CB  . VAL A 1 139 ? 1.945   4.923   -1.808  1.00 25.70 ? 115 VAL A CB  1 
ATOM   885  C CG1 . VAL A 1 139 ? 2.138   3.426   -1.616  1.00 25.82 ? 115 VAL A CG1 1 
ATOM   886  C CG2 . VAL A 1 139 ? 1.024   5.511   -0.752  1.00 25.71 ? 115 VAL A CG2 1 
ATOM   887  N N   . GLU A 1 140 ? 5.231   4.647   -2.938  1.00 26.79 ? 116 GLU A N   1 
ATOM   888  C CA  . GLU A 1 140 ? 5.954   4.074   -4.061  1.00 27.41 ? 116 GLU A CA  1 
ATOM   889  C C   . GLU A 1 140 ? 6.115   2.554   -3.889  1.00 27.59 ? 116 GLU A C   1 
ATOM   890  O O   . GLU A 1 140 ? 6.565   2.075   -2.839  1.00 27.46 ? 116 GLU A O   1 
ATOM   891  C CB  . GLU A 1 140 ? 7.284   4.822   -4.276  1.00 27.90 ? 116 GLU A CB  1 
ATOM   892  C CG  . GLU A 1 140 ? 8.559   4.205   -3.710  1.00 29.34 ? 116 GLU A CG  1 
ATOM   893  C CD  . GLU A 1 140 ? 9.776   5.072   -4.002  1.00 31.91 ? 116 GLU A CD  1 
ATOM   894  O OE1 . GLU A 1 140 ? 10.707  4.589   -4.692  1.00 34.17 ? 116 GLU A OE1 1 
ATOM   895  O OE2 . GLU A 1 140 ? 9.795   6.251   -3.570  1.00 32.64 ? 116 GLU A OE2 1 
ATOM   896  N N   . CYS A 1 141 ? 5.695   1.813   -4.917  1.00 27.65 ? 117 CYS A N   1 
ATOM   897  C CA  . CYS A 1 141 ? 5.745   0.355   -4.936  1.00 27.96 ? 117 CYS A CA  1 
ATOM   898  C C   . CYS A 1 141 ? 6.769   -0.133  -5.950  1.00 27.90 ? 117 CYS A C   1 
ATOM   899  O O   . CYS A 1 141 ? 6.752   0.292   -7.102  1.00 27.85 ? 117 CYS A O   1 
ATOM   900  C CB  . CYS A 1 141 ? 4.375   -0.223  -5.283  1.00 27.88 ? 117 CYS A CB  1 
ATOM   901  S SG  . CYS A 1 141 ? 2.995   0.654   -4.521  1.00 29.60 ? 117 CYS A SG  1 
ATOM   902  N N   . VAL A 1 142 ? 7.647   -1.033  -5.516  1.00 28.09 ? 118 VAL A N   1 
ATOM   903  C CA  . VAL A 1 142 ? 8.734   -1.543  -6.342  1.00 28.18 ? 118 VAL A CA  1 
ATOM   904  C C   . VAL A 1 142 ? 8.720   -3.068  -6.380  1.00 28.31 ? 118 VAL A C   1 
ATOM   905  O O   . VAL A 1 142 ? 8.534   -3.727  -5.358  1.00 28.20 ? 118 VAL A O   1 
ATOM   906  C CB  . VAL A 1 142 ? 10.106  -1.085  -5.812  1.00 28.11 ? 118 VAL A CB  1 
ATOM   907  C CG1 . VAL A 1 142 ? 11.207  -1.382  -6.838  1.00 28.12 ? 118 VAL A CG1 1 
ATOM   908  C CG2 . VAL A 1 142 ? 10.073  0.396   -5.459  1.00 28.64 ? 118 VAL A CG2 1 
ATOM   909  N N   . MET A 1 143 ? 8.945   -3.611  -7.570  1.00 28.42 ? 119 MET A N   1 
ATOM   910  C CA  . MET A 1 143 ? 8.979   -5.046  -7.800  1.00 28.73 ? 119 MET A CA  1 
ATOM   911  C C   . MET A 1 143 ? 10.032  -5.316  -8.877  1.00 28.98 ? 119 MET A C   1 
ATOM   912  O O   . MET A 1 143 ? 9.768   -5.164  -10.068 1.00 28.61 ? 119 MET A O   1 
ATOM   913  C CB  . MET A 1 143 ? 7.596   -5.530  -8.249  1.00 28.87 ? 119 MET A CB  1 
ATOM   914  C CG  . MET A 1 143 ? 7.549   -6.955  -8.787  1.00 29.01 ? 119 MET A CG  1 
ATOM   915  S SD  . MET A 1 143 ? 6.970   -8.113  -7.577  1.00 29.46 ? 119 MET A SD  1 
ATOM   916  C CE  . MET A 1 143 ? 8.028   -9.524  -7.899  1.00 29.24 ? 119 MET A CE  1 
ATOM   917  N N   . LYS A 1 144 ? 11.222  -5.713  -8.427  1.00 29.34 ? 120 LYS A N   1 
ATOM   918  C CA  . LYS A 1 144 ? 12.399  -5.910  -9.276  1.00 29.53 ? 120 LYS A CA  1 
ATOM   919  C C   . LYS A 1 144 ? 12.493  -4.937  -10.458 1.00 29.55 ? 120 LYS A C   1 
ATOM   920  O O   . LYS A 1 144 ? 12.538  -5.345  -11.622 1.00 29.50 ? 120 LYS A O   1 
ATOM   921  C CB  . LYS A 1 144 ? 12.528  -7.381  -9.723  1.00 29.75 ? 120 LYS A CB  1 
ATOM   922  C CG  . LYS A 1 144 ? 11.450  -7.915  -10.686 1.00 30.14 ? 120 LYS A CG  1 
ATOM   923  C CD  . LYS A 1 144 ? 10.697  -9.122  -10.107 1.00 30.26 ? 120 LYS A CD  1 
ATOM   924  C CE  . LYS A 1 144 ? 10.572  -10.257 -11.114 1.00 30.85 ? 120 LYS A CE  1 
ATOM   925  N NZ  . LYS A 1 144 ? 9.809   -9.863  -12.334 1.00 31.25 ? 120 LYS A NZ  1 
ATOM   926  N N   . GLY A 1 145 ? 12.516  -3.645  -10.137 1.00 29.48 ? 121 GLY A N   1 
ATOM   927  C CA  . GLY A 1 145 ? 12.832  -2.613  -11.111 1.00 29.44 ? 121 GLY A CA  1 
ATOM   928  C C   . GLY A 1 145 ? 11.658  -1.870  -11.730 1.00 29.34 ? 121 GLY A C   1 
ATOM   929  O O   . GLY A 1 145 ? 11.870  -0.884  -12.449 1.00 29.67 ? 121 GLY A O   1 
ATOM   930  N N   . VAL A 1 146 ? 10.435  -2.346  -11.493 1.00 28.97 ? 122 VAL A N   1 
ATOM   931  C CA  . VAL A 1 146 ? 9.242   -1.653  -11.973 1.00 28.61 ? 122 VAL A CA  1 
ATOM   932  C C   . VAL A 1 146 ? 8.646   -0.862  -10.819 1.00 28.29 ? 122 VAL A C   1 
ATOM   933  O O   . VAL A 1 146 ? 8.170   -1.446  -9.850  1.00 28.12 ? 122 VAL A O   1 
ATOM   934  C CB  . VAL A 1 146 ? 8.190   -2.630  -12.536 1.00 28.59 ? 122 VAL A CB  1 
ATOM   935  C CG1 . VAL A 1 146 ? 6.921   -1.879  -12.946 1.00 28.51 ? 122 VAL A CG1 1 
ATOM   936  C CG2 . VAL A 1 146 ? 8.761   -3.399  -13.717 1.00 28.61 ? 122 VAL A CG2 1 
ATOM   937  N N   . THR A 1 147 ? 8.677   0.463   -10.929 1.00 27.97 ? 123 THR A N   1 
ATOM   938  C CA  . THR A 1 147 ? 8.174   1.333   -9.873  1.00 27.98 ? 123 THR A CA  1 
ATOM   939  C C   . THR A 1 147 ? 6.902   2.064   -10.309 1.00 27.62 ? 123 THR A C   1 
ATOM   940  O O   . THR A 1 147 ? 6.817   2.567   -11.434 1.00 27.62 ? 123 THR A O   1 
ATOM   941  C CB  . THR A 1 147 ? 9.255   2.364   -9.443  1.00 28.02 ? 123 THR A CB  1 
ATOM   942  O OG1 . THR A 1 147 ? 9.559   3.242   -10.536 1.00 28.61 ? 123 THR A OG1 1 
ATOM   943  C CG2 . THR A 1 147 ? 10.591  1.687   -9.137  1.00 28.15 ? 123 THR A CG2 1 
ATOM   944  N N   . SER A 1 148 ? 5.922   2.109   -9.406  1.00 27.44 ? 124 SER A N   1 
ATOM   945  C CA  . SER A 1 148 ? 4.730   2.946   -9.551  1.00 27.31 ? 124 SER A CA  1 
ATOM   946  C C   . SER A 1 148 ? 4.711   3.962   -8.385  1.00 26.81 ? 124 SER A C   1 
ATOM   947  O O   . SER A 1 148 ? 5.270   3.717   -7.301  1.00 26.44 ? 124 SER A O   1 
ATOM   948  C CB  . SER A 1 148 ? 3.442   2.066   -9.555  1.00 27.61 ? 124 SER A CB  1 
ATOM   949  O OG  . SER A 1 148 ? 2.248   2.791   -9.160  1.00 29.38 ? 124 SER A OG  1 
ATOM   950  N N   . THR A 1 149 ? 4.070   5.105   -8.626  1.00 26.25 ? 125 THR A N   1 
ATOM   951  C CA  . THR A 1 149 ? 3.948   6.173   -7.638  1.00 26.08 ? 125 THR A CA  1 
ATOM   952  C C   . THR A 1 149 ? 2.505   6.649   -7.543  1.00 25.80 ? 125 THR A C   1 
ATOM   953  O O   . THR A 1 149 ? 1.893   6.984   -8.558  1.00 26.08 ? 125 THR A O   1 
ATOM   954  C CB  . THR A 1 149 ? 4.847   7.371   -8.031  1.00 25.95 ? 125 THR A CB  1 
ATOM   955  O OG1 . THR A 1 149 ? 6.214   6.947   -8.160  1.00 25.94 ? 125 THR A OG1 1 
ATOM   956  C CG2 . THR A 1 149 ? 4.878   8.416   -6.913  1.00 26.12 ? 125 THR A CG2 1 
ATOM   957  N N   . ARG A 1 150 ? 1.976   6.686   -6.325  1.00 25.54 ? 126 ARG A N   1 
ATOM   958  C CA  . ARG A 1 150 ? 0.639   7.197   -6.050  1.00 25.43 ? 126 ARG A CA  1 
ATOM   959  C C   . ARG A 1 150 ? 0.716   8.280   -4.979  1.00 25.12 ? 126 ARG A C   1 
ATOM   960  O O   . ARG A 1 150 ? 1.221   8.043   -3.878  1.00 24.90 ? 126 ARG A O   1 
ATOM   961  C CB  . ARG A 1 150 ? -0.283  6.081   -5.560  1.00 25.66 ? 126 ARG A CB  1 
ATOM   962  C CG  . ARG A 1 150 ? -0.128  4.750   -6.277  1.00 26.39 ? 126 ARG A CG  1 
ATOM   963  C CD  . ARG A 1 150 ? -1.259  4.434   -7.203  1.00 26.70 ? 126 ARG A CD  1 
ATOM   964  N NE  . ARG A 1 150 ? -2.455  3.973   -6.498  1.00 26.74 ? 126 ARG A NE  1 
ATOM   965  C CZ  . ARG A 1 150 ? -3.601  3.670   -7.104  1.00 27.09 ? 126 ARG A CZ  1 
ATOM   966  N NH1 . ARG A 1 150 ? -3.707  3.780   -8.421  1.00 27.26 ? 126 ARG A NH1 1 
ATOM   967  N NH2 . ARG A 1 150 ? -4.647  3.255   -6.397  1.00 27.61 ? 126 ARG A NH2 1 
ATOM   968  N N   . VAL A 1 151 ? 0.211   9.462   -5.296  1.00 24.70 ? 127 VAL A N   1 
ATOM   969  C CA  . VAL A 1 151 ? 0.189   10.557  -4.342  1.00 24.63 ? 127 VAL A CA  1 
ATOM   970  C C   . VAL A 1 151 ? -1.210  10.691  -3.760  1.00 24.55 ? 127 VAL A C   1 
ATOM   971  O O   . VAL A 1 151 ? -2.203  10.646  -4.485  1.00 23.96 ? 127 VAL A O   1 
ATOM   972  C CB  . VAL A 1 151 ? 0.626   11.877  -4.994  1.00 24.57 ? 127 VAL A CB  1 
ATOM   973  C CG1 . VAL A 1 151 ? 0.601   13.022  -3.979  1.00 24.52 ? 127 VAL A CG1 1 
ATOM   974  C CG2 . VAL A 1 151 ? 2.009   11.720  -5.602  1.00 24.46 ? 127 VAL A CG2 1 
ATOM   975  N N   . TYR A 1 152 ? -1.267  10.830  -2.439  1.00 24.70 ? 128 TYR A N   1 
ATOM   976  C CA  . TYR A 1 152 ? -2.506  11.096  -1.726  1.00 25.06 ? 128 TYR A CA  1 
ATOM   977  C C   . TYR A 1 152 ? -2.386  12.408  -0.977  1.00 25.47 ? 128 TYR A C   1 
ATOM   978  O O   . TYR A 1 152 ? -1.289  12.863  -0.676  1.00 25.33 ? 128 TYR A O   1 
ATOM   979  C CB  . TYR A 1 152 ? -2.803  9.985   -0.725  1.00 25.03 ? 128 TYR A CB  1 
ATOM   980  C CG  . TYR A 1 152 ? -3.018  8.634   -1.350  1.00 25.07 ? 128 TYR A CG  1 
ATOM   981  C CD1 . TYR A 1 152 ? -1.942  7.882   -1.809  1.00 25.35 ? 128 TYR A CD1 1 
ATOM   982  C CD2 . TYR A 1 152 ? -4.301  8.094   -1.475  1.00 25.32 ? 128 TYR A CD2 1 
ATOM   983  C CE1 . TYR A 1 152 ? -2.138  6.629   -2.380  1.00 26.18 ? 128 TYR A CE1 1 
ATOM   984  C CE2 . TYR A 1 152 ? -4.508  6.846   -2.044  1.00 25.12 ? 128 TYR A CE2 1 
ATOM   985  C CZ  . TYR A 1 152 ? -3.427  6.118   -2.494  1.00 25.75 ? 128 TYR A CZ  1 
ATOM   986  O OH  . TYR A 1 152 ? -3.636  4.878   -3.050  1.00 27.27 ? 128 TYR A OH  1 
ATOM   987  N N   . GLU A 1 153 ? -3.533  13.019  -0.700  1.00 26.21 ? 129 GLU A N   1 
ATOM   988  C CA  . GLU A 1 153 ? -3.610  14.223  0.119   1.00 26.71 ? 129 GLU A CA  1 
ATOM   989  C C   . GLU A 1 153 ? -4.710  14.038  1.158   1.00 26.95 ? 129 GLU A C   1 
ATOM   990  O O   . GLU A 1 153 ? -5.493  13.101  1.072   1.00 27.01 ? 129 GLU A O   1 
ATOM   991  C CB  . GLU A 1 153 ? -3.868  15.457  -0.760  1.00 26.71 ? 129 GLU A CB  1 
ATOM   992  C CG  . GLU A 1 153 ? -5.336  15.802  -0.990  1.00 27.36 ? 129 GLU A CG  1 
ATOM   993  C CD  . GLU A 1 153 ? -5.534  16.974  -1.937  1.00 27.84 ? 129 GLU A CD  1 
ATOM   994  O OE1 . GLU A 1 153 ? -4.602  17.792  -2.096  1.00 28.44 ? 129 GLU A OE1 1 
ATOM   995  O OE2 . GLU A 1 153 ? -6.633  17.085  -2.519  1.00 28.50 ? 129 GLU A OE2 1 
ATOM   996  N N   . ARG A 1 154 ? -4.764  14.928  2.141   1.00 27.34 ? 130 ARG A N   1 
ATOM   997  C CA  . ARG A 1 154 ? -5.781  14.842  3.188   1.00 27.52 ? 130 ARG A CA  1 
ATOM   998  C C   . ARG A 1 154 ? -7.187  15.125  2.664   1.00 27.57 ? 130 ARG A C   1 
ATOM   999  O O   . ARG A 1 154 ? -7.472  16.226  2.200   1.00 27.58 ? 130 ARG A O   1 
ATOM   1000 C CB  . ARG A 1 154 ? -5.471  15.821  4.316   1.00 27.58 ? 130 ARG A CB  1 
ATOM   1001 C CG  . ARG A 1 154 ? -4.443  15.321  5.289   1.00 27.72 ? 130 ARG A CG  1 
ATOM   1002 C CD  . ARG A 1 154 ? -4.478  16.053  6.610   1.00 27.90 ? 130 ARG A CD  1 
ATOM   1003 N NE  . ARG A 1 154 ? -3.254  15.837  7.374   1.00 28.04 ? 130 ARG A NE  1 
ATOM   1004 C CZ  . ARG A 1 154 ? -2.943  14.714  8.006   1.00 27.26 ? 130 ARG A CZ  1 
ATOM   1005 N NH1 . ARG A 1 154 ? -3.767  13.672  7.994   1.00 27.55 ? 130 ARG A NH1 1 
ATOM   1006 N NH2 . ARG A 1 154 ? -1.799  14.632  8.667   1.00 27.61 ? 130 ARG A NH2 1 
ATOM   1007 N N   . ALA A 1 155 ? -8.056  14.121  2.739   1.00 27.78 ? 131 ALA A N   1 
ATOM   1008 C CA  . ALA A 1 155 ? -9.485  14.324  2.539   1.00 28.00 ? 131 ALA A CA  1 
ATOM   1009 C C   . ALA A 1 155 ? -10.025 15.122  3.720   1.00 28.13 ? 131 ALA A C   1 
ATOM   1010 O O   . ALA A 1 155 ? -9.649  14.860  4.866   1.00 28.63 ? 131 ALA A O   1 
ATOM   1011 C CB  . ALA A 1 155 ? -10.205 12.987  2.423   1.00 27.94 ? 131 ALA A CB  1 
ATOM   1012 O OXT . ALA A 1 155 ? -10.827 16.040  3.560   1.00 28.03 ? 131 ALA A OXT 1 
HETATM 1013 S S   . SO4 B 2 .   ? 0.328   17.924  6.625   0.50 64.38 ? 501 SO4 A S   1 
HETATM 1014 O O1  . SO4 B 2 .   ? -0.117  17.448  7.928   0.50 63.93 ? 501 SO4 A O1  1 
HETATM 1015 O O2  . SO4 B 2 .   ? 0.218   19.381  6.577   0.50 64.40 ? 501 SO4 A O2  1 
HETATM 1016 O O3  . SO4 B 2 .   ? 1.716   17.521  6.423   0.50 64.03 ? 501 SO4 A O3  1 
HETATM 1017 O O4  . SO4 B 2 .   ? -0.508  17.342  5.575   0.50 64.39 ? 501 SO4 A O4  1 
HETATM 1018 C C1  . EIC C 3 .   ? -1.131  1.926   -3.228  1.00 60.39 ? 601 EIC A C1  1 
HETATM 1019 C C2  . EIC C 3 .   ? -1.661  0.508   -3.076  1.00 59.70 ? 601 EIC A C2  1 
HETATM 1020 C C3  . EIC C 3 .   ? -0.636  -0.411  -2.440  1.00 58.70 ? 601 EIC A C3  1 
HETATM 1021 C C4  . EIC C 3 .   ? 0.316   -0.975  -3.482  1.00 57.92 ? 601 EIC A C4  1 
HETATM 1022 C C5  . EIC C 3 .   ? 0.101   -2.460  -3.695  1.00 57.61 ? 601 EIC A C5  1 
HETATM 1023 C C6  . EIC C 3 .   ? -1.232  -2.752  -4.366  1.00 57.42 ? 601 EIC A C6  1 
HETATM 1024 C C7  . EIC C 3 .   ? -1.265  -4.210  -4.839  1.00 57.47 ? 601 EIC A C7  1 
HETATM 1025 C C8  . EIC C 3 .   ? -1.293  -4.360  -6.360  1.00 57.08 ? 601 EIC A C8  1 
HETATM 1026 C C9  . EIC C 3 .   ? -2.454  -5.272  -6.756  1.00 57.25 ? 601 EIC A C9  1 
HETATM 1027 C C10 . EIC C 3 .   ? -3.736  -4.902  -6.587  1.00 57.05 ? 601 EIC A C10 1 
HETATM 1028 C C11 . EIC C 3 .   ? -4.106  -3.568  -5.987  1.00 57.28 ? 601 EIC A C11 1 
HETATM 1029 C C12 . EIC C 3 .   ? -5.463  -3.109  -6.472  1.00 57.50 ? 601 EIC A C12 1 
HETATM 1030 C C13 . EIC C 3 .   ? -5.997  -1.974  -5.989  1.00 57.35 ? 601 EIC A C13 1 
HETATM 1031 C C14 . EIC C 3 .   ? -5.228  -1.170  -4.946  1.00 57.06 ? 601 EIC A C14 1 
HETATM 1032 C C15 . EIC C 3 .   ? -5.953  0.136   -4.661  1.00 57.37 ? 601 EIC A C15 1 
HETATM 1033 C C16 . EIC C 3 .   ? -5.081  1.006   -3.767  1.00 57.38 ? 601 EIC A C16 1 
HETATM 1034 C C17 . EIC C 3 .   ? -5.169  0.596   -2.304  1.00 57.47 ? 601 EIC A C17 1 
HETATM 1035 C C18 . EIC C 3 .   ? -4.916  1.784   -1.384  1.00 57.20 ? 601 EIC A C18 1 
HETATM 1036 O O1  . EIC C 3 .   ? -1.774  2.985   -3.024  1.00 60.83 ? 601 EIC A O1  1 
HETATM 1037 O O2  . EIC C 3 .   ? 0.067   2.041   -3.596  1.00 60.94 ? 601 EIC A O2  1 
HETATM 1038 O O   . HOH D 4 .   ? -13.161 7.746   5.768   1.00 63.06 ? 602 HOH A O   1 
HETATM 1039 O O   . HOH D 4 .   ? -1.908  4.273   -13.903 1.00 48.23 ? 603 HOH A O   1 
HETATM 1040 O O   . HOH D 4 .   ? -5.536  -11.263 -9.900  1.00 63.53 ? 604 HOH A O   1 
HETATM 1041 O O   . HOH D 4 .   ? -4.161  -11.406 -17.499 1.00 56.33 ? 605 HOH A O   1 
HETATM 1042 O O   . HOH D 4 .   ? 11.124  11.308  -4.457  1.00 67.99 ? 606 HOH A O   1 
HETATM 1043 O O   . HOH D 4 .   ? -5.120  0.340   14.827  1.00 42.83 ? 607 HOH A O   1 
HETATM 1044 O O   . HOH D 4 .   ? -0.637  -0.668  23.534  1.00 56.64 ? 608 HOH A O   1 
HETATM 1045 O O   . HOH D 4 .   ? -10.372 3.175   10.156  1.00 65.55 ? 609 HOH A O   1 
HETATM 1046 O O   . HOH D 4 .   ? -0.499  -12.813 11.393  1.00 39.13 ? 610 HOH A O   1 
HETATM 1047 O O   . HOH D 4 .   ? -4.091  -4.751  -0.571  1.00 56.21 ? 611 HOH A O   1 
HETATM 1048 O O   . HOH D 4 .   ? -0.710  -3.920  2.045   1.00 56.43 ? 612 HOH A O   1 
HETATM 1049 O O   . HOH D 4 .   ? -0.346  20.450  -4.848  1.00 58.46 ? 613 HOH A O   1 
HETATM 1050 O O   . HOH D 4 .   ? 12.219  5.442   -7.359  1.00 73.15 ? 614 HOH A O   1 
HETATM 1051 O O   . HOH D 4 .   ? 8.551   8.214   -7.112  1.00 60.49 ? 615 HOH A O   1 
HETATM 1052 O O   . HOH D 4 .   ? -8.926  -13.768 -6.786  1.00 61.51 ? 616 HOH A O   1 
HETATM 1053 O O   . HOH D 4 .   ? -1.375  -4.912  -0.144  1.00 60.64 ? 617 HOH A O   1 
HETATM 1054 O O   . HOH D 4 .   ? -2.616  -5.192  -2.178  1.00 69.45 ? 618 HOH A O   1 
HETATM 1055 O O   . HOH D 4 .   ? 9.855   -3.614  6.353   1.00 46.63 ? 619 HOH A O   1 
HETATM 1056 O O   . HOH D 4 .   ? 13.664  10.478  0.226   1.00 57.73 ? 620 HOH A O   1 
HETATM 1057 O O   . HOH D 4 .   ? 3.739   -1.078  16.684  1.00 34.14 ? 621 HOH A O   1 
HETATM 1058 O O   . HOH D 4 .   ? -4.241  -5.765  2.170   1.00 52.93 ? 622 HOH A O   1 
HETATM 1059 O O   . HOH D 4 .   ? -5.529  7.112   15.232  1.00 44.02 ? 623 HOH A O   1 
HETATM 1060 O O   . HOH D 4 .   ? 7.958   -10.095 4.662   1.00 50.59 ? 624 HOH A O   1 
HETATM 1061 O O   . HOH D 4 .   ? 11.654  -11.996 5.732   1.00 47.44 ? 625 HOH A O   1 
HETATM 1062 O O   . HOH D 4 .   ? 2.297   -7.458  13.020  1.00 24.99 ? 626 HOH A O   1 
HETATM 1063 O O   . HOH D 4 .   ? -3.910  10.615  -11.872 1.00 58.77 ? 627 HOH A O   1 
HETATM 1064 O O   . HOH D 4 .   ? 4.416   1.070   3.702   1.00 35.63 ? 628 HOH A O   1 
HETATM 1065 O O   . HOH D 4 .   ? -5.605  -9.642  5.310   1.00 49.94 ? 629 HOH A O   1 
HETATM 1066 O O   . HOH D 4 .   ? 4.697   16.733  6.242   1.00 49.26 ? 630 HOH A O   1 
HETATM 1067 O O   . HOH D 4 .   ? 13.045  5.088   3.764   1.00 54.30 ? 631 HOH A O   1 
HETATM 1068 O O   . HOH D 4 .   ? 4.908   -5.460  10.754  1.00 29.28 ? 632 HOH A O   1 
HETATM 1069 O O   . HOH D 4 .   ? 13.242  -1.606  6.449   1.00 47.71 ? 633 HOH A O   1 
HETATM 1070 O O   . HOH D 4 .   ? -6.900  3.501   -8.918  1.00 68.62 ? 634 HOH A O   1 
HETATM 1071 O O   . HOH D 4 .   ? -1.567  -11.603 -8.572  1.00 51.17 ? 635 HOH A O   1 
HETATM 1072 O O   . HOH D 4 .   ? -9.307  9.933   9.475   1.00 57.65 ? 636 HOH A O   1 
HETATM 1073 O O   . HOH D 4 .   ? 12.627  3.775   -2.629  1.00 63.62 ? 637 HOH A O   1 
HETATM 1074 O O   . HOH D 4 .   ? 4.298   -18.501 -0.390  1.00 50.47 ? 638 HOH A O   1 
HETATM 1075 O O   . HOH D 4 .   ? -7.466  2.716   9.702   1.00 50.10 ? 639 HOH A O   1 
HETATM 1076 O O   . HOH D 4 .   ? 7.178   5.799   -10.213 1.00 59.81 ? 640 HOH A O   1 
HETATM 1077 O O   . HOH D 4 .   ? 11.142  16.860  0.503   1.00 63.80 ? 641 HOH A O   1 
HETATM 1078 O O   . HOH D 4 .   ? -3.848  0.875   1.848   1.00 69.26 ? 642 HOH A O   1 
HETATM 1079 O O   . HOH D 4 .   ? -13.881 3.636   -6.663  1.00 66.66 ? 643 HOH A O   1 
HETATM 1080 O O   . HOH D 4 .   ? 0.700   -15.530 4.878   1.00 41.07 ? 644 HOH A O   1 
HETATM 1081 O O   . HOH D 4 .   ? 0.853   2.168   -15.987 1.00 49.43 ? 645 HOH A O   1 
HETATM 1082 O O   . HOH D 4 .   ? 15.449  6.276   -0.845  1.00 60.61 ? 646 HOH A O   1 
HETATM 1083 O O   . HOH D 4 .   ? -0.071  -5.158  -1.968  1.00 64.83 ? 647 HOH A O   1 
HETATM 1084 O O   . HOH D 4 .   ? 1.941   -5.163  -3.581  1.00 53.84 ? 648 HOH A O   1 
HETATM 1085 O O   . HOH D 4 .   ? -5.277  -1.945  3.694   1.00 62.35 ? 649 HOH A O   1 
# 
